data_9EI9
#
_entry.id   9EI9
#
_cell.length_a   1.00
_cell.length_b   1.00
_cell.length_c   1.00
_cell.angle_alpha   90.00
_cell.angle_beta   90.00
_cell.angle_gamma   90.00
#
_symmetry.space_group_name_H-M   'P 1'
#
loop_
_entity.id
_entity.type
_entity.pdbx_description
1 polymer 'Hemagglutinin HA1'
2 polymer 'Hemagglutinin HA2'
3 polymer '5E10 Fab Heavy chain'
4 polymer '5E10 Fab Light chain'
5 branched 2-acetamido-2-deoxy-beta-D-glucopyranose-(1-4)-2-acetamido-2-deoxy-beta-D-glucopyranose
6 branched beta-D-mannopyranose-(1-4)-2-acetamido-2-deoxy-beta-D-glucopyranose-(1-4)-2-acetamido-2-deoxy-beta-D-glucopyranose
7 non-polymer 2-acetamido-2-deoxy-beta-D-glucopyranose
#
loop_
_entity_poly.entity_id
_entity_poly.type
_entity_poly.pdbx_seq_one_letter_code
_entity_poly.pdbx_strand_id
1 'polypeptide(L)'
;QKLPGNDNSTATLCLGHHAVPNGTIVKTICNDQIEVTNATELVQNSSIGEICDSPHQILDGENCTLIDALLGDPQCDGFQ
NKKWDLFVERSKAYSNCYPYDVPDYASLRSLVASSGTLEFNNESFNWTGVTQNGTSSACIRRSNNSFFSRLNWLTQLNFK
YPALNVTMPNNEQFDKLYIWGVHHPVTDKDQIFLYAQSSGRITVSTKRSQQAVIPNIGYRPRIRNIPSRISIYWTIVKPG
DILLINSTGNLIAPRGYFKIRSGKSSIMRSDAPIGKCNSECITPNGSIPNDKPFQNVNRITYGACPRYVKQSTLKLATGM
RNVPEKQTRRRRRR
;
B,C,G
2 'polypeptide(L)'
;GIFGAIAGFIENGWEGMVDGWYGFRHQNSEGRGQAADLKSTQAAIDCINGKLNRLIGKTNEKFHQIEKEFSEVEGRIQDL
EKYVEDTKIDLWSYNAELLVALENQHTIDLTDSEMNKLFEKTKKQLRENAEDMGNGCFKIYHKCDNACIGSIRNGTYDHD
VYRDEALNNRFQIKGVSGRLVPRGSPGSGYIPEAPRDGQAYVRKDGEWVLLSTFLGHHHHHH
;
E,F,I
3 'polypeptide(L)'
;QVTLKESGPGILQPSQTLSLTCSFSGFSLSTFGMGVGWIRQPSGKGLEWLAHIWWDNDEYCNPALKSRLTISKDTSKNHI
FLKIANVDTADTATYYCARIFANYGGDAMDYWGQGTSVTVSSA
;
A,H
4 'polypeptide(L)'
;QAVVTQESALTTSPGGTVILTCRSSTGAVTTSNYANWVQKKPDHLFTGLIGGTSNRVSGVPVRFSGSLIGDKAALTITGA
QTEDDAMYFCALWFSTHYVFGGGTKVTVLSQ
;
D,J
#
# COMPACT_ATOMS: atom_id res chain seq x y z
N LEU A 3 -4.04 47.03 13.50
CA LEU A 3 -4.31 45.59 13.52
C LEU A 3 -3.06 44.71 13.66
N PRO A 4 -1.95 44.96 12.90
CA PRO A 4 -0.74 44.17 13.13
C PRO A 4 -0.02 44.58 14.42
N GLY A 5 -0.55 44.14 15.56
CA GLY A 5 0.05 44.47 16.83
C GLY A 5 1.38 43.75 17.01
N ASN A 6 2.47 44.51 17.14
CA ASN A 6 3.79 43.93 17.29
C ASN A 6 4.71 44.96 17.93
N ASP A 7 5.56 44.50 18.84
CA ASP A 7 6.59 45.33 19.44
C ASP A 7 7.81 45.39 18.52
N ASN A 8 8.72 46.29 18.84
CA ASN A 8 9.96 46.41 18.08
C ASN A 8 11.03 45.41 18.54
N SER A 9 10.72 44.58 19.53
CA SER A 9 11.59 43.50 19.96
C SER A 9 11.03 42.12 19.66
N THR A 10 9.72 41.93 19.78
CA THR A 10 9.13 40.62 19.54
C THR A 10 9.22 40.26 18.06
N ALA A 11 9.75 39.07 17.78
CA ALA A 11 9.90 38.55 16.42
C ALA A 11 9.08 37.28 16.28
N THR A 12 9.02 36.75 15.06
CA THR A 12 8.21 35.58 14.75
C THR A 12 9.06 34.37 14.34
N LEU A 13 9.89 34.52 13.30
CA LEU A 13 10.63 33.41 12.69
C LEU A 13 9.68 32.23 12.36
N CYS A 14 8.70 32.54 11.53
CA CYS A 14 7.73 31.55 11.07
C CYS A 14 8.36 30.78 9.91
N LEU A 15 8.46 29.46 10.06
CA LEU A 15 9.07 28.62 9.04
C LEU A 15 8.03 27.66 8.46
N GLY A 16 8.04 27.51 7.14
CA GLY A 16 7.06 26.70 6.45
C GLY A 16 7.62 26.09 5.18
N HIS A 17 6.72 25.62 4.30
CA HIS A 17 7.11 25.01 3.04
C HIS A 17 6.29 25.66 1.93
N HIS A 18 6.39 25.10 0.72
CA HIS A 18 5.71 25.67 -0.43
C HIS A 18 4.39 24.95 -0.68
N ALA A 19 3.61 25.53 -1.59
CA ALA A 19 2.37 24.93 -2.05
C ALA A 19 2.05 25.46 -3.43
N VAL A 20 1.16 24.77 -4.13
CA VAL A 20 0.75 25.17 -5.47
C VAL A 20 -0.76 25.26 -5.51
N PRO A 21 -1.33 26.19 -6.28
CA PRO A 21 -2.80 26.26 -6.40
C PRO A 21 -3.40 25.01 -7.04
N ASN A 22 -2.68 24.38 -7.95
CA ASN A 22 -3.16 23.18 -8.64
C ASN A 22 -2.23 22.02 -8.27
N GLY A 23 -2.73 21.11 -7.45
CA GLY A 23 -1.98 19.93 -7.05
C GLY A 23 -2.35 18.72 -7.86
N THR A 24 -1.44 17.75 -7.89
CA THR A 24 -1.64 16.53 -8.66
C THR A 24 -2.27 15.45 -7.79
N ILE A 25 -3.25 14.75 -8.36
CA ILE A 25 -3.94 13.66 -7.68
C ILE A 25 -3.13 12.39 -7.85
N VAL A 26 -2.85 11.73 -6.73
CA VAL A 26 -1.94 10.58 -6.71
C VAL A 26 -2.19 9.78 -5.43
N LYS A 27 -2.11 8.46 -5.54
CA LYS A 27 -2.53 7.54 -4.49
C LYS A 27 -1.34 7.07 -3.65
N THR A 28 -1.63 6.67 -2.42
CA THR A 28 -0.62 6.13 -1.51
C THR A 28 -1.10 4.81 -0.90
N ILE A 29 -0.38 4.30 0.10
CA ILE A 29 -0.72 3.00 0.67
C ILE A 29 -1.78 3.14 1.77
N CYS A 30 -1.88 4.31 2.41
CA CYS A 30 -2.88 4.53 3.45
C CYS A 30 -4.15 5.14 2.87
N ASN A 31 -4.02 6.31 2.25
CA ASN A 31 -5.13 6.98 1.60
C ASN A 31 -5.08 6.72 0.09
N ASP A 32 -5.97 7.38 -0.64
CA ASP A 32 -5.99 7.26 -2.09
C ASP A 32 -6.14 8.59 -2.81
N GLN A 33 -6.42 9.70 -2.12
CA GLN A 33 -6.68 10.99 -2.74
C GLN A 33 -5.84 12.07 -2.07
N ILE A 34 -4.55 11.79 -1.88
CA ILE A 34 -3.66 12.78 -1.29
C ILE A 34 -3.11 13.70 -2.38
N GLU A 35 -2.77 14.92 -2.00
CA GLU A 35 -2.34 15.96 -2.93
C GLU A 35 -0.85 16.22 -2.77
N VAL A 36 -0.09 15.96 -3.83
CA VAL A 36 1.33 16.26 -3.90
C VAL A 36 1.53 17.25 -5.04
N THR A 37 2.66 17.98 -5.00
CA THR A 37 2.86 19.11 -5.91
C THR A 37 2.88 18.67 -7.37
N ASN A 38 3.90 17.92 -7.78
CA ASN A 38 3.94 17.33 -9.11
C ASN A 38 3.98 15.81 -8.99
N ALA A 39 3.28 15.14 -9.90
CA ALA A 39 3.30 13.68 -10.02
C ALA A 39 3.73 13.31 -11.42
N THR A 40 4.61 12.32 -11.51
CA THR A 40 5.18 11.89 -12.79
C THR A 40 4.56 10.57 -13.21
N GLU A 41 4.14 10.49 -14.46
CA GLU A 41 3.57 9.25 -14.99
C GLU A 41 4.63 8.15 -15.03
N LEU A 42 4.22 6.93 -14.70
CA LEU A 42 5.12 5.79 -14.68
C LEU A 42 4.79 4.75 -15.74
N VAL A 43 3.80 5.00 -16.59
CA VAL A 43 3.43 4.11 -17.68
C VAL A 43 3.52 4.88 -18.99
N GLN A 44 3.76 4.16 -20.08
CA GLN A 44 3.83 4.75 -21.42
C GLN A 44 2.58 4.31 -22.18
N ASN A 45 1.53 5.15 -22.12
CA ASN A 45 0.26 4.82 -22.74
C ASN A 45 0.13 5.37 -24.16
N SER A 46 1.16 5.99 -24.70
CA SER A 46 1.12 6.58 -26.04
C SER A 46 2.18 5.93 -26.91
N SER A 47 1.90 5.88 -28.21
CA SER A 47 2.81 5.28 -29.19
C SER A 47 3.00 6.23 -30.35
N ILE A 48 4.19 6.16 -30.96
CA ILE A 48 4.50 6.99 -32.11
C ILE A 48 3.62 6.61 -33.30
N GLY A 49 3.46 5.31 -33.53
CA GLY A 49 2.69 4.82 -34.65
C GLY A 49 3.52 4.27 -35.81
N GLU A 50 4.83 4.18 -35.67
CA GLU A 50 5.69 3.67 -36.71
C GLU A 50 6.87 2.95 -36.06
N ILE A 51 7.56 2.13 -36.87
CA ILE A 51 8.71 1.35 -36.43
C ILE A 51 9.93 1.89 -37.14
N CYS A 52 10.94 2.29 -36.38
CA CYS A 52 12.16 2.87 -36.92
C CYS A 52 13.32 1.91 -36.72
N ASP A 53 14.08 1.68 -37.79
CA ASP A 53 15.19 0.72 -37.79
C ASP A 53 16.51 1.43 -37.50
N SER A 54 16.55 2.21 -36.43
CA SER A 54 17.78 2.88 -36.07
C SER A 54 18.77 1.92 -35.37
N PRO A 55 18.40 1.21 -34.27
CA PRO A 55 19.38 0.30 -33.67
C PRO A 55 19.45 -1.04 -34.40
N HIS A 56 18.33 -1.51 -34.91
CA HIS A 56 18.22 -2.82 -35.52
C HIS A 56 17.97 -2.70 -37.01
N GLN A 57 18.18 -3.80 -37.73
CA GLN A 57 17.92 -3.88 -39.16
C GLN A 57 16.55 -4.52 -39.36
N ILE A 58 15.56 -3.72 -39.71
CA ILE A 58 14.19 -4.18 -39.85
C ILE A 58 13.95 -4.60 -41.29
N LEU A 59 13.43 -5.80 -41.48
CA LEU A 59 13.06 -6.31 -42.80
C LEU A 59 11.56 -6.24 -42.97
N ASP A 60 11.11 -5.57 -44.02
CA ASP A 60 9.68 -5.39 -44.25
C ASP A 60 9.07 -6.66 -44.84
N GLY A 61 7.75 -6.79 -44.68
CA GLY A 61 7.04 -7.94 -45.19
C GLY A 61 6.75 -7.86 -46.67
N GLU A 62 5.94 -6.87 -47.07
CA GLU A 62 5.52 -6.68 -48.46
C GLU A 62 4.85 -7.94 -49.02
N ASN A 63 3.72 -8.29 -48.40
CA ASN A 63 2.89 -9.46 -48.71
C ASN A 63 3.72 -10.72 -48.98
N CYS A 64 4.71 -10.94 -48.12
CA CYS A 64 5.57 -12.13 -48.22
C CYS A 64 5.86 -12.61 -46.80
N THR A 65 5.33 -13.77 -46.44
CA THR A 65 5.62 -14.33 -45.13
C THR A 65 7.04 -14.91 -45.11
N LEU A 66 7.51 -15.21 -43.90
CA LEU A 66 8.90 -15.63 -43.72
C LEU A 66 9.17 -16.98 -44.39
N ILE A 67 8.24 -17.92 -44.25
CA ILE A 67 8.45 -19.25 -44.81
C ILE A 67 8.39 -19.21 -46.34
N ASP A 68 7.54 -18.35 -46.90
CA ASP A 68 7.46 -18.23 -48.35
C ASP A 68 8.77 -17.71 -48.93
N ALA A 69 9.41 -16.75 -48.26
CA ALA A 69 10.73 -16.31 -48.69
C ALA A 69 11.78 -17.39 -48.46
N LEU A 70 11.58 -18.23 -47.45
CA LEU A 70 12.49 -19.33 -47.20
C LEU A 70 12.45 -20.34 -48.33
N LEU A 71 11.24 -20.70 -48.79
CA LEU A 71 11.10 -21.69 -49.85
C LEU A 71 11.42 -21.11 -51.22
N GLY A 72 11.35 -19.79 -51.38
CA GLY A 72 11.70 -19.18 -52.65
C GLY A 72 10.54 -18.92 -53.58
N ASP A 73 9.51 -18.23 -53.09
CA ASP A 73 8.40 -17.84 -53.95
C ASP A 73 8.87 -16.81 -54.97
N PRO A 74 8.21 -16.76 -56.14
CA PRO A 74 8.66 -15.81 -57.18
C PRO A 74 8.55 -14.35 -56.77
N GLN A 75 7.44 -13.95 -56.14
CA GLN A 75 7.31 -12.57 -55.70
C GLN A 75 8.10 -12.28 -54.43
N CYS A 76 8.51 -13.32 -53.70
CA CYS A 76 9.36 -13.18 -52.52
C CYS A 76 10.84 -13.38 -52.83
N ASP A 77 11.23 -13.29 -54.11
CA ASP A 77 12.62 -13.49 -54.51
C ASP A 77 13.52 -12.32 -54.15
N GLY A 78 12.96 -11.21 -53.67
CA GLY A 78 13.76 -10.08 -53.24
C GLY A 78 14.36 -10.21 -51.85
N PHE A 79 14.09 -11.31 -51.15
CA PHE A 79 14.60 -11.54 -49.81
C PHE A 79 15.69 -12.61 -49.78
N GLN A 80 16.36 -12.86 -50.91
CA GLN A 80 17.44 -13.83 -50.94
C GLN A 80 18.62 -13.33 -50.12
N ASN A 81 19.23 -14.26 -49.37
CA ASN A 81 20.39 -14.12 -48.49
C ASN A 81 20.48 -12.76 -47.79
N LYS A 82 19.36 -12.31 -47.23
CA LYS A 82 19.27 -11.01 -46.57
C LYS A 82 19.14 -11.24 -45.07
N LYS A 83 20.20 -10.91 -44.33
CA LYS A 83 20.15 -11.01 -42.88
C LYS A 83 19.27 -9.89 -42.31
N TRP A 84 18.75 -10.14 -41.11
CA TRP A 84 17.87 -9.18 -40.46
C TRP A 84 17.99 -9.30 -38.96
N ASP A 85 17.61 -8.23 -38.27
CA ASP A 85 17.57 -8.22 -36.81
C ASP A 85 16.19 -8.47 -36.24
N LEU A 86 15.13 -8.18 -37.01
CA LEU A 86 13.76 -8.44 -36.58
C LEU A 86 12.87 -8.44 -37.80
N PHE A 87 12.27 -9.59 -38.10
CA PHE A 87 11.40 -9.71 -39.26
C PHE A 87 10.00 -9.21 -38.92
N VAL A 88 9.43 -8.40 -39.80
CA VAL A 88 8.09 -7.86 -39.63
C VAL A 88 7.18 -8.52 -40.65
N GLU A 89 6.13 -9.18 -40.15
CA GLU A 89 5.17 -9.87 -41.00
C GLU A 89 3.90 -9.05 -41.11
N ARG A 90 3.40 -8.90 -42.33
CA ARG A 90 2.22 -8.10 -42.59
C ARG A 90 0.99 -9.00 -42.72
N SER A 91 -0.16 -8.48 -42.32
CA SER A 91 -1.42 -9.21 -42.43
C SER A 91 -1.89 -9.37 -43.86
N LYS A 92 -1.28 -8.64 -44.81
CA LYS A 92 -1.62 -8.75 -46.22
C LYS A 92 -0.88 -9.88 -46.92
N ALA A 93 -0.09 -10.67 -46.19
CA ALA A 93 0.70 -11.73 -46.80
C ALA A 93 -0.20 -12.82 -47.35
N TYR A 94 0.16 -13.34 -48.53
CA TYR A 94 -0.59 -14.40 -49.17
C TYR A 94 0.34 -15.16 -50.10
N SER A 95 0.25 -16.48 -50.07
CA SER A 95 1.06 -17.33 -50.93
C SER A 95 0.51 -17.31 -52.36
N ASN A 96 1.41 -17.27 -53.33
CA ASN A 96 1.06 -17.26 -54.75
C ASN A 96 1.92 -18.26 -55.52
N CYS A 97 2.00 -19.48 -55.00
CA CYS A 97 2.83 -20.52 -55.60
C CYS A 97 2.14 -21.86 -55.36
N TYR A 98 2.89 -22.94 -55.50
CA TYR A 98 2.35 -24.27 -55.26
C TYR A 98 1.91 -24.39 -53.80
N PRO A 99 0.72 -24.94 -53.54
CA PRO A 99 0.24 -25.00 -52.15
C PRO A 99 1.04 -26.00 -51.34
N TYR A 100 1.11 -25.73 -50.03
CA TYR A 100 1.96 -26.53 -49.16
C TYR A 100 1.48 -26.37 -47.72
N ASP A 101 1.92 -27.30 -46.88
CA ASP A 101 1.75 -27.21 -45.44
C ASP A 101 2.91 -27.91 -44.78
N VAL A 102 3.21 -27.54 -43.53
CA VAL A 102 4.31 -28.17 -42.82
C VAL A 102 3.82 -28.64 -41.45
N PRO A 103 4.24 -29.82 -41.00
CA PRO A 103 4.00 -30.19 -39.59
C PRO A 103 4.80 -29.29 -38.67
N ASP A 104 4.18 -28.89 -37.56
CA ASP A 104 4.77 -27.97 -36.59
C ASP A 104 5.17 -26.65 -37.26
N TYR A 105 4.16 -25.94 -37.74
CA TYR A 105 4.39 -24.67 -38.44
C TYR A 105 5.05 -23.65 -37.53
N ALA A 106 4.63 -23.59 -36.26
CA ALA A 106 5.23 -22.64 -35.33
C ALA A 106 6.68 -22.99 -35.02
N SER A 107 7.04 -24.27 -35.09
CA SER A 107 8.41 -24.66 -34.79
C SER A 107 9.37 -24.18 -35.88
N LEU A 108 9.02 -24.40 -37.15
CA LEU A 108 9.90 -23.99 -38.24
C LEU A 108 9.95 -22.47 -38.34
N ARG A 109 8.83 -21.80 -38.10
CA ARG A 109 8.80 -20.35 -38.16
C ARG A 109 9.65 -19.72 -37.07
N SER A 110 9.63 -20.30 -35.86
CA SER A 110 10.36 -19.71 -34.75
C SER A 110 11.86 -19.90 -34.87
N LEU A 111 12.30 -21.09 -35.29
CA LEU A 111 13.73 -21.39 -35.30
C LEU A 111 14.46 -20.62 -36.39
N VAL A 112 13.85 -20.48 -37.57
CA VAL A 112 14.51 -19.73 -38.63
C VAL A 112 14.39 -18.23 -38.41
N ALA A 113 13.44 -17.79 -37.59
CA ALA A 113 13.40 -16.37 -37.21
C ALA A 113 14.47 -16.06 -36.18
N SER A 114 14.76 -17.02 -35.28
CA SER A 114 15.81 -16.82 -34.28
C SER A 114 17.19 -16.80 -34.93
N SER A 115 17.38 -17.56 -36.00
CA SER A 115 18.65 -17.51 -36.72
C SER A 115 18.85 -16.15 -37.39
N GLY A 116 17.81 -15.61 -38.00
CA GLY A 116 17.88 -14.30 -38.61
C GLY A 116 18.84 -14.20 -39.78
N THR A 117 18.94 -15.25 -40.58
CA THR A 117 19.88 -15.27 -41.69
C THR A 117 19.39 -16.26 -42.73
N LEU A 118 19.09 -15.78 -43.93
CA LEU A 118 18.67 -16.62 -45.05
C LEU A 118 19.80 -16.87 -46.04
N GLU A 119 21.05 -16.84 -45.56
CA GLU A 119 22.20 -17.05 -46.43
C GLU A 119 22.20 -18.48 -46.94
N PHE A 120 21.91 -18.66 -48.23
CA PHE A 120 21.79 -19.97 -48.83
C PHE A 120 22.90 -20.18 -49.85
N ASN A 121 23.48 -21.38 -49.82
CA ASN A 121 24.55 -21.76 -50.74
C ASN A 121 24.08 -22.94 -51.58
N ASN A 122 24.24 -22.84 -52.89
CA ASN A 122 23.87 -23.93 -53.78
C ASN A 122 24.86 -25.08 -53.66
N GLU A 123 24.34 -26.31 -53.73
CA GLU A 123 25.16 -27.51 -53.60
C GLU A 123 24.93 -28.41 -54.81
N SER A 124 25.96 -29.14 -55.18
CA SER A 124 25.93 -30.02 -56.35
C SER A 124 25.65 -31.45 -55.88
N PHE A 125 24.37 -31.74 -55.68
CA PHE A 125 23.96 -33.10 -55.34
C PHE A 125 24.16 -34.03 -56.54
N ASN A 126 24.68 -35.22 -56.28
CA ASN A 126 24.95 -36.19 -57.33
C ASN A 126 23.65 -36.89 -57.69
N TRP A 127 22.87 -36.26 -58.56
CA TRP A 127 21.60 -36.80 -59.02
C TRP A 127 21.81 -37.57 -60.31
N THR A 128 21.76 -38.90 -60.22
CA THR A 128 21.88 -39.79 -61.36
C THR A 128 20.58 -40.56 -61.53
N GLY A 129 20.05 -40.58 -62.75
CA GLY A 129 18.81 -41.28 -63.01
C GLY A 129 17.56 -40.51 -62.64
N VAL A 130 17.60 -39.18 -62.70
CA VAL A 130 16.40 -38.36 -62.55
C VAL A 130 16.51 -37.16 -63.49
N THR A 131 15.39 -36.45 -63.63
CA THR A 131 15.35 -35.16 -64.30
C THR A 131 14.99 -34.12 -63.26
N GLN A 132 15.82 -33.08 -63.16
CA GLN A 132 15.67 -32.04 -62.17
C GLN A 132 14.92 -30.86 -62.76
N ASN A 133 14.82 -29.78 -61.98
CA ASN A 133 14.19 -28.53 -62.40
C ASN A 133 12.73 -28.73 -62.81
N GLY A 134 12.01 -29.49 -62.00
CA GLY A 134 10.58 -29.65 -62.23
C GLY A 134 9.84 -28.35 -62.03
N THR A 135 8.76 -28.16 -62.79
CA THR A 135 8.05 -26.89 -62.80
C THR A 135 6.55 -27.14 -62.74
N SER A 136 5.83 -26.11 -62.30
CA SER A 136 4.38 -26.15 -62.19
C SER A 136 3.78 -24.88 -62.77
N SER A 137 2.52 -24.97 -63.21
CA SER A 137 1.83 -23.84 -63.81
C SER A 137 1.19 -22.91 -62.79
N ALA A 138 1.11 -23.30 -61.52
CA ALA A 138 0.54 -22.46 -60.49
C ALA A 138 1.59 -21.59 -59.80
N CYS A 139 2.85 -21.69 -60.19
CA CYS A 139 3.95 -20.91 -59.62
C CYS A 139 4.70 -20.30 -60.79
N ILE A 140 4.29 -19.09 -61.20
CA ILE A 140 4.81 -18.43 -62.38
C ILE A 140 5.87 -17.42 -61.98
N ARG A 141 7.00 -17.43 -62.69
CA ARG A 141 8.08 -16.47 -62.49
C ARG A 141 8.44 -15.85 -63.83
N ARG A 142 8.42 -14.52 -63.90
CA ARG A 142 8.71 -13.76 -65.12
C ARG A 142 7.81 -14.20 -66.27
N SER A 143 6.51 -14.38 -65.97
CA SER A 143 5.50 -14.81 -66.93
C SER A 143 5.87 -16.14 -67.58
N ASN A 144 6.45 -17.04 -66.78
CA ASN A 144 6.79 -18.38 -67.24
C ASN A 144 6.69 -19.34 -66.07
N ASN A 145 6.45 -20.61 -66.39
CA ASN A 145 6.28 -21.63 -65.36
C ASN A 145 7.57 -21.85 -64.60
N SER A 146 7.46 -22.00 -63.28
CA SER A 146 8.62 -22.22 -62.43
C SER A 146 8.19 -23.05 -61.22
N PHE A 147 9.03 -23.07 -60.20
CA PHE A 147 8.78 -23.81 -58.96
C PHE A 147 9.36 -23.00 -57.81
N PHE A 148 9.46 -23.63 -56.64
CA PHE A 148 10.13 -23.00 -55.52
C PHE A 148 11.60 -22.81 -55.84
N SER A 149 12.14 -21.63 -55.49
CA SER A 149 13.48 -21.28 -55.92
C SER A 149 14.54 -22.12 -55.23
N ARG A 150 14.30 -22.51 -53.98
CA ARG A 150 15.29 -23.26 -53.21
C ARG A 150 15.07 -24.77 -53.25
N LEU A 151 14.09 -25.24 -54.00
CA LEU A 151 13.71 -26.65 -54.01
C LEU A 151 13.90 -27.22 -55.40
N ASN A 152 13.80 -28.56 -55.51
CA ASN A 152 14.05 -29.26 -56.77
C ASN A 152 13.09 -30.42 -56.91
N TRP A 153 12.11 -30.29 -57.80
CA TRP A 153 11.21 -31.39 -58.13
C TRP A 153 11.91 -32.41 -59.01
N LEU A 154 11.54 -33.68 -58.84
CA LEU A 154 12.19 -34.78 -59.53
C LEU A 154 11.18 -35.54 -60.39
N THR A 155 11.61 -35.96 -61.57
CA THR A 155 10.77 -36.66 -62.53
C THR A 155 11.61 -37.70 -63.25
N GLN A 156 10.95 -38.75 -63.75
CA GLN A 156 11.64 -39.82 -64.44
C GLN A 156 12.17 -39.36 -65.79
N LEU A 157 13.17 -40.10 -66.29
CA LEU A 157 13.83 -39.77 -67.54
C LEU A 157 13.29 -40.58 -68.71
N ASN A 158 13.28 -41.90 -68.60
CA ASN A 158 12.80 -42.80 -69.63
C ASN A 158 11.76 -43.72 -69.01
N PHE A 159 10.84 -43.11 -68.25
CA PHE A 159 9.80 -43.80 -67.48
C PHE A 159 10.41 -44.79 -66.49
N LYS A 160 11.47 -44.35 -65.82
CA LYS A 160 12.14 -45.14 -64.79
C LYS A 160 12.61 -44.22 -63.68
N TYR A 161 12.46 -44.67 -62.44
CA TYR A 161 12.86 -43.90 -61.25
C TYR A 161 13.71 -44.80 -60.36
N PRO A 162 15.02 -44.88 -60.63
CA PRO A 162 15.89 -45.65 -59.74
C PRO A 162 16.00 -45.01 -58.37
N ALA A 163 16.23 -45.85 -57.36
CA ALA A 163 16.33 -45.37 -55.98
C ALA A 163 17.55 -44.47 -55.83
N LEU A 164 17.37 -43.37 -55.10
CA LEU A 164 18.43 -42.38 -54.92
C LEU A 164 19.16 -42.66 -53.61
N ASN A 165 20.46 -42.92 -53.71
CA ASN A 165 21.31 -43.18 -52.56
C ASN A 165 22.38 -42.10 -52.42
N VAL A 166 21.96 -40.85 -52.58
CA VAL A 166 22.90 -39.73 -52.52
C VAL A 166 23.22 -39.40 -51.06
N THR A 167 24.41 -38.87 -50.83
CA THR A 167 24.82 -38.44 -49.51
C THR A 167 25.94 -37.41 -49.66
N MET A 168 26.05 -36.56 -48.64
CA MET A 168 27.13 -35.60 -48.58
C MET A 168 27.38 -35.27 -47.11
N PRO A 169 28.63 -35.12 -46.70
CA PRO A 169 28.93 -34.86 -45.29
C PRO A 169 29.00 -33.36 -45.00
N ASN A 170 29.11 -33.05 -43.71
CA ASN A 170 29.29 -31.70 -43.23
C ASN A 170 30.63 -31.59 -42.51
N ASN A 171 31.44 -30.62 -42.93
CA ASN A 171 32.75 -30.42 -42.32
C ASN A 171 32.97 -29.01 -41.79
N GLU A 172 32.10 -28.06 -42.09
CA GLU A 172 32.24 -26.71 -41.58
C GLU A 172 31.90 -26.68 -40.09
N GLN A 173 32.42 -25.65 -39.41
CA GLN A 173 32.29 -25.56 -37.96
C GLN A 173 30.87 -25.19 -37.50
N PHE A 174 30.01 -24.76 -38.40
CA PHE A 174 28.65 -24.36 -38.03
C PHE A 174 27.65 -25.42 -38.45
N ASP A 175 26.41 -25.25 -37.98
CA ASP A 175 25.34 -26.18 -38.31
C ASP A 175 24.86 -25.97 -39.74
N LYS A 176 24.25 -27.01 -40.30
CA LYS A 176 23.67 -26.98 -41.63
C LYS A 176 22.20 -27.32 -41.54
N LEU A 177 21.36 -26.50 -42.14
CA LEU A 177 19.91 -26.71 -42.16
C LEU A 177 19.46 -27.03 -43.58
N TYR A 178 18.78 -28.17 -43.72
CA TYR A 178 18.29 -28.63 -45.01
C TYR A 178 16.76 -28.61 -45.02
N ILE A 179 16.20 -28.12 -46.12
CA ILE A 179 14.75 -28.01 -46.29
C ILE A 179 14.36 -28.92 -47.45
N TRP A 180 13.62 -29.97 -47.15
CA TRP A 180 13.19 -30.95 -48.15
C TRP A 180 11.71 -31.25 -47.94
N GLY A 181 11.06 -31.74 -49.00
CA GLY A 181 9.64 -31.96 -48.97
C GLY A 181 9.24 -33.24 -49.68
N VAL A 182 7.96 -33.59 -49.52
CA VAL A 182 7.35 -34.73 -50.19
C VAL A 182 6.10 -34.25 -50.91
N HIS A 183 5.98 -34.59 -52.19
CA HIS A 183 4.86 -34.17 -53.02
C HIS A 183 3.79 -35.24 -53.00
N HIS A 184 2.57 -34.86 -52.61
CA HIS A 184 1.45 -35.79 -52.56
C HIS A 184 0.65 -35.69 -53.86
N PRO A 185 0.51 -36.78 -54.61
CA PRO A 185 -0.26 -36.71 -55.86
C PRO A 185 -1.76 -36.64 -55.62
N VAL A 186 -2.55 -36.58 -56.69
CA VAL A 186 -3.99 -36.50 -56.58
C VAL A 186 -4.70 -37.79 -56.97
N THR A 187 -4.02 -38.70 -57.67
CA THR A 187 -4.63 -39.95 -58.09
C THR A 187 -3.53 -40.96 -58.35
N ASP A 188 -3.92 -42.23 -58.46
CA ASP A 188 -2.97 -43.29 -58.76
C ASP A 188 -2.38 -43.18 -60.16
N LYS A 189 -3.11 -42.56 -61.09
CA LYS A 189 -2.55 -42.33 -62.43
C LYS A 189 -1.41 -41.33 -62.38
N ASP A 190 -1.57 -40.26 -61.59
CA ASP A 190 -0.53 -39.23 -61.52
C ASP A 190 0.74 -39.76 -60.86
N GLN A 191 0.60 -40.63 -59.86
CA GLN A 191 1.78 -41.20 -59.21
C GLN A 191 2.60 -42.04 -60.18
N ILE A 192 1.94 -42.83 -61.02
CA ILE A 192 2.65 -43.59 -62.04
C ILE A 192 3.19 -42.66 -63.12
N PHE A 193 2.41 -41.67 -63.54
CA PHE A 193 2.82 -40.80 -64.63
C PHE A 193 3.88 -39.79 -64.23
N LEU A 194 4.07 -39.54 -62.94
CA LEU A 194 5.06 -38.57 -62.48
C LEU A 194 6.17 -39.18 -61.64
N TYR A 195 6.10 -40.47 -61.30
CA TYR A 195 7.18 -41.11 -60.57
C TYR A 195 7.50 -42.53 -61.05
N ALA A 196 6.77 -43.06 -62.03
CA ALA A 196 7.04 -44.37 -62.63
C ALA A 196 7.05 -45.50 -61.60
N GLN A 197 6.29 -45.35 -60.52
CA GLN A 197 6.22 -46.35 -59.48
C GLN A 197 4.89 -46.20 -58.74
N SER A 198 4.23 -47.32 -58.47
CA SER A 198 2.93 -47.27 -57.81
C SER A 198 3.05 -46.73 -56.39
N SER A 199 4.06 -47.17 -55.65
CA SER A 199 4.25 -46.75 -54.27
C SER A 199 5.37 -45.72 -54.19
N GLY A 200 5.73 -45.34 -52.97
CA GLY A 200 6.80 -44.40 -52.76
C GLY A 200 7.21 -44.34 -51.30
N ARG A 201 8.44 -43.91 -51.07
CA ARG A 201 8.97 -43.80 -49.72
C ARG A 201 10.14 -42.83 -49.72
N ILE A 202 10.24 -42.05 -48.65
CA ILE A 202 11.34 -41.11 -48.46
C ILE A 202 11.94 -41.36 -47.08
N THR A 203 13.26 -41.43 -47.02
CA THR A 203 13.97 -41.69 -45.77
C THR A 203 15.26 -40.88 -45.76
N VAL A 204 15.34 -39.90 -44.86
CA VAL A 204 16.58 -39.17 -44.60
C VAL A 204 17.05 -39.53 -43.20
N SER A 205 18.35 -39.45 -42.98
CA SER A 205 18.91 -39.85 -41.70
C SER A 205 20.22 -39.11 -41.46
N THR A 206 20.48 -38.83 -40.20
CA THR A 206 21.76 -38.29 -39.73
C THR A 206 22.37 -39.29 -38.74
N LYS A 207 23.52 -38.93 -38.18
CA LYS A 207 24.20 -39.80 -37.23
C LYS A 207 23.50 -39.86 -35.88
N ARG A 208 22.52 -38.98 -35.62
CA ARG A 208 21.82 -38.97 -34.35
C ARG A 208 20.29 -39.08 -34.47
N SER A 209 19.72 -38.85 -35.65
CA SER A 209 18.27 -38.89 -35.80
C SER A 209 17.93 -39.27 -37.24
N GLN A 210 16.69 -39.69 -37.43
CA GLN A 210 16.21 -40.09 -38.75
C GLN A 210 14.75 -39.70 -38.89
N GLN A 211 14.32 -39.56 -40.15
CA GLN A 211 12.93 -39.25 -40.47
C GLN A 211 12.45 -40.18 -41.57
N ALA A 212 11.16 -40.47 -41.57
CA ALA A 212 10.57 -41.36 -42.56
C ALA A 212 9.15 -40.89 -42.86
N VAL A 213 8.89 -40.56 -44.12
CA VAL A 213 7.58 -40.08 -44.55
C VAL A 213 7.07 -41.00 -45.65
N ILE A 214 5.83 -41.46 -45.49
CA ILE A 214 5.12 -42.18 -46.54
C ILE A 214 4.18 -41.19 -47.22
N PRO A 215 4.16 -41.13 -48.55
CA PRO A 215 3.26 -40.18 -49.22
C PRO A 215 1.80 -40.57 -49.03
N ASN A 216 0.96 -39.56 -48.88
CA ASN A 216 -0.48 -39.74 -48.62
C ASN A 216 -1.24 -39.38 -49.89
N ILE A 217 -1.58 -40.40 -50.68
CA ILE A 217 -2.33 -40.16 -51.91
C ILE A 217 -3.78 -39.87 -51.57
N GLY A 218 -4.44 -39.13 -52.46
CA GLY A 218 -5.83 -38.79 -52.26
C GLY A 218 -6.14 -37.44 -52.89
N TYR A 219 -7.39 -37.03 -52.74
CA TYR A 219 -7.86 -35.76 -53.27
C TYR A 219 -7.87 -34.69 -52.20
N ARG A 220 -7.74 -33.45 -52.62
CA ARG A 220 -7.68 -32.29 -51.75
C ARG A 220 -8.44 -31.15 -52.41
N PRO A 221 -8.90 -30.17 -51.63
CA PRO A 221 -9.54 -28.99 -52.22
C PRO A 221 -8.59 -28.22 -53.12
N ARG A 222 -9.17 -27.64 -54.18
CA ARG A 222 -8.39 -26.93 -55.19
C ARG A 222 -8.00 -25.55 -54.67
N ILE A 223 -6.69 -25.27 -54.68
CA ILE A 223 -6.16 -23.93 -54.42
C ILE A 223 -5.24 -23.57 -55.58
N ARG A 224 -5.52 -22.44 -56.22
CA ARG A 224 -4.74 -21.96 -57.36
C ARG A 224 -4.66 -23.00 -58.47
N ASN A 225 -5.80 -23.61 -58.76
CA ASN A 225 -5.96 -24.59 -59.84
C ASN A 225 -5.02 -25.79 -59.66
N ILE A 226 -4.79 -26.19 -58.42
CA ILE A 226 -3.94 -27.34 -58.12
C ILE A 226 -4.58 -28.15 -56.99
N PRO A 227 -4.82 -29.45 -57.18
CA PRO A 227 -5.41 -30.28 -56.12
C PRO A 227 -4.40 -31.06 -55.28
N SER A 228 -3.12 -30.83 -55.45
CA SER A 228 -2.09 -31.59 -54.76
C SER A 228 -1.54 -30.78 -53.58
N ARG A 229 -0.69 -31.44 -52.78
CA ARG A 229 -0.07 -30.81 -51.62
C ARG A 229 1.37 -31.25 -51.50
N ILE A 230 2.17 -30.41 -50.86
CA ILE A 230 3.58 -30.69 -50.58
C ILE A 230 3.80 -30.49 -49.09
N SER A 231 4.28 -31.53 -48.41
CA SER A 231 4.64 -31.45 -46.99
C SER A 231 6.15 -31.30 -46.88
N ILE A 232 6.59 -30.24 -46.22
CA ILE A 232 8.00 -29.86 -46.18
C ILE A 232 8.52 -30.06 -44.76
N TYR A 233 9.67 -30.74 -44.64
CA TYR A 233 10.31 -31.00 -43.37
C TYR A 233 11.69 -30.38 -43.35
N TRP A 234 12.17 -30.09 -42.14
CA TRP A 234 13.49 -29.50 -41.94
C TRP A 234 14.35 -30.47 -41.13
N THR A 235 15.65 -30.49 -41.44
CA THR A 235 16.61 -31.34 -40.75
C THR A 235 17.81 -30.51 -40.31
N ILE A 236 18.32 -30.81 -39.12
CA ILE A 236 19.48 -30.12 -38.57
C ILE A 236 20.67 -31.07 -38.67
N VAL A 237 21.73 -30.62 -39.34
CA VAL A 237 22.94 -31.41 -39.55
C VAL A 237 24.05 -30.80 -38.71
N LYS A 238 24.55 -31.57 -37.75
CA LYS A 238 25.63 -31.11 -36.90
C LYS A 238 26.95 -31.14 -37.66
N PRO A 239 27.94 -30.38 -37.21
CA PRO A 239 29.29 -30.50 -37.80
C PRO A 239 29.84 -31.91 -37.59
N GLY A 240 30.49 -32.43 -38.64
CA GLY A 240 31.00 -33.77 -38.61
C GLY A 240 29.98 -34.86 -38.90
N ASP A 241 28.72 -34.50 -39.13
CA ASP A 241 27.67 -35.46 -39.39
C ASP A 241 27.57 -35.77 -40.88
N ILE A 242 26.83 -36.84 -41.20
CA ILE A 242 26.61 -37.28 -42.57
C ILE A 242 25.11 -37.31 -42.81
N LEU A 243 24.66 -36.64 -43.87
CA LEU A 243 23.26 -36.64 -44.27
C LEU A 243 23.08 -37.64 -45.40
N LEU A 244 22.36 -38.72 -45.12
CA LEU A 244 22.10 -39.76 -46.10
C LEU A 244 20.62 -39.77 -46.43
N ILE A 245 20.29 -39.65 -47.70
CA ILE A 245 18.91 -39.61 -48.18
C ILE A 245 18.69 -40.81 -49.09
N ASN A 246 17.76 -41.68 -48.71
CA ASN A 246 17.34 -42.79 -49.55
C ASN A 246 15.85 -42.68 -49.81
N SER A 247 15.46 -42.66 -51.08
CA SER A 247 14.07 -42.51 -51.47
C SER A 247 13.85 -43.18 -52.82
N THR A 248 12.58 -43.48 -53.10
CA THR A 248 12.19 -44.09 -54.36
C THR A 248 11.10 -43.31 -55.07
N GLY A 249 10.83 -42.08 -54.66
CA GLY A 249 9.81 -41.26 -55.29
C GLY A 249 9.20 -40.30 -54.29
N ASN A 250 8.39 -39.38 -54.83
CA ASN A 250 7.71 -38.35 -54.05
C ASN A 250 8.70 -37.54 -53.22
N LEU A 251 9.83 -37.18 -53.83
CA LEU A 251 10.89 -36.45 -53.15
C LEU A 251 11.05 -35.07 -53.78
N ILE A 252 11.10 -34.05 -52.94
CA ILE A 252 11.41 -32.69 -53.36
C ILE A 252 12.85 -32.41 -52.93
N ALA A 253 13.76 -32.41 -53.88
CA ALA A 253 15.18 -32.34 -53.56
C ALA A 253 15.56 -30.93 -53.08
N PRO A 254 16.43 -30.83 -52.09
CA PRO A 254 16.97 -29.52 -51.70
C PRO A 254 18.20 -29.16 -52.50
N ARG A 255 18.29 -27.87 -52.86
CA ARG A 255 19.44 -27.39 -53.61
C ARG A 255 20.69 -27.25 -52.75
N GLY A 256 20.54 -27.04 -51.45
CA GLY A 256 21.68 -26.83 -50.58
C GLY A 256 21.33 -26.72 -49.12
N TYR A 257 22.02 -25.84 -48.40
CA TYR A 257 21.88 -25.73 -46.96
C TYR A 257 21.73 -24.27 -46.55
N PHE A 258 21.09 -24.05 -45.41
CA PHE A 258 20.91 -22.73 -44.83
C PHE A 258 21.73 -22.61 -43.56
N LYS A 259 22.56 -21.57 -43.49
CA LYS A 259 23.36 -21.35 -42.29
C LYS A 259 22.50 -20.81 -41.16
N ILE A 260 22.65 -21.41 -39.97
CA ILE A 260 21.91 -20.99 -38.79
C ILE A 260 22.91 -20.56 -37.72
N ARG A 261 22.41 -19.82 -36.73
CA ARG A 261 23.23 -19.33 -35.64
C ARG A 261 22.30 -19.02 -34.47
N SER A 262 22.86 -18.41 -33.42
CA SER A 262 22.09 -17.98 -32.26
C SER A 262 22.36 -16.51 -32.01
N GLY A 263 21.29 -15.73 -31.86
CA GLY A 263 21.44 -14.30 -31.65
C GLY A 263 20.23 -13.65 -31.02
N LYS A 264 19.89 -12.45 -31.47
CA LYS A 264 18.78 -11.69 -30.92
C LYS A 264 17.66 -11.48 -31.93
N SER A 265 17.75 -12.11 -33.10
CA SER A 265 16.73 -11.93 -34.13
C SER A 265 15.45 -12.65 -33.75
N SER A 266 14.33 -12.10 -34.21
CA SER A 266 13.01 -12.66 -33.92
C SER A 266 12.04 -12.22 -35.02
N ILE A 267 10.78 -12.60 -34.85
CA ILE A 267 9.73 -12.24 -35.80
C ILE A 267 8.57 -11.64 -35.02
N MET A 268 7.77 -10.83 -35.71
CA MET A 268 6.63 -10.15 -35.10
C MET A 268 5.66 -9.73 -36.19
N ARG A 269 4.38 -10.01 -36.00
CA ARG A 269 3.34 -9.66 -36.96
C ARG A 269 2.78 -8.29 -36.59
N SER A 270 2.89 -7.34 -37.51
CA SER A 270 2.36 -6.00 -37.29
C SER A 270 2.10 -5.34 -38.64
N ASP A 271 1.20 -4.35 -38.63
CA ASP A 271 0.86 -3.59 -39.83
C ASP A 271 1.41 -2.16 -39.77
N ALA A 272 2.23 -1.84 -38.77
CA ALA A 272 2.74 -0.49 -38.64
C ALA A 272 3.78 -0.21 -39.72
N PRO A 273 3.75 0.98 -40.35
CA PRO A 273 4.74 1.30 -41.38
C PRO A 273 6.13 1.55 -40.80
N ILE A 274 7.10 1.83 -41.68
CA ILE A 274 8.49 2.01 -41.29
C ILE A 274 8.85 3.48 -41.44
N GLY A 275 9.38 4.08 -40.38
CA GLY A 275 9.80 5.46 -40.40
C GLY A 275 11.24 5.65 -39.95
N LYS A 276 11.62 6.88 -39.65
CA LYS A 276 12.98 7.20 -39.21
C LYS A 276 12.91 7.95 -37.88
N CYS A 277 13.38 7.29 -36.83
CA CYS A 277 13.47 7.89 -35.50
C CYS A 277 14.69 7.29 -34.81
N ASN A 278 14.80 7.48 -33.49
CA ASN A 278 15.87 6.90 -32.68
C ASN A 278 15.23 6.32 -31.43
N SER A 279 14.81 5.05 -31.51
CA SER A 279 14.18 4.39 -30.38
C SER A 279 14.47 2.90 -30.46
N GLU A 280 14.38 2.24 -29.31
CA GLU A 280 14.74 0.82 -29.19
C GLU A 280 13.52 -0.10 -29.12
N CYS A 281 12.47 0.31 -28.42
CA CYS A 281 11.29 -0.55 -28.26
C CYS A 281 10.58 -0.74 -29.59
N ILE A 282 10.21 -1.99 -29.87
CA ILE A 282 9.41 -2.33 -31.04
C ILE A 282 8.13 -3.01 -30.55
N THR A 283 6.99 -2.53 -31.03
CA THR A 283 5.68 -2.95 -30.57
C THR A 283 4.77 -3.03 -31.79
N PRO A 284 3.81 -3.97 -31.82
CA PRO A 284 2.90 -4.05 -32.96
C PRO A 284 2.14 -2.75 -33.25
N ASN A 285 1.91 -1.91 -32.24
CA ASN A 285 1.34 -0.60 -32.46
C ASN A 285 2.35 0.42 -32.97
N GLY A 286 3.65 0.09 -32.95
CA GLY A 286 4.67 1.01 -33.38
C GLY A 286 5.87 1.04 -32.45
N SER A 287 6.47 2.21 -32.27
CA SER A 287 7.58 2.37 -31.34
C SER A 287 7.13 3.22 -30.15
N ILE A 288 7.71 2.93 -28.99
CA ILE A 288 7.36 3.65 -27.77
C ILE A 288 8.64 4.05 -27.04
N PRO A 289 8.65 5.18 -26.33
CA PRO A 289 9.81 5.52 -25.51
C PRO A 289 9.97 4.56 -24.34
N ASN A 290 11.21 4.34 -23.93
CA ASN A 290 11.54 3.35 -22.92
C ASN A 290 12.07 3.98 -21.63
N ASP A 291 11.87 5.28 -21.43
CA ASP A 291 12.31 5.89 -20.18
C ASP A 291 11.36 5.56 -19.03
N LYS A 292 10.07 5.37 -19.32
CA LYS A 292 9.14 4.92 -18.32
C LYS A 292 9.47 3.48 -17.88
N PRO A 293 9.25 3.15 -16.62
CA PRO A 293 9.51 1.77 -16.17
C PRO A 293 8.42 0.78 -16.50
N PHE A 294 7.24 1.24 -16.93
CA PHE A 294 6.14 0.35 -17.27
C PHE A 294 5.44 0.88 -18.51
N GLN A 295 4.65 0.01 -19.13
CA GLN A 295 3.87 0.39 -20.31
C GLN A 295 2.65 -0.51 -20.41
N ASN A 296 1.65 -0.04 -21.17
CA ASN A 296 0.42 -0.78 -21.36
C ASN A 296 -0.04 -0.73 -22.82
N VAL A 297 0.91 -0.62 -23.75
CA VAL A 297 0.56 -0.57 -25.16
C VAL A 297 0.17 -1.96 -25.66
N ASN A 298 1.11 -2.90 -25.59
CA ASN A 298 0.86 -4.27 -26.04
C ASN A 298 1.82 -5.19 -25.32
N ARG A 299 1.38 -6.44 -25.14
CA ARG A 299 2.23 -7.43 -24.48
C ARG A 299 3.38 -7.85 -25.38
N ILE A 300 3.14 -7.91 -26.70
CA ILE A 300 4.21 -8.24 -27.64
C ILE A 300 5.19 -7.08 -27.72
N THR A 301 6.48 -7.38 -27.57
CA THR A 301 7.50 -6.35 -27.59
C THR A 301 8.82 -6.95 -28.04
N TYR A 302 9.84 -6.08 -28.15
CA TYR A 302 11.16 -6.48 -28.59
C TYR A 302 12.17 -5.45 -28.09
N GLY A 303 13.37 -5.94 -27.76
CA GLY A 303 14.43 -5.05 -27.31
C GLY A 303 14.24 -4.57 -25.88
N ALA A 304 14.97 -3.51 -25.54
CA ALA A 304 14.93 -2.91 -24.21
C ALA A 304 13.59 -2.19 -24.05
N CYS A 305 12.64 -2.85 -23.38
CA CYS A 305 11.29 -2.35 -23.24
C CYS A 305 10.85 -2.40 -21.79
N PRO A 306 9.96 -1.51 -21.38
CA PRO A 306 9.39 -1.60 -20.02
C PRO A 306 8.45 -2.78 -19.90
N ARG A 307 8.26 -3.22 -18.66
CA ARG A 307 7.36 -4.34 -18.38
C ARG A 307 5.92 -3.94 -18.65
N TYR A 308 5.13 -4.93 -19.08
CA TYR A 308 3.73 -4.71 -19.44
C TYR A 308 2.85 -4.81 -18.21
N VAL A 309 1.96 -3.83 -18.04
CA VAL A 309 0.99 -3.81 -16.95
C VAL A 309 -0.38 -3.54 -17.53
N LYS A 310 -1.41 -3.94 -16.79
CA LYS A 310 -2.79 -3.73 -17.23
C LYS A 310 -3.40 -2.45 -16.69
N GLN A 311 -2.64 -1.65 -15.94
CA GLN A 311 -3.15 -0.41 -15.39
C GLN A 311 -2.96 0.74 -16.38
N SER A 312 -4.01 1.55 -16.52
CA SER A 312 -3.97 2.65 -17.49
C SER A 312 -3.04 3.77 -17.05
N THR A 313 -3.02 4.07 -15.76
CA THR A 313 -2.24 5.20 -15.24
C THR A 313 -1.69 4.85 -13.87
N LEU A 314 -0.45 5.25 -13.62
CA LEU A 314 0.19 5.03 -12.33
C LEU A 314 0.99 6.28 -11.99
N LYS A 315 0.44 7.11 -11.10
CA LYS A 315 1.07 8.37 -10.72
C LYS A 315 2.09 8.12 -9.61
N LEU A 316 3.27 8.74 -9.75
CA LEU A 316 4.32 8.68 -8.75
C LEU A 316 4.64 10.09 -8.28
N ALA A 317 4.58 10.29 -6.96
CA ALA A 317 4.83 11.61 -6.40
C ALA A 317 6.30 11.99 -6.50
N THR A 318 6.55 13.28 -6.77
CA THR A 318 7.91 13.80 -6.85
C THR A 318 8.14 15.01 -5.97
N GLY A 319 7.20 15.31 -5.06
CA GLY A 319 7.35 16.46 -4.18
C GLY A 319 6.90 16.16 -2.77
N MET A 320 6.08 17.03 -2.19
CA MET A 320 5.57 16.85 -0.85
C MET A 320 4.10 17.27 -0.81
N ARG A 321 3.45 17.00 0.33
CA ARG A 321 2.01 17.19 0.44
C ARG A 321 1.62 18.66 0.27
N ASN A 322 0.45 18.88 -0.34
CA ASN A 322 -0.01 20.20 -0.72
C ASN A 322 -1.12 20.64 0.22
N VAL A 323 -0.95 21.81 0.84
CA VAL A 323 -1.94 22.40 1.73
C VAL A 323 -2.20 23.85 1.32
N PRO A 324 -2.90 24.08 0.22
CA PRO A 324 -3.05 25.44 -0.30
C PRO A 324 -4.22 26.21 0.28
N GLU A 325 -4.47 27.40 -0.29
CA GLU A 325 -5.62 28.26 -0.01
C GLU A 325 -5.62 28.83 1.40
N LYS A 326 -6.30 28.17 2.34
CA LYS A 326 -6.62 28.70 3.66
C LYS A 326 -7.40 30.01 3.53
N GLN A 327 -8.52 29.93 2.84
CA GLN A 327 -9.51 30.98 2.63
C GLN A 327 -8.97 32.18 1.85
N THR A 328 -7.75 32.12 1.33
CA THR A 328 -7.19 33.21 0.56
C THR A 328 -6.06 32.73 -0.34
N GLY B 5 -5.27 31.47 52.53
CA GLY B 5 -5.14 30.16 51.93
C GLY B 5 -5.03 30.20 50.42
N ASN B 6 -4.77 29.04 49.82
CA ASN B 6 -4.63 28.94 48.37
C ASN B 6 -4.99 27.53 47.94
N ASP B 7 -5.96 27.43 47.02
CA ASP B 7 -6.33 26.12 46.48
C ASP B 7 -5.22 25.59 45.58
N ASN B 8 -5.03 24.28 45.61
CA ASN B 8 -4.01 23.64 44.78
C ASN B 8 -4.45 23.71 43.31
N SER B 9 -3.70 24.44 42.50
CA SER B 9 -4.00 24.63 41.09
C SER B 9 -3.41 23.48 40.25
N THR B 10 -3.73 22.25 40.66
CA THR B 10 -3.16 21.06 40.08
C THR B 10 -4.19 20.34 39.21
N ALA B 11 -3.67 19.69 38.16
CA ALA B 11 -4.49 18.89 37.26
C ALA B 11 -3.58 17.86 36.59
N THR B 12 -4.19 16.83 36.03
CA THR B 12 -3.45 15.77 35.36
C THR B 12 -3.66 15.78 33.85
N LEU B 13 -4.92 15.65 33.39
CA LEU B 13 -5.26 15.53 31.97
C LEU B 13 -4.41 14.46 31.29
N CYS B 14 -4.25 13.33 31.96
CA CYS B 14 -3.33 12.29 31.50
C CYS B 14 -4.04 11.49 30.42
N LEU B 15 -3.74 11.80 29.15
CA LEU B 15 -4.42 11.15 28.04
C LEU B 15 -3.91 9.73 27.85
N GLY B 16 -4.76 8.89 27.26
CA GLY B 16 -4.43 7.50 27.04
C GLY B 16 -4.96 6.95 25.73
N HIS B 17 -4.99 5.62 25.60
CA HIS B 17 -5.45 4.97 24.39
C HIS B 17 -6.23 3.72 24.76
N HIS B 18 -7.01 3.22 23.80
CA HIS B 18 -7.85 2.05 24.01
C HIS B 18 -7.01 0.79 24.17
N ALA B 19 -7.47 -0.11 25.04
CA ALA B 19 -6.86 -1.42 25.22
C ALA B 19 -7.96 -2.44 25.47
N VAL B 20 -7.65 -3.70 25.19
CA VAL B 20 -8.63 -4.78 25.33
C VAL B 20 -8.02 -5.88 26.20
N PRO B 21 -8.79 -6.46 27.13
CA PRO B 21 -8.27 -7.60 27.90
C PRO B 21 -7.94 -8.81 27.04
N ASN B 22 -8.67 -9.03 25.95
CA ASN B 22 -8.47 -10.18 25.08
C ASN B 22 -8.11 -9.68 23.68
N GLY B 23 -6.82 -9.70 23.37
CA GLY B 23 -6.32 -9.27 22.07
C GLY B 23 -5.66 -10.42 21.34
N THR B 24 -5.82 -10.44 20.02
CA THR B 24 -5.23 -11.46 19.18
C THR B 24 -3.77 -11.14 18.86
N ILE B 25 -3.08 -12.11 18.27
CA ILE B 25 -1.65 -12.01 17.99
C ILE B 25 -1.44 -11.84 16.49
N VAL B 26 -0.61 -10.87 16.10
CA VAL B 26 -0.33 -10.57 14.71
C VAL B 26 1.18 -10.39 14.54
N LYS B 27 1.74 -11.01 13.52
CA LYS B 27 3.16 -10.88 13.22
C LYS B 27 3.45 -9.57 12.49
N THR B 28 4.67 -9.08 12.64
CA THR B 28 5.12 -7.89 11.92
C THR B 28 6.42 -8.19 11.18
N ILE B 29 7.07 -7.16 10.63
CA ILE B 29 8.21 -7.38 9.76
C ILE B 29 9.42 -7.90 10.54
N CYS B 30 9.70 -7.34 11.71
CA CYS B 30 10.87 -7.71 12.48
C CYS B 30 10.54 -8.45 13.77
N ASN B 31 9.28 -8.82 13.97
CA ASN B 31 8.89 -9.61 15.12
C ASN B 31 7.70 -10.47 14.75
N ASP B 32 7.52 -11.56 15.51
CA ASP B 32 6.40 -12.46 15.29
C ASP B 32 5.38 -12.43 16.42
N GLN B 33 5.69 -11.81 17.55
CA GLN B 33 4.79 -11.75 18.70
C GLN B 33 4.54 -10.29 19.05
N ILE B 34 3.56 -9.68 18.38
CA ILE B 34 3.10 -8.33 18.67
C ILE B 34 1.58 -8.38 18.71
N GLU B 35 1.01 -8.46 19.91
CA GLU B 35 -0.44 -8.58 20.04
C GLU B 35 -1.13 -7.28 19.65
N VAL B 36 -2.35 -7.42 19.13
CA VAL B 36 -3.13 -6.28 18.65
C VAL B 36 -4.55 -6.40 19.20
N THR B 37 -5.26 -5.27 19.20
CA THR B 37 -6.63 -5.25 19.72
C THR B 37 -7.59 -6.01 18.81
N ASN B 38 -7.54 -5.72 17.51
CA ASN B 38 -8.47 -6.31 16.55
C ASN B 38 -7.73 -6.68 15.28
N ALA B 39 -8.10 -7.83 14.71
CA ALA B 39 -7.48 -8.30 13.48
C ALA B 39 -8.51 -9.10 12.68
N THR B 40 -8.27 -9.21 11.39
CA THR B 40 -9.17 -9.90 10.47
C THR B 40 -8.41 -10.99 9.72
N GLU B 41 -8.97 -12.20 9.70
CA GLU B 41 -8.39 -13.30 8.96
C GLU B 41 -8.43 -12.99 7.46
N LEU B 42 -7.31 -13.24 6.78
CA LEU B 42 -7.19 -12.85 5.38
C LEU B 42 -7.35 -14.01 4.39
N VAL B 43 -7.12 -15.24 4.81
CA VAL B 43 -7.23 -16.39 3.93
C VAL B 43 -8.47 -17.19 4.30
N GLN B 44 -9.00 -17.91 3.32
CA GLN B 44 -10.20 -18.72 3.50
C GLN B 44 -9.79 -20.19 3.54
N ASN B 45 -9.99 -20.81 4.71
CA ASN B 45 -9.60 -22.21 4.92
C ASN B 45 -10.81 -23.11 5.14
N SER B 46 -12.01 -22.64 4.79
CA SER B 46 -13.23 -23.41 4.96
C SER B 46 -14.08 -23.31 3.71
N SER B 47 -14.88 -24.34 3.47
CA SER B 47 -15.76 -24.38 2.31
C SER B 47 -17.16 -24.82 2.73
N ILE B 48 -18.15 -24.39 1.95
CA ILE B 48 -19.53 -24.78 2.22
C ILE B 48 -19.71 -26.28 2.03
N GLY B 49 -19.13 -26.84 0.96
CA GLY B 49 -19.27 -28.25 0.66
C GLY B 49 -20.13 -28.59 -0.53
N GLU B 50 -20.60 -27.59 -1.28
CA GLU B 50 -21.43 -27.84 -2.45
C GLU B 50 -21.25 -26.71 -3.45
N ILE B 51 -21.62 -26.98 -4.69
CA ILE B 51 -21.49 -26.03 -5.78
C ILE B 51 -22.83 -25.33 -5.99
N CYS B 52 -22.81 -23.99 -6.04
CA CYS B 52 -24.03 -23.22 -6.24
C CYS B 52 -23.99 -22.57 -7.61
N ASP B 53 -25.07 -22.73 -8.37
CA ASP B 53 -25.17 -22.17 -9.72
C ASP B 53 -25.96 -20.87 -9.71
N SER B 54 -25.52 -19.90 -8.90
CA SER B 54 -26.22 -18.62 -8.92
C SER B 54 -25.72 -17.71 -10.04
N PRO B 55 -24.39 -17.51 -10.28
CA PRO B 55 -24.00 -16.63 -11.39
C PRO B 55 -23.68 -17.39 -12.67
N HIS B 56 -23.66 -18.72 -12.60
CA HIS B 56 -23.21 -19.55 -13.70
C HIS B 56 -24.23 -20.67 -13.94
N GLN B 57 -24.22 -21.19 -15.16
CA GLN B 57 -25.05 -22.33 -15.53
C GLN B 57 -24.24 -23.60 -15.32
N ILE B 58 -24.64 -24.40 -14.35
CA ILE B 58 -23.94 -25.63 -13.98
C ILE B 58 -24.70 -26.81 -14.56
N LEU B 59 -24.03 -27.62 -15.36
CA LEU B 59 -24.59 -28.84 -15.91
C LEU B 59 -23.91 -30.03 -15.24
N ASP B 60 -24.68 -30.81 -14.50
CA ASP B 60 -24.12 -31.88 -13.69
C ASP B 60 -23.80 -33.09 -14.56
N GLY B 61 -22.76 -33.82 -14.15
CA GLY B 61 -22.25 -34.93 -14.93
C GLY B 61 -23.17 -36.15 -15.01
N GLU B 62 -23.60 -36.67 -13.86
CA GLU B 62 -24.36 -37.91 -13.76
C GLU B 62 -23.62 -39.06 -14.44
N ASN B 63 -22.43 -39.36 -13.90
CA ASN B 63 -21.45 -40.33 -14.41
C ASN B 63 -21.33 -40.32 -15.93
N CYS B 64 -21.33 -39.13 -16.52
CA CYS B 64 -21.18 -38.97 -17.96
C CYS B 64 -20.01 -38.01 -18.21
N THR B 65 -18.94 -38.53 -18.82
CA THR B 65 -17.82 -37.67 -19.15
C THR B 65 -18.18 -36.77 -20.33
N LEU B 66 -17.35 -35.74 -20.52
CA LEU B 66 -17.64 -34.75 -21.56
C LEU B 66 -17.61 -35.35 -22.95
N ILE B 67 -16.65 -36.24 -23.21
CA ILE B 67 -16.50 -36.82 -24.54
C ILE B 67 -17.69 -37.74 -24.85
N ASP B 68 -18.20 -38.45 -23.85
CA ASP B 68 -19.35 -39.33 -24.08
C ASP B 68 -20.59 -38.53 -24.47
N ALA B 69 -20.74 -37.33 -23.91
CA ALA B 69 -21.83 -36.46 -24.33
C ALA B 69 -21.65 -35.99 -25.76
N LEU B 70 -20.40 -35.81 -26.20
CA LEU B 70 -20.14 -35.42 -27.58
C LEU B 70 -20.52 -36.52 -28.56
N LEU B 71 -20.23 -37.77 -28.22
CA LEU B 71 -20.45 -38.88 -29.14
C LEU B 71 -21.84 -39.49 -29.05
N GLY B 72 -22.56 -39.25 -27.95
CA GLY B 72 -23.90 -39.78 -27.83
C GLY B 72 -23.97 -41.13 -27.14
N ASP B 73 -23.40 -41.22 -25.94
CA ASP B 73 -23.53 -42.42 -25.13
C ASP B 73 -24.99 -42.61 -24.73
N PRO B 74 -25.48 -43.86 -24.67
CA PRO B 74 -26.89 -44.09 -24.29
C PRO B 74 -27.23 -43.55 -22.91
N GLN B 75 -26.31 -43.62 -21.95
CA GLN B 75 -26.54 -43.03 -20.64
C GLN B 75 -26.39 -41.51 -20.65
N CYS B 76 -25.78 -40.94 -21.68
CA CYS B 76 -25.66 -39.50 -21.84
C CYS B 76 -26.61 -38.96 -22.90
N ASP B 77 -27.71 -39.67 -23.18
CA ASP B 77 -28.65 -39.23 -24.21
C ASP B 77 -29.44 -38.00 -23.78
N GLY B 78 -29.46 -37.69 -22.48
CA GLY B 78 -30.14 -36.51 -22.00
C GLY B 78 -29.36 -35.22 -22.09
N PHE B 79 -28.15 -35.27 -22.66
CA PHE B 79 -27.29 -34.10 -22.80
C PHE B 79 -27.19 -33.64 -24.24
N GLN B 80 -28.30 -33.70 -24.97
CA GLN B 80 -28.34 -33.31 -26.37
C GLN B 80 -28.62 -31.82 -26.46
N ASN B 81 -27.73 -31.09 -27.14
CA ASN B 81 -27.83 -29.64 -27.35
C ASN B 81 -28.00 -28.90 -26.03
N LYS B 82 -26.99 -29.04 -25.17
CA LYS B 82 -27.00 -28.41 -23.85
C LYS B 82 -25.73 -27.58 -23.68
N LYS B 83 -25.88 -26.35 -23.23
CA LYS B 83 -24.78 -25.45 -22.94
C LYS B 83 -24.63 -25.29 -21.44
N TRP B 84 -23.51 -24.71 -21.02
CA TRP B 84 -23.23 -24.52 -19.61
C TRP B 84 -22.22 -23.41 -19.42
N ASP B 85 -21.93 -23.12 -18.15
CA ASP B 85 -20.81 -22.27 -17.77
C ASP B 85 -19.71 -23.03 -17.06
N LEU B 86 -20.00 -24.20 -16.52
CA LEU B 86 -18.98 -25.06 -15.89
C LEU B 86 -19.45 -26.50 -16.01
N PHE B 87 -18.61 -27.34 -16.61
CA PHE B 87 -18.92 -28.77 -16.74
C PHE B 87 -18.30 -29.52 -15.58
N VAL B 88 -19.13 -30.21 -14.81
CA VAL B 88 -18.66 -31.00 -13.67
C VAL B 88 -18.54 -32.45 -14.11
N GLU B 89 -17.32 -32.99 -14.06
CA GLU B 89 -17.06 -34.38 -14.38
C GLU B 89 -17.08 -35.18 -13.08
N ARG B 90 -18.06 -36.07 -12.94
CA ARG B 90 -18.11 -36.94 -11.78
C ARG B 90 -17.03 -38.01 -11.88
N SER B 91 -16.41 -38.32 -10.74
CA SER B 91 -15.38 -39.35 -10.69
C SER B 91 -15.94 -40.75 -10.91
N LYS B 92 -17.26 -40.93 -10.83
CA LYS B 92 -17.91 -42.20 -11.08
C LYS B 92 -18.22 -42.42 -12.55
N ALA B 93 -17.69 -41.59 -13.44
CA ALA B 93 -18.00 -41.70 -14.86
C ALA B 93 -17.38 -42.96 -15.45
N TYR B 94 -18.12 -43.59 -16.36
CA TYR B 94 -17.66 -44.81 -17.02
C TYR B 94 -18.27 -44.86 -18.41
N SER B 95 -17.65 -45.67 -19.26
CA SER B 95 -18.11 -45.85 -20.64
C SER B 95 -19.02 -47.06 -20.75
N ASN B 96 -20.13 -46.91 -21.46
CA ASN B 96 -21.11 -47.96 -21.69
C ASN B 96 -21.47 -48.04 -23.16
N CYS B 97 -20.45 -48.04 -24.01
CA CYS B 97 -20.66 -48.03 -25.46
C CYS B 97 -19.50 -48.77 -26.11
N TYR B 98 -19.32 -48.57 -27.41
CA TYR B 98 -18.23 -49.19 -28.14
C TYR B 98 -16.89 -48.70 -27.59
N PRO B 99 -15.92 -49.59 -27.40
CA PRO B 99 -14.59 -49.16 -26.92
C PRO B 99 -13.94 -48.21 -27.91
N TYR B 100 -13.25 -47.21 -27.39
CA TYR B 100 -12.65 -46.19 -28.22
C TYR B 100 -11.55 -45.47 -27.44
N ASP B 101 -10.69 -44.80 -28.19
CA ASP B 101 -9.76 -43.83 -27.62
C ASP B 101 -9.49 -42.74 -28.66
N VAL B 102 -9.07 -41.58 -28.19
CA VAL B 102 -8.84 -40.42 -29.05
C VAL B 102 -7.40 -39.96 -28.85
N PRO B 103 -6.57 -39.91 -29.89
CA PRO B 103 -5.24 -39.32 -29.74
C PRO B 103 -5.33 -37.87 -29.35
N ASP B 104 -4.39 -37.44 -28.50
CA ASP B 104 -4.39 -36.09 -27.91
C ASP B 104 -5.71 -35.84 -27.17
N TYR B 105 -5.90 -36.63 -26.10
CA TYR B 105 -7.15 -36.61 -25.35
C TYR B 105 -7.39 -35.25 -24.70
N ALA B 106 -6.34 -34.64 -24.15
CA ALA B 106 -6.51 -33.38 -23.43
C ALA B 106 -6.90 -32.24 -24.36
N SER B 107 -6.49 -32.28 -25.61
CA SER B 107 -6.81 -31.20 -26.54
C SER B 107 -8.30 -31.19 -26.90
N LEU B 108 -8.85 -32.36 -27.23
CA LEU B 108 -10.27 -32.44 -27.58
C LEU B 108 -11.15 -32.10 -26.39
N ARG B 109 -10.74 -32.51 -25.18
CA ARG B 109 -11.49 -32.18 -23.98
C ARG B 109 -11.42 -30.68 -23.68
N SER B 110 -10.33 -30.02 -24.07
CA SER B 110 -10.15 -28.62 -23.70
C SER B 110 -10.98 -27.70 -24.59
N LEU B 111 -10.85 -27.85 -25.92
CA LEU B 111 -11.52 -26.91 -26.82
C LEU B 111 -13.03 -27.06 -26.80
N VAL B 112 -13.53 -28.27 -26.56
CA VAL B 112 -14.96 -28.48 -26.48
C VAL B 112 -15.53 -27.83 -25.22
N ALA B 113 -14.84 -28.02 -24.09
CA ALA B 113 -15.29 -27.43 -22.84
C ALA B 113 -15.16 -25.92 -22.85
N SER B 114 -14.11 -25.40 -23.49
CA SER B 114 -13.96 -23.95 -23.62
C SER B 114 -15.08 -23.35 -24.45
N SER B 115 -15.48 -24.03 -25.54
CA SER B 115 -16.61 -23.56 -26.32
C SER B 115 -17.92 -23.69 -25.54
N GLY B 116 -18.11 -24.80 -24.85
CA GLY B 116 -19.34 -25.01 -24.11
C GLY B 116 -20.58 -25.10 -24.99
N THR B 117 -20.52 -25.87 -26.06
CA THR B 117 -21.61 -25.94 -27.02
C THR B 117 -21.66 -27.31 -27.65
N LEU B 118 -22.80 -28.00 -27.50
CA LEU B 118 -23.10 -29.21 -28.24
C LEU B 118 -24.34 -29.05 -29.12
N GLU B 119 -24.54 -27.85 -29.68
CA GLU B 119 -25.67 -27.64 -30.58
C GLU B 119 -25.40 -28.34 -31.90
N PHE B 120 -25.71 -29.62 -31.97
CA PHE B 120 -25.47 -30.43 -33.15
C PHE B 120 -26.62 -30.26 -34.13
N ASN B 121 -26.27 -29.94 -35.38
CA ASN B 121 -27.24 -29.82 -36.46
C ASN B 121 -26.94 -30.89 -37.49
N ASN B 122 -27.96 -31.71 -37.80
CA ASN B 122 -27.80 -32.74 -38.81
C ASN B 122 -27.60 -32.09 -40.18
N GLU B 123 -26.57 -32.54 -40.90
CA GLU B 123 -26.22 -31.96 -42.17
C GLU B 123 -26.65 -32.88 -43.31
N SER B 124 -26.46 -32.40 -44.54
CA SER B 124 -27.02 -33.03 -45.73
C SER B 124 -26.01 -33.93 -46.44
N PHE B 125 -25.20 -34.66 -45.68
CA PHE B 125 -24.25 -35.60 -46.26
C PHE B 125 -24.97 -36.66 -47.07
N ASN B 126 -24.35 -37.07 -48.18
CA ASN B 126 -24.98 -37.95 -49.15
C ASN B 126 -24.23 -39.26 -49.32
N TRP B 127 -23.92 -39.94 -48.21
CA TRP B 127 -23.23 -41.22 -48.28
C TRP B 127 -24.10 -42.26 -48.98
N THR B 128 -23.74 -42.61 -50.21
CA THR B 128 -24.47 -43.61 -50.98
C THR B 128 -23.50 -44.71 -51.40
N GLY B 129 -24.07 -45.83 -51.83
CA GLY B 129 -23.27 -46.99 -52.19
C GLY B 129 -22.81 -47.82 -51.02
N VAL B 130 -23.21 -47.49 -49.80
CA VAL B 130 -22.88 -48.25 -48.60
C VAL B 130 -24.13 -48.38 -47.75
N THR B 131 -24.12 -49.37 -46.86
CA THR B 131 -25.21 -49.56 -45.90
C THR B 131 -24.85 -48.80 -44.64
N GLN B 132 -25.41 -47.60 -44.49
CA GLN B 132 -25.11 -46.75 -43.34
C GLN B 132 -25.94 -47.19 -42.14
N ASN B 133 -25.82 -46.42 -41.05
CA ASN B 133 -26.48 -46.72 -39.77
C ASN B 133 -26.12 -48.11 -39.27
N GLY B 134 -24.81 -48.40 -39.26
CA GLY B 134 -24.35 -49.70 -38.84
C GLY B 134 -24.63 -49.96 -37.36
N THR B 135 -24.99 -51.20 -37.06
CA THR B 135 -25.34 -51.59 -35.71
C THR B 135 -24.15 -52.18 -34.98
N SER B 136 -24.24 -52.20 -33.65
CA SER B 136 -23.19 -52.76 -32.80
C SER B 136 -23.82 -53.24 -31.50
N SER B 137 -23.49 -54.45 -31.09
CA SER B 137 -24.06 -55.05 -29.88
C SER B 137 -23.19 -54.79 -28.66
N ALA B 138 -22.73 -53.55 -28.52
CA ALA B 138 -22.03 -53.13 -27.31
C ALA B 138 -22.43 -51.74 -26.85
N CYS B 139 -23.38 -51.10 -27.51
CA CYS B 139 -23.83 -49.74 -27.22
C CYS B 139 -25.35 -49.69 -27.25
N ILE B 140 -25.98 -50.61 -26.50
CA ILE B 140 -27.43 -50.82 -26.58
C ILE B 140 -28.17 -49.57 -26.16
N ARG B 141 -29.21 -49.22 -26.91
CA ARG B 141 -30.08 -48.09 -26.58
C ARG B 141 -31.44 -48.66 -26.16
N ARG B 142 -31.51 -49.13 -24.91
CA ARG B 142 -32.70 -49.38 -24.12
C ARG B 142 -33.56 -50.54 -24.63
N SER B 143 -33.38 -50.98 -25.87
CA SER B 143 -34.07 -52.17 -26.34
C SER B 143 -33.23 -53.04 -27.27
N ASN B 144 -32.30 -52.42 -27.99
CA ASN B 144 -31.67 -53.06 -29.13
C ASN B 144 -30.29 -52.46 -29.35
N ASN B 145 -29.67 -52.84 -30.47
CA ASN B 145 -28.31 -52.40 -30.77
C ASN B 145 -28.31 -50.99 -31.35
N SER B 146 -27.36 -50.18 -30.89
CA SER B 146 -27.11 -48.85 -31.44
C SER B 146 -25.60 -48.63 -31.50
N PHE B 147 -25.19 -47.58 -32.19
CA PHE B 147 -23.77 -47.26 -32.32
C PHE B 147 -23.41 -45.95 -31.64
N PHE B 148 -24.00 -44.83 -32.07
CA PHE B 148 -23.70 -43.50 -31.55
C PHE B 148 -24.80 -42.56 -32.02
N SER B 149 -25.10 -41.56 -31.19
CA SER B 149 -26.09 -40.56 -31.55
C SER B 149 -25.53 -39.48 -32.46
N ARG B 150 -24.21 -39.36 -32.56
CA ARG B 150 -23.56 -38.32 -33.36
C ARG B 150 -22.62 -38.90 -34.41
N LEU B 151 -22.67 -40.21 -34.65
CA LEU B 151 -21.80 -40.86 -35.61
C LEU B 151 -22.60 -41.86 -36.43
N ASN B 152 -21.99 -42.34 -37.50
CA ASN B 152 -22.62 -43.30 -38.41
C ASN B 152 -21.60 -44.32 -38.85
N TRP B 153 -21.86 -45.59 -38.53
CA TRP B 153 -20.99 -46.68 -38.96
C TRP B 153 -21.30 -47.02 -40.41
N LEU B 154 -20.30 -46.93 -41.27
CA LEU B 154 -20.46 -47.15 -42.71
C LEU B 154 -20.00 -48.57 -43.02
N THR B 155 -20.96 -49.46 -43.27
CA THR B 155 -20.67 -50.85 -43.55
C THR B 155 -20.60 -51.09 -45.06
N GLN B 156 -20.57 -52.35 -45.47
CA GLN B 156 -20.40 -52.72 -46.87
C GLN B 156 -21.77 -52.76 -47.56
N LEU B 157 -21.77 -53.29 -48.78
CA LEU B 157 -22.99 -53.47 -49.56
C LEU B 157 -22.84 -54.86 -50.18
N ASN B 158 -23.57 -55.18 -51.25
CA ASN B 158 -23.53 -56.54 -51.79
C ASN B 158 -22.17 -56.81 -52.43
N PHE B 159 -21.15 -57.00 -51.58
CA PHE B 159 -19.78 -57.29 -51.99
C PHE B 159 -19.23 -56.21 -52.92
N LYS B 160 -19.49 -54.95 -52.57
CA LYS B 160 -18.96 -53.81 -53.32
C LYS B 160 -18.88 -52.62 -52.38
N TYR B 161 -17.72 -51.97 -52.33
CA TYR B 161 -17.49 -50.79 -51.51
C TYR B 161 -16.88 -49.71 -52.39
N PRO B 162 -17.70 -48.90 -53.05
CA PRO B 162 -17.15 -47.84 -53.91
C PRO B 162 -16.43 -46.78 -53.11
N ALA B 163 -15.44 -46.15 -53.75
CA ALA B 163 -14.72 -45.06 -53.12
C ALA B 163 -15.65 -43.87 -52.91
N LEU B 164 -15.54 -43.25 -51.74
CA LEU B 164 -16.45 -42.19 -51.33
C LEU B 164 -15.76 -40.84 -51.51
N ASN B 165 -16.39 -39.97 -52.29
CA ASN B 165 -15.83 -38.66 -52.62
C ASN B 165 -16.82 -37.57 -52.25
N VAL B 166 -17.37 -37.64 -51.03
CA VAL B 166 -18.37 -36.69 -50.59
C VAL B 166 -17.69 -35.36 -50.26
N THR B 167 -18.13 -34.29 -50.92
CA THR B 167 -17.61 -32.95 -50.70
C THR B 167 -18.75 -32.09 -50.18
N MET B 168 -18.49 -31.35 -49.10
CA MET B 168 -19.56 -30.55 -48.55
C MET B 168 -19.01 -29.24 -47.99
N PRO B 169 -19.44 -28.09 -48.53
CA PRO B 169 -18.82 -26.82 -48.15
C PRO B 169 -19.28 -26.31 -46.80
N ASN B 170 -18.81 -25.10 -46.43
CA ASN B 170 -19.15 -24.45 -45.17
C ASN B 170 -19.43 -22.98 -45.49
N ASN B 171 -20.69 -22.66 -45.74
CA ASN B 171 -21.12 -21.29 -46.03
C ASN B 171 -21.91 -20.79 -44.83
N GLU B 172 -21.22 -20.26 -43.83
CA GLU B 172 -21.82 -19.76 -42.62
C GLU B 172 -20.85 -18.80 -41.94
N GLN B 173 -21.35 -18.08 -40.95
CA GLN B 173 -20.57 -17.04 -40.28
C GLN B 173 -19.83 -17.53 -39.04
N PHE B 174 -19.90 -18.82 -38.72
CA PHE B 174 -19.19 -19.36 -37.57
C PHE B 174 -18.43 -20.62 -37.98
N ASP B 175 -17.40 -20.93 -37.20
CA ASP B 175 -16.58 -22.11 -37.45
C ASP B 175 -17.37 -23.38 -37.21
N LYS B 176 -17.02 -24.43 -37.93
CA LYS B 176 -17.65 -25.74 -37.81
C LYS B 176 -16.66 -26.75 -37.27
N LEU B 177 -17.14 -27.61 -36.38
CA LEU B 177 -16.34 -28.69 -35.81
C LEU B 177 -16.92 -30.02 -36.26
N TYR B 178 -16.09 -30.86 -36.87
CA TYR B 178 -16.49 -32.16 -37.37
C TYR B 178 -15.81 -33.25 -36.56
N ILE B 179 -16.58 -34.24 -36.12
CA ILE B 179 -16.05 -35.37 -35.37
C ILE B 179 -16.20 -36.61 -36.23
N TRP B 180 -15.09 -37.14 -36.70
CA TRP B 180 -15.07 -38.34 -37.53
C TRP B 180 -14.16 -39.38 -36.91
N GLY B 181 -14.58 -40.65 -36.95
CA GLY B 181 -13.86 -41.73 -36.32
C GLY B 181 -13.32 -42.72 -37.35
N VAL B 182 -12.42 -43.58 -36.86
CA VAL B 182 -11.82 -44.63 -37.67
C VAL B 182 -11.91 -45.93 -36.86
N HIS B 183 -12.46 -46.97 -37.47
CA HIS B 183 -12.64 -48.26 -36.82
C HIS B 183 -11.50 -49.20 -37.19
N HIS B 184 -10.96 -49.88 -36.20
CA HIS B 184 -9.88 -50.85 -36.41
C HIS B 184 -10.40 -52.26 -36.18
N PRO B 185 -10.45 -53.12 -37.19
CA PRO B 185 -10.92 -54.49 -36.98
C PRO B 185 -9.87 -55.33 -36.25
N VAL B 186 -10.28 -56.55 -35.90
CA VAL B 186 -9.42 -57.44 -35.13
C VAL B 186 -8.85 -58.56 -35.99
N THR B 187 -9.58 -58.96 -37.03
CA THR B 187 -9.11 -59.97 -37.96
C THR B 187 -9.13 -59.42 -39.38
N ASP B 188 -8.28 -60.00 -40.23
CA ASP B 188 -8.31 -59.64 -41.65
C ASP B 188 -9.61 -60.10 -42.31
N LYS B 189 -10.19 -61.20 -41.82
CA LYS B 189 -11.49 -61.65 -42.32
C LYS B 189 -12.58 -60.65 -41.96
N ASP B 190 -12.51 -60.07 -40.76
CA ASP B 190 -13.50 -59.07 -40.35
C ASP B 190 -13.41 -57.82 -41.22
N GLN B 191 -12.19 -57.43 -41.60
CA GLN B 191 -12.02 -56.32 -42.53
C GLN B 191 -12.64 -56.64 -43.89
N ILE B 192 -12.46 -57.87 -44.37
CA ILE B 192 -13.05 -58.28 -45.63
C ILE B 192 -14.57 -58.37 -45.51
N PHE B 193 -15.06 -58.88 -44.37
CA PHE B 193 -16.50 -59.07 -44.20
C PHE B 193 -17.24 -57.73 -44.11
N LEU B 194 -16.59 -56.70 -43.56
CA LEU B 194 -17.26 -55.43 -43.31
C LEU B 194 -16.96 -54.37 -44.35
N TYR B 195 -15.90 -54.50 -45.14
CA TYR B 195 -15.54 -53.48 -46.11
C TYR B 195 -15.16 -54.02 -47.48
N ALA B 196 -15.11 -55.33 -47.67
CA ALA B 196 -14.88 -55.99 -48.97
C ALA B 196 -13.54 -55.61 -49.60
N GLN B 197 -12.60 -55.08 -48.81
CA GLN B 197 -11.29 -54.70 -49.31
C GLN B 197 -10.24 -55.01 -48.25
N SER B 198 -9.12 -55.57 -48.69
CA SER B 198 -8.04 -55.93 -47.76
C SER B 198 -7.26 -54.73 -47.27
N SER B 199 -7.38 -53.57 -47.93
CA SER B 199 -6.65 -52.37 -47.54
C SER B 199 -7.61 -51.22 -47.37
N GLY B 200 -7.25 -50.29 -46.49
CA GLY B 200 -8.07 -49.12 -46.24
C GLY B 200 -7.22 -47.91 -45.97
N ARG B 201 -7.82 -46.74 -46.23
CA ARG B 201 -7.13 -45.47 -46.03
C ARG B 201 -8.18 -44.36 -46.00
N ILE B 202 -8.10 -43.51 -44.98
CA ILE B 202 -9.03 -42.41 -44.80
C ILE B 202 -8.26 -41.10 -44.88
N THR B 203 -8.71 -40.20 -45.74
CA THR B 203 -8.06 -38.92 -45.96
C THR B 203 -9.10 -37.81 -46.01
N VAL B 204 -9.06 -36.91 -45.04
CA VAL B 204 -9.88 -35.71 -45.05
C VAL B 204 -8.95 -34.51 -45.22
N SER B 205 -9.48 -33.43 -45.79
CA SER B 205 -8.65 -32.28 -46.09
C SER B 205 -9.51 -31.02 -46.09
N THR B 206 -8.83 -29.88 -45.96
CA THR B 206 -9.45 -28.56 -46.05
C THR B 206 -8.58 -27.67 -46.92
N LYS B 207 -8.85 -26.37 -46.93
CA LYS B 207 -8.04 -25.42 -47.70
C LYS B 207 -6.79 -24.99 -46.95
N ARG B 208 -6.58 -25.45 -45.72
CA ARG B 208 -5.36 -25.11 -44.98
C ARG B 208 -4.72 -26.29 -44.27
N SER B 209 -5.39 -27.42 -44.12
CA SER B 209 -4.82 -28.57 -43.44
C SER B 209 -5.39 -29.86 -44.02
N GLN B 210 -4.68 -30.95 -43.79
CA GLN B 210 -5.10 -32.26 -44.29
C GLN B 210 -4.77 -33.31 -43.25
N GLN B 211 -5.64 -34.31 -43.12
CA GLN B 211 -5.43 -35.43 -42.21
C GLN B 211 -5.58 -36.72 -42.98
N ALA B 212 -4.56 -37.58 -42.88
CA ALA B 212 -4.58 -38.91 -43.49
C ALA B 212 -4.13 -39.92 -42.44
N VAL B 213 -4.92 -40.97 -42.26
CA VAL B 213 -4.64 -42.01 -41.28
C VAL B 213 -4.76 -43.36 -41.96
N ILE B 214 -4.12 -44.37 -41.39
CA ILE B 214 -4.13 -45.73 -41.92
C ILE B 214 -4.67 -46.65 -40.83
N PRO B 215 -5.70 -47.45 -41.11
CA PRO B 215 -6.19 -48.40 -40.09
C PRO B 215 -5.17 -49.48 -39.81
N ASN B 216 -5.13 -49.92 -38.56
CA ASN B 216 -4.20 -50.96 -38.12
C ASN B 216 -5.02 -52.12 -37.57
N ILE B 217 -5.06 -53.21 -38.32
CA ILE B 217 -5.76 -54.41 -37.89
C ILE B 217 -4.89 -55.15 -36.88
N GLY B 218 -5.45 -55.44 -35.71
CA GLY B 218 -4.69 -56.11 -34.68
C GLY B 218 -5.61 -56.49 -33.53
N TYR B 219 -5.01 -57.12 -32.53
CA TYR B 219 -5.75 -57.63 -31.38
C TYR B 219 -5.57 -56.71 -30.18
N ARG B 220 -6.66 -56.46 -29.49
CA ARG B 220 -6.70 -55.62 -28.29
C ARG B 220 -7.36 -56.42 -27.18
N PRO B 221 -7.10 -56.06 -25.92
CA PRO B 221 -7.81 -56.71 -24.82
C PRO B 221 -9.31 -56.52 -24.93
N ARG B 222 -10.05 -57.56 -24.56
CA ARG B 222 -11.51 -57.56 -24.75
C ARG B 222 -12.17 -56.66 -23.72
N ILE B 223 -12.95 -55.69 -24.21
CA ILE B 223 -13.71 -54.78 -23.36
C ILE B 223 -15.17 -54.87 -23.78
N ARG B 224 -16.04 -55.20 -22.83
CA ARG B 224 -17.48 -55.34 -23.05
C ARG B 224 -17.78 -56.30 -24.20
N ASN B 225 -17.05 -57.41 -24.22
CA ASN B 225 -17.16 -58.46 -25.25
C ASN B 225 -16.93 -57.87 -26.65
N ILE B 226 -16.00 -56.93 -26.76
CA ILE B 226 -15.59 -56.37 -28.03
C ILE B 226 -14.07 -56.22 -28.01
N PRO B 227 -13.34 -56.83 -28.95
CA PRO B 227 -11.87 -56.74 -28.94
C PRO B 227 -11.29 -55.64 -29.82
N SER B 228 -12.11 -54.75 -30.37
CA SER B 228 -11.64 -53.75 -31.31
C SER B 228 -11.58 -52.38 -30.66
N ARG B 229 -10.99 -51.43 -31.37
CA ARG B 229 -10.85 -50.06 -30.89
C ARG B 229 -11.22 -49.10 -32.01
N ILE B 230 -11.62 -47.89 -31.63
CA ILE B 230 -12.01 -46.86 -32.57
C ILE B 230 -11.22 -45.59 -32.24
N SER B 231 -10.53 -45.05 -33.24
CA SER B 231 -9.79 -43.80 -33.08
C SER B 231 -10.68 -42.63 -33.49
N ILE B 232 -10.73 -41.61 -32.64
CA ILE B 232 -11.57 -40.45 -32.84
C ILE B 232 -10.69 -39.27 -33.19
N TYR B 233 -11.04 -38.56 -34.27
CA TYR B 233 -10.31 -37.37 -34.69
C TYR B 233 -11.30 -36.23 -34.92
N TRP B 234 -10.83 -35.02 -34.70
CA TRP B 234 -11.65 -33.82 -34.86
C TRP B 234 -11.02 -32.91 -35.91
N THR B 235 -11.87 -32.23 -36.67
CA THR B 235 -11.44 -31.29 -37.70
C THR B 235 -12.23 -30.01 -37.59
N ILE B 236 -11.55 -28.87 -37.75
CA ILE B 236 -12.17 -27.56 -37.66
C ILE B 236 -12.20 -26.97 -39.07
N VAL B 237 -13.39 -26.56 -39.51
CA VAL B 237 -13.58 -25.98 -40.83
C VAL B 237 -13.88 -24.50 -40.66
N LYS B 238 -13.01 -23.65 -41.19
CA LYS B 238 -13.20 -22.21 -41.13
C LYS B 238 -14.32 -21.80 -42.06
N PRO B 239 -14.94 -20.63 -41.82
CA PRO B 239 -15.93 -20.12 -42.78
C PRO B 239 -15.30 -19.89 -44.15
N GLY B 240 -16.06 -20.26 -45.19
CA GLY B 240 -15.59 -20.18 -46.55
C GLY B 240 -14.74 -21.34 -47.00
N ASP B 241 -14.45 -22.30 -46.11
CA ASP B 241 -13.64 -23.46 -46.45
C ASP B 241 -14.54 -24.57 -46.99
N ILE B 242 -13.91 -25.67 -47.41
CA ILE B 242 -14.62 -26.84 -47.92
C ILE B 242 -13.99 -28.08 -47.30
N LEU B 243 -14.81 -28.93 -46.70
CA LEU B 243 -14.36 -30.19 -46.12
C LEU B 243 -14.61 -31.32 -47.13
N LEU B 244 -13.55 -32.00 -47.52
CA LEU B 244 -13.60 -33.09 -48.48
C LEU B 244 -13.12 -34.37 -47.83
N ILE B 245 -13.92 -35.44 -47.94
CA ILE B 245 -13.59 -36.73 -47.36
C ILE B 245 -13.43 -37.73 -48.49
N ASN B 246 -12.25 -38.35 -48.58
CA ASN B 246 -11.99 -39.43 -49.51
C ASN B 246 -11.45 -40.61 -48.73
N SER B 247 -12.13 -41.75 -48.83
CA SER B 247 -11.76 -42.94 -48.08
C SER B 247 -12.14 -44.17 -48.87
N THR B 248 -11.50 -45.29 -48.53
CA THR B 248 -11.79 -46.58 -49.15
C THR B 248 -12.12 -47.65 -48.11
N GLY B 249 -12.55 -47.25 -46.92
CA GLY B 249 -12.90 -48.20 -45.88
C GLY B 249 -12.50 -47.75 -44.49
N ASN B 250 -13.07 -48.40 -43.47
CA ASN B 250 -12.77 -48.14 -42.06
C ASN B 250 -13.04 -46.67 -41.71
N LEU B 251 -14.16 -46.14 -42.18
CA LEU B 251 -14.53 -44.75 -41.94
C LEU B 251 -15.80 -44.70 -41.11
N ILE B 252 -15.76 -43.95 -40.01
CA ILE B 252 -16.93 -43.67 -39.20
C ILE B 252 -17.36 -42.25 -39.54
N ALA B 253 -18.26 -42.13 -40.51
CA ALA B 253 -18.65 -40.82 -41.00
C ALA B 253 -19.52 -40.09 -39.99
N PRO B 254 -19.35 -38.78 -39.85
CA PRO B 254 -20.22 -38.01 -38.96
C PRO B 254 -21.62 -37.81 -39.56
N ARG B 255 -22.56 -37.50 -38.68
CA ARG B 255 -23.93 -37.20 -39.09
C ARG B 255 -24.17 -35.71 -39.30
N GLY B 256 -23.15 -34.87 -39.05
CA GLY B 256 -23.32 -33.43 -39.20
C GLY B 256 -22.12 -32.64 -38.75
N TYR B 257 -22.35 -31.59 -37.96
CA TYR B 257 -21.28 -30.72 -37.50
C TYR B 257 -21.60 -30.20 -36.11
N PHE B 258 -20.56 -29.74 -35.43
CA PHE B 258 -20.69 -29.17 -34.09
C PHE B 258 -20.29 -27.71 -34.12
N LYS B 259 -21.09 -26.86 -33.47
CA LYS B 259 -20.76 -25.46 -33.36
C LYS B 259 -19.70 -25.26 -32.29
N ILE B 260 -18.70 -24.42 -32.59
CA ILE B 260 -17.62 -24.12 -31.67
C ILE B 260 -17.55 -22.61 -31.48
N ARG B 261 -17.56 -22.17 -30.22
CA ARG B 261 -17.48 -20.75 -29.90
C ARG B 261 -16.36 -20.49 -28.89
N SER B 262 -16.33 -19.27 -28.35
CA SER B 262 -15.39 -18.92 -27.29
C SER B 262 -16.16 -18.21 -26.19
N GLY B 263 -15.72 -18.42 -24.95
CA GLY B 263 -16.40 -17.83 -23.82
C GLY B 263 -15.73 -18.20 -22.52
N LYS B 264 -16.49 -18.04 -21.43
CA LYS B 264 -15.99 -18.29 -20.09
C LYS B 264 -16.33 -19.67 -19.57
N SER B 265 -16.86 -20.55 -20.42
CA SER B 265 -17.14 -21.91 -20.01
C SER B 265 -15.85 -22.69 -19.76
N SER B 266 -15.88 -23.56 -18.76
CA SER B 266 -14.73 -24.38 -18.40
C SER B 266 -15.22 -25.72 -17.87
N ILE B 267 -14.28 -26.54 -17.42
CA ILE B 267 -14.58 -27.90 -16.99
C ILE B 267 -13.74 -28.21 -15.76
N MET B 268 -14.30 -29.01 -14.86
CA MET B 268 -13.63 -29.33 -13.60
C MET B 268 -14.24 -30.59 -13.02
N ARG B 269 -13.38 -31.48 -12.51
CA ARG B 269 -13.82 -32.72 -11.87
C ARG B 269 -14.11 -32.47 -10.40
N SER B 270 -15.32 -32.81 -9.97
CA SER B 270 -15.73 -32.62 -8.59
C SER B 270 -16.73 -33.69 -8.20
N ASP B 271 -16.87 -33.90 -6.89
CA ASP B 271 -17.85 -34.82 -6.33
C ASP B 271 -18.94 -34.13 -5.51
N ALA B 272 -18.81 -32.84 -5.22
CA ALA B 272 -19.80 -32.15 -4.42
C ALA B 272 -21.10 -31.99 -5.20
N PRO B 273 -22.25 -32.11 -4.55
CA PRO B 273 -23.53 -31.94 -5.25
C PRO B 273 -23.82 -30.48 -5.53
N ILE B 274 -24.90 -30.26 -6.30
CA ILE B 274 -25.32 -28.91 -6.65
C ILE B 274 -26.05 -28.29 -5.47
N GLY B 275 -26.24 -26.97 -5.54
CA GLY B 275 -26.91 -26.27 -4.47
C GLY B 275 -27.23 -24.84 -4.87
N LYS B 276 -27.69 -24.08 -3.88
CA LYS B 276 -28.06 -22.68 -4.06
C LYS B 276 -27.27 -21.83 -3.08
N CYS B 277 -26.66 -20.76 -3.58
CA CYS B 277 -25.89 -19.84 -2.76
C CYS B 277 -25.82 -18.51 -3.50
N ASN B 278 -24.92 -17.63 -3.06
CA ASN B 278 -24.62 -16.39 -3.79
C ASN B 278 -23.11 -16.16 -3.72
N SER B 279 -22.39 -16.70 -4.68
CA SER B 279 -20.94 -16.57 -4.73
C SER B 279 -20.46 -16.87 -6.14
N GLU B 280 -19.24 -16.42 -6.42
CA GLU B 280 -18.62 -16.59 -7.74
C GLU B 280 -17.32 -17.38 -7.63
N CYS B 281 -17.32 -18.40 -6.78
CA CYS B 281 -16.17 -19.28 -6.60
C CYS B 281 -16.63 -20.73 -6.68
N ILE B 282 -16.00 -21.50 -7.57
CA ILE B 282 -16.30 -22.92 -7.73
C ILE B 282 -14.99 -23.69 -7.63
N THR B 283 -14.88 -24.55 -6.62
CA THR B 283 -13.72 -25.37 -6.34
C THR B 283 -14.16 -26.82 -6.28
N PRO B 284 -13.23 -27.77 -6.48
CA PRO B 284 -13.61 -29.19 -6.39
C PRO B 284 -14.17 -29.57 -5.02
N ASN B 285 -13.69 -28.96 -3.95
CA ASN B 285 -14.26 -29.21 -2.63
C ASN B 285 -15.66 -28.65 -2.51
N GLY B 286 -15.91 -27.50 -3.13
CA GLY B 286 -17.21 -26.85 -3.04
C GLY B 286 -17.10 -25.38 -3.44
N SER B 287 -17.95 -24.57 -2.83
CA SER B 287 -17.96 -23.14 -3.07
C SER B 287 -17.47 -22.40 -1.83
N ILE B 288 -16.72 -21.32 -2.05
CA ILE B 288 -16.20 -20.51 -0.95
C ILE B 288 -16.60 -19.06 -1.18
N PRO B 289 -16.73 -18.25 -0.12
CA PRO B 289 -16.95 -16.82 -0.33
C PRO B 289 -15.72 -16.16 -0.95
N ASN B 290 -15.97 -15.15 -1.77
CA ASN B 290 -14.91 -14.43 -2.47
C ASN B 290 -14.57 -13.10 -1.80
N ASP B 291 -15.11 -12.83 -0.61
CA ASP B 291 -14.82 -11.58 0.08
C ASP B 291 -13.35 -11.51 0.50
N LYS B 292 -12.80 -12.61 1.01
CA LYS B 292 -11.42 -12.64 1.43
C LYS B 292 -10.49 -12.53 0.22
N PRO B 293 -9.32 -11.89 0.39
CA PRO B 293 -8.40 -11.74 -0.74
C PRO B 293 -7.60 -12.99 -1.06
N PHE B 294 -7.55 -13.97 -0.17
CA PHE B 294 -6.77 -15.17 -0.39
C PHE B 294 -7.52 -16.38 0.12
N GLN B 295 -7.11 -17.57 -0.35
CA GLN B 295 -7.68 -18.82 0.10
C GLN B 295 -6.67 -19.93 -0.09
N ASN B 296 -6.90 -21.04 0.61
CA ASN B 296 -6.02 -22.19 0.51
C ASN B 296 -6.78 -23.53 0.44
N VAL B 297 -8.07 -23.49 0.10
CA VAL B 297 -8.85 -24.72 0.04
C VAL B 297 -8.39 -25.59 -1.12
N ASN B 298 -8.21 -24.99 -2.31
CA ASN B 298 -7.76 -25.74 -3.46
C ASN B 298 -7.15 -24.76 -4.47
N ARG B 299 -6.31 -25.29 -5.35
CA ARG B 299 -5.63 -24.49 -6.35
C ARG B 299 -6.41 -24.36 -7.65
N ILE B 300 -7.54 -25.04 -7.78
CA ILE B 300 -8.39 -24.94 -8.97
C ILE B 300 -9.51 -23.98 -8.64
N THR B 301 -9.65 -22.93 -9.45
CA THR B 301 -10.63 -21.87 -9.20
C THR B 301 -11.32 -21.51 -10.51
N TYR B 302 -12.35 -20.68 -10.40
CA TYR B 302 -13.11 -20.22 -11.56
C TYR B 302 -13.80 -18.92 -11.18
N GLY B 303 -13.81 -17.98 -12.12
CA GLY B 303 -14.45 -16.70 -11.89
C GLY B 303 -13.59 -15.79 -11.03
N ALA B 304 -14.26 -14.81 -10.42
CA ALA B 304 -13.60 -13.89 -9.51
C ALA B 304 -13.33 -14.63 -8.20
N CYS B 305 -12.23 -15.37 -8.17
CA CYS B 305 -11.91 -16.20 -7.04
C CYS B 305 -10.49 -15.90 -6.58
N PRO B 306 -10.22 -15.90 -5.28
CA PRO B 306 -8.90 -15.49 -4.78
C PRO B 306 -7.81 -16.48 -5.16
N ARG B 307 -6.57 -16.04 -4.95
CA ARG B 307 -5.40 -16.85 -5.26
C ARG B 307 -5.23 -17.96 -4.22
N TYR B 308 -4.30 -18.86 -4.51
CA TYR B 308 -4.01 -20.00 -3.65
C TYR B 308 -2.66 -19.77 -2.98
N VAL B 309 -2.70 -19.47 -1.67
CA VAL B 309 -1.48 -19.29 -0.91
C VAL B 309 -1.18 -20.59 -0.16
N LYS B 310 0.09 -20.74 0.23
CA LYS B 310 0.52 -21.93 0.95
C LYS B 310 0.36 -21.82 2.45
N GLN B 311 0.33 -20.61 3.00
CA GLN B 311 0.19 -20.44 4.43
C GLN B 311 -1.21 -20.83 4.90
N SER B 312 -1.27 -21.52 6.04
CA SER B 312 -2.55 -21.95 6.57
C SER B 312 -3.40 -20.77 7.02
N THR B 313 -2.79 -19.77 7.66
CA THR B 313 -3.50 -18.59 8.12
C THR B 313 -2.63 -17.36 7.95
N LEU B 314 -3.28 -16.23 7.67
CA LEU B 314 -2.62 -14.94 7.55
C LEU B 314 -3.49 -13.89 8.22
N LYS B 315 -2.96 -13.25 9.26
CA LYS B 315 -3.73 -12.32 10.09
C LYS B 315 -3.20 -10.92 9.89
N LEU B 316 -4.09 -9.99 9.50
CA LEU B 316 -3.75 -8.59 9.33
C LEU B 316 -4.35 -7.79 10.48
N ALA B 317 -3.52 -6.98 11.13
CA ALA B 317 -3.94 -6.22 12.30
C ALA B 317 -4.83 -5.06 11.87
N THR B 318 -6.09 -5.10 12.27
CA THR B 318 -7.04 -4.02 12.00
C THR B 318 -7.17 -3.07 13.18
N GLY B 319 -6.13 -2.94 13.99
CA GLY B 319 -6.15 -2.07 15.15
C GLY B 319 -4.75 -1.72 15.59
N MET B 320 -4.65 -1.16 16.78
CA MET B 320 -3.38 -0.75 17.37
C MET B 320 -3.02 -1.68 18.53
N ARG B 321 -1.77 -1.58 18.97
CA ARG B 321 -1.30 -2.39 20.08
C ARG B 321 -1.97 -1.95 21.38
N ASN B 322 -2.28 -2.92 22.24
CA ASN B 322 -3.00 -2.67 23.48
C ASN B 322 -2.09 -2.48 24.68
N VAL B 323 -1.02 -3.27 24.77
CA VAL B 323 -0.13 -3.32 25.93
C VAL B 323 -0.96 -3.56 27.19
N PRO B 324 -1.49 -4.81 27.38
CA PRO B 324 -2.58 -5.12 28.32
C PRO B 324 -3.20 -4.00 29.16
N GLU B 325 -3.11 -4.12 30.48
CA GLU B 325 -3.75 -3.18 31.40
C GLU B 325 -2.84 -2.93 32.58
N LYS B 326 -3.26 -2.00 33.44
CA LYS B 326 -2.48 -1.66 34.63
C LYS B 326 -2.59 -2.71 35.72
N GLN B 327 -3.74 -3.38 35.83
CA GLN B 327 -4.04 -4.35 36.88
C GLN B 327 -3.96 -3.76 38.27
N THR B 328 -4.06 -4.61 39.29
CA THR B 328 -4.04 -4.26 40.73
C THR B 328 -4.71 -2.93 41.09
N GLY C 1 -6.05 37.44 3.41
CA GLY C 1 -5.45 38.16 2.30
C GLY C 1 -4.56 39.31 2.75
N ILE C 2 -4.02 39.20 3.96
CA ILE C 2 -3.16 40.22 4.54
C ILE C 2 -1.95 39.54 5.15
N PHE C 3 -0.89 40.33 5.35
CA PHE C 3 0.32 39.84 5.99
C PHE C 3 0.14 39.92 7.50
N GLY C 4 0.04 38.76 8.15
CA GLY C 4 -0.11 38.70 9.59
C GLY C 4 0.73 37.61 10.22
N ALA C 5 1.88 37.33 9.58
CA ALA C 5 2.79 36.25 9.99
C ALA C 5 2.05 34.91 10.04
N ILE C 6 1.61 34.47 8.86
CA ILE C 6 0.85 33.22 8.77
C ILE C 6 1.72 32.04 9.15
N ALA C 7 1.06 30.95 9.53
CA ALA C 7 1.72 29.83 10.19
C ALA C 7 2.52 29.00 9.17
N GLY C 8 3.02 27.86 9.61
CA GLY C 8 3.93 27.06 8.80
C GLY C 8 3.46 25.66 8.47
N PHE C 9 4.27 24.67 8.83
CA PHE C 9 4.12 23.32 8.30
C PHE C 9 2.80 22.67 8.73
N ILE C 10 2.40 22.87 9.99
CA ILE C 10 1.22 22.18 10.50
C ILE C 10 -0.09 22.82 10.06
N GLU C 11 -0.06 24.03 9.51
CA GLU C 11 -1.30 24.69 9.12
C GLU C 11 -1.37 25.03 7.63
N ASN C 12 -0.31 25.63 7.07
CA ASN C 12 -0.40 26.24 5.75
C ASN C 12 0.72 25.77 4.84
N GLY C 13 0.57 26.12 3.56
CA GLY C 13 1.62 25.94 2.57
C GLY C 13 1.76 27.22 1.76
N TRP C 14 2.95 27.81 1.78
CA TRP C 14 3.14 29.12 1.17
C TRP C 14 3.18 29.00 -0.35
N GLU C 15 2.84 30.11 -1.01
CA GLU C 15 2.81 30.15 -2.47
C GLU C 15 3.93 30.97 -3.09
N GLY C 16 4.49 31.94 -2.37
CA GLY C 16 5.59 32.74 -2.89
C GLY C 16 6.96 32.13 -2.76
N MET C 17 7.05 30.92 -2.18
CA MET C 17 8.32 30.25 -1.97
C MET C 17 8.57 29.35 -3.18
N VAL C 18 9.28 29.87 -4.19
CA VAL C 18 9.43 29.14 -5.44
C VAL C 18 10.88 28.74 -5.67
N ASP C 19 11.82 29.55 -5.17
CA ASP C 19 13.23 29.22 -5.33
C ASP C 19 13.63 28.08 -4.40
N GLY C 20 13.06 28.05 -3.19
CA GLY C 20 13.34 27.02 -2.23
C GLY C 20 12.16 26.08 -2.01
N TRP C 21 12.32 25.23 -1.00
CA TRP C 21 11.30 24.27 -0.60
C TRP C 21 10.91 24.41 0.87
N TYR C 22 11.87 24.67 1.74
CA TYR C 22 11.62 24.88 3.18
C TYR C 22 12.28 26.20 3.56
N GLY C 23 11.52 27.29 3.44
CA GLY C 23 12.06 28.61 3.74
C GLY C 23 11.51 29.22 5.01
N PHE C 24 12.14 30.31 5.47
CA PHE C 24 11.70 31.03 6.66
C PHE C 24 10.92 32.27 6.26
N ARG C 25 10.25 32.85 7.27
CA ARG C 25 9.53 34.11 7.10
C ARG C 25 9.43 34.76 8.47
N HIS C 26 10.17 35.84 8.70
CA HIS C 26 10.23 36.49 9.99
C HIS C 26 9.50 37.84 9.93
N GLN C 27 8.86 38.19 11.04
CA GLN C 27 8.19 39.49 11.20
C GLN C 27 8.84 40.18 12.38
N ASN C 28 9.74 41.11 12.09
CA ASN C 28 10.48 41.89 13.09
C ASN C 28 10.20 43.38 12.88
N SER C 29 11.01 44.21 13.55
CA SER C 29 10.85 45.66 13.45
C SER C 29 10.90 46.16 12.02
N GLU C 30 11.64 45.47 11.14
CA GLU C 30 11.58 45.79 9.72
C GLU C 30 10.26 45.29 9.12
N GLY C 31 10.01 43.99 9.19
CA GLY C 31 8.68 43.48 8.90
C GLY C 31 8.55 42.25 8.03
N ARG C 32 9.45 42.06 7.06
CA ARG C 32 9.31 41.00 6.07
C ARG C 32 10.54 40.10 6.08
N GLY C 33 10.31 38.79 5.96
CA GLY C 33 11.41 37.83 6.01
C GLY C 33 11.28 36.62 5.11
N GLN C 34 10.47 36.71 4.06
CA GLN C 34 10.28 35.59 3.14
C GLN C 34 11.55 35.36 2.34
N ALA C 35 12.23 34.25 2.62
CA ALA C 35 13.47 33.91 1.92
C ALA C 35 13.69 32.40 1.97
N ALA C 36 14.57 31.93 1.10
CA ALA C 36 14.87 30.51 0.97
C ALA C 36 15.97 30.09 1.96
N ASP C 37 16.14 28.77 2.09
CA ASP C 37 17.07 28.20 3.05
C ASP C 37 17.65 26.95 2.39
N LEU C 38 18.89 26.61 2.74
CA LEU C 38 19.60 25.53 2.06
C LEU C 38 19.73 24.30 2.96
N LYS C 39 20.21 23.20 2.38
CA LYS C 39 20.57 21.95 3.06
C LYS C 39 19.34 21.19 3.54
N SER C 40 18.16 21.82 3.48
CA SER C 40 16.93 21.12 3.79
C SER C 40 16.11 20.86 2.53
N THR C 41 16.16 21.78 1.57
CA THR C 41 15.53 21.55 0.28
C THR C 41 16.25 20.45 -0.48
N GLN C 42 17.58 20.51 -0.49
CA GLN C 42 18.40 19.54 -1.22
C GLN C 42 18.28 18.14 -0.60
N ALA C 43 18.20 18.07 0.73
CA ALA C 43 18.03 16.81 1.43
C ALA C 43 16.72 16.14 1.07
N ALA C 44 15.64 16.92 1.00
CA ALA C 44 14.36 16.40 0.55
C ALA C 44 14.42 16.03 -0.93
N ILE C 45 15.18 16.80 -1.71
CA ILE C 45 15.38 16.52 -3.13
C ILE C 45 16.14 15.21 -3.30
N ASP C 46 17.17 15.01 -2.48
CA ASP C 46 18.10 13.88 -2.66
C ASP C 46 17.41 12.52 -2.71
N CYS C 47 16.45 12.30 -1.82
CA CYS C 47 15.72 11.03 -1.84
C CYS C 47 14.76 10.96 -3.02
N ILE C 48 14.42 12.11 -3.61
CA ILE C 48 13.45 12.13 -4.71
C ILE C 48 14.09 11.64 -6.00
N ASN C 49 15.27 12.17 -6.33
CA ASN C 49 15.90 11.75 -7.58
C ASN C 49 16.41 10.32 -7.46
N GLY C 50 16.85 9.94 -6.26
CA GLY C 50 17.36 8.60 -6.02
C GLY C 50 16.32 7.54 -6.32
N LYS C 51 15.06 7.84 -6.02
CA LYS C 51 13.95 7.00 -6.43
C LYS C 51 13.79 7.01 -7.94
N LEU C 52 14.01 8.18 -8.55
CA LEU C 52 13.77 8.35 -9.98
C LEU C 52 14.79 7.62 -10.85
N ASN C 53 16.08 7.78 -10.57
CA ASN C 53 17.12 7.19 -11.41
C ASN C 53 17.09 5.66 -11.35
N ARG C 54 16.80 5.12 -10.17
CA ARG C 54 16.68 3.67 -10.02
C ARG C 54 15.46 3.15 -10.77
N LEU C 55 14.46 4.00 -10.95
CA LEU C 55 13.23 3.62 -11.64
C LEU C 55 13.22 4.00 -13.11
N ILE C 56 13.90 5.09 -13.49
CA ILE C 56 13.93 5.56 -14.87
C ILE C 56 15.24 5.14 -15.51
N GLY C 57 15.17 4.40 -16.61
CA GLY C 57 16.32 3.95 -17.33
C GLY C 57 16.75 2.52 -17.04
N LYS C 58 16.29 1.94 -15.94
CA LYS C 58 16.63 0.57 -15.57
C LYS C 58 15.73 -0.37 -16.38
N THR C 59 16.22 -0.75 -17.56
CA THR C 59 15.46 -1.57 -18.49
C THR C 59 16.25 -2.83 -18.81
N ASN C 60 15.57 -3.97 -18.83
CA ASN C 60 16.21 -5.25 -19.13
C ASN C 60 16.09 -5.60 -20.60
N GLU C 61 16.69 -6.71 -20.98
CA GLU C 61 16.77 -7.16 -22.37
C GLU C 61 15.88 -8.37 -22.58
N LYS C 62 14.99 -8.28 -23.57
CA LYS C 62 14.19 -9.42 -24.01
C LYS C 62 14.08 -9.34 -25.53
N PHE C 63 14.53 -10.39 -26.21
CA PHE C 63 14.62 -10.39 -27.67
C PHE C 63 13.66 -11.36 -28.32
N HIS C 64 13.73 -12.65 -27.97
CA HIS C 64 12.91 -13.68 -28.58
C HIS C 64 11.98 -14.26 -27.52
N GLN C 65 10.68 -14.26 -27.79
CA GLN C 65 9.67 -14.75 -26.89
C GLN C 65 8.65 -15.56 -27.67
N ILE C 66 7.80 -16.28 -26.95
CA ILE C 66 6.74 -17.08 -27.56
C ILE C 66 5.66 -16.15 -28.10
N GLU C 67 4.82 -16.66 -28.98
CA GLU C 67 3.72 -15.86 -29.52
C GLU C 67 2.70 -15.58 -28.42
N LYS C 68 2.21 -14.34 -28.37
CA LYS C 68 1.30 -13.93 -27.31
C LYS C 68 -0.16 -14.02 -27.74
N GLU C 69 -0.44 -13.94 -29.03
CA GLU C 69 -1.79 -14.06 -29.56
C GLU C 69 -1.78 -15.07 -30.71
N PHE C 70 -2.90 -15.75 -30.90
CA PHE C 70 -3.00 -16.81 -31.89
C PHE C 70 -4.27 -16.63 -32.71
N SER C 71 -4.23 -17.12 -33.95
CA SER C 71 -5.36 -17.06 -34.85
C SER C 71 -6.07 -18.39 -35.04
N GLU C 72 -5.47 -19.49 -34.61
CA GLU C 72 -6.04 -20.81 -34.75
C GLU C 72 -6.14 -21.47 -33.38
N VAL C 73 -7.28 -22.11 -33.11
CA VAL C 73 -7.48 -22.78 -31.84
C VAL C 73 -6.68 -24.08 -31.81
N GLU C 74 -5.89 -24.25 -30.74
CA GLU C 74 -5.08 -25.44 -30.58
C GLU C 74 -5.37 -26.12 -29.25
N GLY C 75 -4.56 -27.11 -28.87
CA GLY C 75 -4.81 -27.88 -27.68
C GLY C 75 -4.19 -27.32 -26.42
N ARG C 76 -3.46 -28.18 -25.69
CA ARG C 76 -2.90 -27.78 -24.40
C ARG C 76 -1.74 -26.81 -24.55
N ILE C 77 -1.03 -26.84 -25.69
CA ILE C 77 0.12 -25.97 -25.88
C ILE C 77 -0.32 -24.51 -25.96
N GLN C 78 -1.36 -24.24 -26.76
CA GLN C 78 -1.88 -22.88 -26.85
C GLN C 78 -2.50 -22.44 -25.53
N ASP C 79 -3.17 -23.36 -24.83
CA ASP C 79 -3.73 -23.05 -23.52
C ASP C 79 -2.64 -22.72 -22.51
N LEU C 80 -1.54 -23.47 -22.54
CA LEU C 80 -0.44 -23.23 -21.61
C LEU C 80 0.26 -21.91 -21.92
N GLU C 81 0.48 -21.62 -23.20
CA GLU C 81 1.14 -20.37 -23.58
C GLU C 81 0.29 -19.15 -23.22
N LYS C 82 -1.03 -19.29 -23.33
CA LYS C 82 -1.92 -18.19 -22.95
C LYS C 82 -1.89 -17.95 -21.44
N TYR C 83 -1.84 -19.03 -20.65
CA TYR C 83 -1.81 -18.88 -19.20
C TYR C 83 -0.46 -18.36 -18.75
N VAL C 84 0.63 -18.87 -19.34
CA VAL C 84 1.98 -18.53 -18.89
C VAL C 84 2.29 -17.04 -19.08
N GLU C 85 1.51 -16.34 -19.89
CA GLU C 85 1.64 -14.88 -19.98
C GLU C 85 0.60 -14.16 -19.12
N ASP C 86 -0.56 -14.79 -18.90
CA ASP C 86 -1.57 -14.19 -18.03
C ASP C 86 -1.06 -14.09 -16.60
N THR C 87 -0.35 -15.11 -16.12
CA THR C 87 0.24 -15.03 -14.78
C THR C 87 1.42 -14.08 -14.74
N LYS C 88 2.10 -13.88 -15.87
CA LYS C 88 3.23 -12.95 -15.89
C LYS C 88 2.76 -11.51 -15.87
N ILE C 89 1.70 -11.19 -16.62
CA ILE C 89 1.13 -9.84 -16.60
C ILE C 89 0.51 -9.54 -15.24
N ASP C 90 -0.20 -10.50 -14.67
CA ASP C 90 -0.89 -10.28 -13.40
C ASP C 90 0.10 -10.04 -12.27
N LEU C 91 1.20 -10.79 -12.24
CA LEU C 91 2.20 -10.60 -11.19
C LEU C 91 2.97 -9.30 -11.36
N TRP C 92 3.26 -8.91 -12.61
CA TRP C 92 3.95 -7.65 -12.84
C TRP C 92 3.06 -6.45 -12.53
N SER C 93 1.76 -6.56 -12.80
CA SER C 93 0.84 -5.47 -12.53
C SER C 93 0.71 -5.22 -11.03
N TYR C 94 0.64 -6.29 -10.24
CA TYR C 94 0.59 -6.13 -8.78
C TYR C 94 1.91 -5.60 -8.25
N ASN C 95 3.02 -6.01 -8.85
CA ASN C 95 4.33 -5.50 -8.44
C ASN C 95 4.43 -4.00 -8.70
N ALA C 96 3.87 -3.53 -9.82
CA ALA C 96 3.89 -2.11 -10.13
C ALA C 96 3.06 -1.32 -9.13
N GLU C 97 1.87 -1.81 -8.78
CA GLU C 97 1.00 -1.09 -7.85
C GLU C 97 1.59 -1.09 -6.45
N LEU C 98 2.15 -2.22 -6.01
CA LEU C 98 2.75 -2.28 -4.67
C LEU C 98 3.99 -1.40 -4.60
N LEU C 99 4.77 -1.34 -5.67
CA LEU C 99 5.97 -0.52 -5.67
C LEU C 99 5.63 0.96 -5.56
N VAL C 100 4.72 1.44 -6.42
CA VAL C 100 4.44 2.87 -6.47
C VAL C 100 3.70 3.33 -5.21
N ALA C 101 2.87 2.47 -4.63
CA ALA C 101 2.19 2.85 -3.39
C ALA C 101 3.17 2.93 -2.22
N LEU C 102 4.09 1.98 -2.14
CA LEU C 102 5.09 1.99 -1.08
C LEU C 102 6.11 3.10 -1.31
N GLU C 103 6.48 3.34 -2.57
CA GLU C 103 7.37 4.44 -2.91
C GLU C 103 6.72 5.78 -2.57
N ASN C 104 5.40 5.85 -2.66
CA ASN C 104 4.69 7.10 -2.41
C ASN C 104 4.65 7.43 -0.92
N GLN C 105 4.39 6.42 -0.09
CA GLN C 105 4.27 6.66 1.36
C GLN C 105 5.58 7.14 1.95
N HIS C 106 6.70 6.56 1.52
CA HIS C 106 8.00 7.00 2.02
C HIS C 106 8.34 8.40 1.53
N THR C 107 7.81 8.80 0.38
CA THR C 107 8.07 10.15 -0.12
C THR C 107 7.40 11.20 0.77
N ILE C 108 6.13 11.01 1.10
CA ILE C 108 5.40 11.97 1.93
C ILE C 108 5.92 11.94 3.36
N ASP C 109 6.20 10.73 3.89
CA ASP C 109 6.64 10.61 5.27
C ASP C 109 8.02 11.24 5.48
N LEU C 110 8.93 11.04 4.53
CA LEU C 110 10.27 11.62 4.68
C LEU C 110 10.22 13.14 4.59
N THR C 111 9.41 13.68 3.68
CA THR C 111 9.33 15.13 3.51
C THR C 111 8.71 15.79 4.75
N ASP C 112 7.68 15.17 5.32
CA ASP C 112 7.10 15.70 6.56
C ASP C 112 8.09 15.58 7.72
N SER C 113 8.82 14.47 7.78
CA SER C 113 9.82 14.31 8.85
C SER C 113 11.02 15.21 8.65
N GLU C 114 11.38 15.49 7.40
CA GLU C 114 12.53 16.36 7.13
C GLU C 114 12.29 17.77 7.65
N MET C 115 11.08 18.30 7.46
CA MET C 115 10.78 19.64 7.93
C MET C 115 10.65 19.66 9.45
N ASN C 116 10.11 18.58 10.03
CA ASN C 116 10.00 18.50 11.48
C ASN C 116 11.37 18.52 12.14
N LYS C 117 12.36 17.88 11.51
CA LYS C 117 13.73 17.98 12.00
C LYS C 117 14.25 19.41 11.90
N LEU C 118 13.90 20.11 10.81
CA LEU C 118 14.31 21.49 10.66
C LEU C 118 13.67 22.39 11.72
N PHE C 119 12.39 22.17 12.01
CA PHE C 119 11.70 23.00 13.00
C PHE C 119 12.30 22.81 14.38
N GLU C 120 12.57 21.55 14.76
CA GLU C 120 13.17 21.31 16.07
C GLU C 120 14.64 21.69 16.10
N LYS C 121 15.31 21.75 14.94
CA LYS C 121 16.69 22.21 14.91
C LYS C 121 16.80 23.67 15.36
N THR C 122 15.88 24.51 14.89
CA THR C 122 15.82 25.88 15.39
C THR C 122 15.31 25.94 16.82
N LYS C 123 14.46 24.99 17.22
CA LYS C 123 13.94 24.98 18.58
C LYS C 123 15.03 24.66 19.59
N LYS C 124 15.93 23.73 19.26
CA LYS C 124 17.09 23.48 20.11
C LYS C 124 18.17 24.54 19.93
N GLN C 125 18.09 25.35 18.88
CA GLN C 125 19.07 26.41 18.68
C GLN C 125 18.89 27.52 19.72
N LEU C 126 17.65 27.96 19.94
CA LEU C 126 17.33 28.92 20.97
C LEU C 126 16.79 28.17 22.18
N ARG C 127 17.57 28.17 23.27
CA ARG C 127 17.23 27.33 24.41
C ARG C 127 16.07 27.91 25.22
N GLU C 128 16.19 29.19 25.61
CA GLU C 128 15.13 29.82 26.39
C GLU C 128 14.85 31.25 25.93
N ASN C 129 15.41 31.66 24.80
CA ASN C 129 15.17 33.00 24.26
C ASN C 129 13.85 33.11 23.52
N ALA C 130 13.18 31.99 23.25
CA ALA C 130 11.92 32.03 22.51
C ALA C 130 11.11 30.79 22.82
N GLU C 131 9.80 30.92 22.66
CA GLU C 131 8.88 29.79 22.75
C GLU C 131 8.01 29.75 21.50
N ASP C 132 7.05 28.84 21.45
CA ASP C 132 6.16 28.71 20.31
C ASP C 132 4.72 28.69 20.78
N MET C 133 3.85 29.42 20.09
CA MET C 133 2.44 29.45 20.44
C MET C 133 1.68 28.23 19.95
N GLY C 134 2.29 27.39 19.12
CA GLY C 134 1.69 26.15 18.68
C GLY C 134 1.28 26.07 17.22
N ASN C 135 1.87 26.87 16.34
CA ASN C 135 1.53 26.85 14.93
C ASN C 135 2.77 26.91 14.06
N GLY C 136 3.86 26.32 14.54
CA GLY C 136 5.12 26.36 13.79
C GLY C 136 5.75 27.73 13.73
N CYS C 137 5.41 28.60 14.68
CA CYS C 137 5.90 29.97 14.72
C CYS C 137 6.49 30.23 16.10
N PHE C 138 7.63 30.91 16.14
CA PHE C 138 8.30 31.21 17.39
C PHE C 138 7.90 32.58 17.91
N LYS C 139 8.28 32.85 19.16
CA LYS C 139 8.06 34.15 19.81
C LYS C 139 9.39 34.59 20.39
N ILE C 140 10.19 35.28 19.57
CA ILE C 140 11.54 35.67 19.97
C ILE C 140 11.50 37.08 20.54
N TYR C 141 12.01 37.23 21.75
CA TYR C 141 12.11 38.52 22.42
C TYR C 141 13.36 39.24 21.94
N HIS C 142 13.78 40.28 22.66
CA HIS C 142 15.04 41.00 22.49
C HIS C 142 15.16 41.73 21.15
N LYS C 143 16.19 42.56 21.01
CA LYS C 143 16.35 43.38 19.80
C LYS C 143 16.88 42.44 18.71
N CYS C 144 16.00 42.01 17.81
CA CYS C 144 16.35 41.11 16.72
C CYS C 144 16.00 41.78 15.39
N ASP C 145 17.02 42.26 14.70
CA ASP C 145 16.85 42.84 13.38
C ASP C 145 17.03 41.72 12.34
N ASN C 146 17.14 42.06 11.06
CA ASN C 146 17.32 41.05 10.04
C ASN C 146 18.66 40.34 10.18
N ALA C 147 19.69 41.05 10.63
CA ALA C 147 20.98 40.41 10.88
C ALA C 147 20.89 39.40 12.02
N CYS C 148 20.13 39.72 13.07
CA CYS C 148 19.92 38.75 14.14
C CYS C 148 19.13 37.54 13.65
N ILE C 149 18.11 37.78 12.82
CA ILE C 149 17.30 36.67 12.31
C ILE C 149 18.13 35.83 11.34
N GLY C 150 18.91 36.48 10.47
CA GLY C 150 19.71 35.74 9.51
C GLY C 150 20.78 34.89 10.16
N SER C 151 21.27 35.32 11.32
CA SER C 151 22.25 34.52 12.06
C SER C 151 21.65 33.23 12.60
N ILE C 152 20.34 33.19 12.80
CA ILE C 152 19.69 31.95 13.25
C ILE C 152 19.73 30.90 12.14
N ARG C 153 19.49 31.32 10.88
CA ARG C 153 19.50 30.39 9.76
C ARG C 153 20.89 29.79 9.57
N ASN C 154 21.93 30.62 9.69
CA ASN C 154 23.28 30.22 9.30
C ASN C 154 24.07 29.55 10.43
N GLY C 155 23.52 29.47 11.64
CA GLY C 155 24.05 28.64 12.69
C GLY C 155 24.46 29.35 13.96
N THR C 156 25.07 30.53 13.87
CA THR C 156 25.63 31.19 15.04
C THR C 156 24.56 32.07 15.68
N TYR C 157 24.09 31.68 16.86
CA TYR C 157 23.12 32.47 17.61
C TYR C 157 23.35 32.18 19.10
N ASP C 158 24.12 33.05 19.75
CA ASP C 158 24.49 32.82 21.13
C ASP C 158 23.34 33.14 22.07
N HIS C 159 23.01 32.20 22.96
CA HIS C 159 21.91 32.39 23.89
C HIS C 159 22.29 33.27 25.07
N ASP C 160 23.52 33.16 25.57
CA ASP C 160 23.91 33.85 26.80
C ASP C 160 24.10 35.34 26.63
N VAL C 161 24.58 35.79 25.47
CA VAL C 161 24.75 37.22 25.23
C VAL C 161 23.39 37.90 25.11
N TYR C 162 22.34 37.13 24.80
CA TYR C 162 20.97 37.61 24.74
C TYR C 162 20.12 37.14 25.91
N ARG C 163 20.77 36.71 27.00
CA ARG C 163 20.04 36.11 28.13
C ARG C 163 19.25 37.15 28.90
N ASP C 164 19.83 38.35 29.11
CA ASP C 164 19.20 39.33 29.99
C ASP C 164 17.88 39.83 29.42
N GLU C 165 17.83 40.08 28.11
CA GLU C 165 16.59 40.51 27.49
C GLU C 165 15.60 39.36 27.33
N ALA C 166 16.11 38.12 27.24
CA ALA C 166 15.23 36.98 27.08
C ALA C 166 14.39 36.73 28.33
N LEU C 167 15.00 36.87 29.51
CA LEU C 167 14.31 36.54 30.76
C LEU C 167 13.38 37.64 31.25
N ASN C 168 13.43 38.84 30.66
CA ASN C 168 12.55 39.92 31.08
C ASN C 168 11.22 39.94 30.32
N ASN C 169 11.20 39.52 29.06
CA ASN C 169 9.97 39.31 28.32
C ASN C 169 9.45 37.89 28.47
N ARG C 170 9.93 37.18 29.49
CA ARG C 170 9.57 35.80 29.80
C ARG C 170 9.11 35.75 31.25
N PHE C 171 9.19 34.55 31.86
CA PHE C 171 8.69 34.20 33.18
C PHE C 171 8.70 35.34 34.20
N GLN C 172 9.80 36.08 34.28
CA GLN C 172 9.80 37.31 35.08
C GLN C 172 8.89 38.35 34.43
N GLY D 1 -9.34 3.68 44.98
CA GLY D 1 -8.05 3.06 44.76
C GLY D 1 -6.89 4.04 44.88
N ILE D 2 -5.77 3.69 44.23
CA ILE D 2 -4.60 4.57 44.26
C ILE D 2 -4.86 5.84 43.44
N PHE D 3 -5.69 5.75 42.40
CA PHE D 3 -6.06 6.86 41.50
C PHE D 3 -4.78 7.42 40.89
N GLY D 4 -4.62 8.74 40.80
CA GLY D 4 -3.37 9.33 40.38
C GLY D 4 -3.19 9.50 38.89
N ALA D 5 -4.12 9.01 38.07
CA ALA D 5 -4.00 9.04 36.61
C ALA D 5 -2.68 8.41 36.15
N ILE D 6 -2.60 7.11 36.38
CA ILE D 6 -1.31 6.41 36.40
C ILE D 6 -0.64 6.44 35.04
N ALA D 7 -1.37 6.08 33.98
CA ALA D 7 -0.71 5.73 32.73
C ALA D 7 -1.43 6.41 31.56
N GLY D 8 -1.08 5.97 30.35
CA GLY D 8 -1.54 6.59 29.12
C GLY D 8 -0.38 7.05 28.26
N PHE D 9 -0.23 6.41 27.09
CA PHE D 9 0.82 6.61 26.09
C PHE D 9 2.16 6.06 26.58
N ILE D 10 2.24 5.71 27.85
CA ILE D 10 3.38 4.99 28.42
C ILE D 10 2.82 3.96 29.39
N GLU D 11 3.61 2.91 29.66
CA GLU D 11 3.20 1.76 30.46
C GLU D 11 2.01 1.08 29.83
N ASN D 12 0.81 1.27 30.39
CA ASN D 12 -0.40 0.60 29.94
C ASN D 12 -1.38 1.59 29.34
N GLY D 13 -2.48 1.04 28.80
CA GLY D 13 -3.55 1.82 28.25
C GLY D 13 -4.80 1.77 29.10
N TRP D 14 -5.94 2.00 28.46
CA TRP D 14 -7.24 2.01 29.12
C TRP D 14 -8.16 0.96 28.49
N GLU D 15 -8.95 0.30 29.34
CA GLU D 15 -9.86 -0.73 28.89
C GLU D 15 -11.33 -0.39 29.12
N GLY D 16 -11.63 0.52 30.05
CA GLY D 16 -13.02 0.85 30.32
C GLY D 16 -13.71 1.59 29.18
N MET D 17 -13.01 2.54 28.57
CA MET D 17 -13.60 3.35 27.52
C MET D 17 -13.79 2.54 26.25
N VAL D 18 -14.96 2.68 25.63
CA VAL D 18 -15.33 1.88 24.47
C VAL D 18 -15.74 2.83 23.34
N ASP D 19 -16.22 4.01 23.71
CA ASP D 19 -16.81 4.94 22.74
C ASP D 19 -15.82 5.44 21.70
N GLY D 20 -14.52 5.38 21.99
CA GLY D 20 -13.52 5.84 21.04
C GLY D 20 -12.25 5.03 21.04
N TRP D 21 -11.16 5.63 20.58
CA TRP D 21 -9.85 4.98 20.59
C TRP D 21 -8.83 5.72 21.44
N TYR D 22 -8.92 7.05 21.54
CA TYR D 22 -8.04 7.85 22.38
C TYR D 22 -8.89 8.77 23.24
N GLY D 23 -8.53 8.90 24.51
CA GLY D 23 -9.30 9.72 25.42
C GLY D 23 -8.45 10.51 26.39
N PHE D 24 -9.10 11.16 27.36
CA PHE D 24 -8.42 11.97 28.37
C PHE D 24 -8.96 11.61 29.74
N ARG D 25 -8.11 11.71 30.75
CA ARG D 25 -8.50 11.49 32.14
C ARG D 25 -7.85 12.57 32.99
N HIS D 26 -8.67 13.35 33.69
CA HIS D 26 -8.20 14.46 34.51
C HIS D 26 -8.65 14.27 35.95
N GLN D 27 -7.82 14.75 36.88
CA GLN D 27 -8.11 14.71 38.31
C GLN D 27 -7.95 16.10 38.88
N ASN D 28 -8.99 16.60 39.55
CA ASN D 28 -8.95 17.92 40.17
C ASN D 28 -9.87 17.89 41.39
N SER D 29 -10.23 19.09 41.87
CA SER D 29 -11.13 19.19 43.02
C SER D 29 -12.54 18.70 42.68
N GLU D 30 -12.92 18.73 41.41
CA GLU D 30 -14.23 18.27 40.98
C GLU D 30 -14.31 16.76 40.85
N GLY D 31 -13.19 16.05 40.95
CA GLY D 31 -13.20 14.60 40.85
C GLY D 31 -12.45 14.07 39.64
N ARG D 32 -12.98 13.03 39.02
CA ARG D 32 -12.35 12.39 37.87
C ARG D 32 -13.33 12.36 36.71
N GLY D 33 -12.88 12.78 35.54
CA GLY D 33 -13.72 12.79 34.36
C GLY D 33 -12.98 12.19 33.17
N GLN D 34 -13.74 11.48 32.34
CA GLN D 34 -13.18 10.81 31.17
C GLN D 34 -14.06 11.08 29.96
N ALA D 35 -13.42 11.38 28.83
CA ALA D 35 -14.12 11.57 27.57
C ALA D 35 -13.14 11.35 26.44
N ALA D 36 -13.63 10.78 25.34
CA ALA D 36 -12.80 10.46 24.19
C ALA D 36 -12.82 11.59 23.17
N ASP D 37 -11.78 11.62 22.34
CA ASP D 37 -11.64 12.61 21.27
C ASP D 37 -11.95 11.94 19.94
N LEU D 38 -12.84 12.55 19.17
CA LEU D 38 -13.29 11.99 17.90
C LEU D 38 -12.45 12.45 16.71
N LYS D 39 -11.45 13.31 16.94
CA LYS D 39 -10.63 13.80 15.84
C LYS D 39 -9.45 12.87 15.56
N SER D 40 -8.73 12.48 16.62
CA SER D 40 -7.55 11.64 16.44
C SER D 40 -7.92 10.24 16.00
N THR D 41 -9.02 9.69 16.53
CA THR D 41 -9.41 8.33 16.19
C THR D 41 -9.93 8.21 14.77
N GLN D 42 -10.34 9.31 14.15
CA GLN D 42 -10.84 9.25 12.78
C GLN D 42 -9.73 8.92 11.80
N ALA D 43 -8.54 9.51 11.99
CA ALA D 43 -7.42 9.24 11.09
C ALA D 43 -6.95 7.80 11.20
N ALA D 44 -6.88 7.27 12.42
CA ALA D 44 -6.46 5.88 12.61
C ALA D 44 -7.48 4.92 12.01
N ILE D 45 -8.77 5.22 12.14
CA ILE D 45 -9.80 4.36 11.56
C ILE D 45 -9.79 4.45 10.04
N ASP D 46 -9.63 5.67 9.50
CA ASP D 46 -9.65 5.86 8.05
C ASP D 46 -8.47 5.16 7.38
N CYS D 47 -7.28 5.22 8.01
CA CYS D 47 -6.14 4.47 7.49
C CYS D 47 -6.41 2.97 7.56
N ILE D 48 -7.06 2.51 8.63
CA ILE D 48 -7.46 1.12 8.72
C ILE D 48 -8.55 0.80 7.71
N ASN D 49 -9.49 1.74 7.52
CA ASN D 49 -10.53 1.56 6.51
C ASN D 49 -9.92 1.51 5.11
N GLY D 50 -8.84 2.24 4.88
CA GLY D 50 -8.14 2.19 3.61
C GLY D 50 -7.48 0.86 3.33
N LYS D 51 -7.13 0.12 4.38
CA LYS D 51 -6.56 -1.22 4.17
C LYS D 51 -7.62 -2.22 3.73
N LEU D 52 -8.80 -2.17 4.35
CA LEU D 52 -9.80 -3.20 4.12
C LEU D 52 -10.39 -3.10 2.71
N ASN D 53 -10.77 -1.91 2.28
CA ASN D 53 -11.43 -1.78 0.98
C ASN D 53 -10.46 -2.00 -0.17
N ARG D 54 -9.16 -1.83 0.06
CA ARG D 54 -8.18 -2.05 -1.00
C ARG D 54 -7.91 -3.53 -1.25
N LEU D 55 -8.23 -4.40 -0.29
CA LEU D 55 -8.01 -5.84 -0.45
C LEU D 55 -9.31 -6.64 -0.48
N ILE D 56 -10.26 -6.35 0.42
CA ILE D 56 -11.50 -7.10 0.46
C ILE D 56 -12.37 -6.70 -0.72
N GLY D 57 -12.81 -7.69 -1.50
CA GLY D 57 -13.64 -7.46 -2.65
C GLY D 57 -12.89 -7.19 -3.94
N LYS D 58 -11.57 -7.06 -3.88
CA LYS D 58 -10.76 -6.81 -5.08
C LYS D 58 -10.26 -8.15 -5.60
N THR D 59 -10.95 -8.68 -6.61
CA THR D 59 -10.60 -9.98 -7.19
C THR D 59 -10.78 -9.93 -8.70
N ASN D 60 -9.83 -10.55 -9.40
CA ASN D 60 -9.89 -10.64 -10.85
C ASN D 60 -10.59 -11.92 -11.29
N GLU D 61 -11.23 -11.87 -12.45
CA GLU D 61 -12.02 -12.98 -12.96
C GLU D 61 -11.15 -13.85 -13.87
N LYS D 62 -10.87 -15.07 -13.42
CA LYS D 62 -10.17 -16.07 -14.20
C LYS D 62 -11.15 -17.16 -14.58
N PHE D 63 -11.20 -17.52 -15.86
CA PHE D 63 -12.22 -18.42 -16.38
C PHE D 63 -11.64 -19.78 -16.78
N HIS D 64 -10.65 -19.81 -17.66
CA HIS D 64 -10.10 -21.06 -18.17
C HIS D 64 -8.60 -21.12 -17.90
N GLN D 65 -8.18 -22.20 -17.23
CA GLN D 65 -6.78 -22.46 -16.93
C GLN D 65 -6.45 -23.87 -17.41
N ILE D 66 -5.19 -24.28 -17.25
CA ILE D 66 -4.77 -25.62 -17.63
C ILE D 66 -5.18 -26.59 -16.52
N GLU D 67 -5.09 -27.88 -16.80
CA GLU D 67 -5.30 -28.89 -15.77
C GLU D 67 -4.18 -28.80 -14.75
N LYS D 68 -4.55 -28.83 -13.46
CA LYS D 68 -3.58 -28.69 -12.39
C LYS D 68 -3.19 -30.01 -11.74
N GLU D 69 -4.04 -31.02 -11.83
CA GLU D 69 -3.73 -32.35 -11.36
C GLU D 69 -4.02 -33.36 -12.46
N PHE D 70 -3.24 -34.44 -12.47
CA PHE D 70 -3.32 -35.44 -13.53
C PHE D 70 -3.32 -36.83 -12.92
N SER D 71 -4.31 -37.64 -13.31
CA SER D 71 -4.37 -39.03 -12.87
C SER D 71 -3.40 -39.93 -13.63
N GLU D 72 -2.88 -39.46 -14.76
CA GLU D 72 -1.91 -40.19 -15.57
C GLU D 72 -0.52 -39.58 -15.35
N VAL D 73 0.47 -40.16 -16.03
CA VAL D 73 1.83 -39.66 -16.03
C VAL D 73 2.27 -39.46 -17.48
N GLU D 74 3.03 -38.39 -17.71
CA GLU D 74 3.52 -38.06 -19.05
C GLU D 74 4.95 -37.55 -18.97
N GLY D 75 5.44 -36.94 -20.05
CA GLY D 75 6.81 -36.51 -20.10
C GLY D 75 7.02 -35.03 -19.84
N ARG D 76 7.56 -34.33 -20.84
CA ARG D 76 7.93 -32.93 -20.66
C ARG D 76 6.72 -32.03 -20.46
N ILE D 77 5.63 -32.31 -21.18
CA ILE D 77 4.48 -31.41 -21.16
C ILE D 77 3.82 -31.40 -19.79
N GLN D 78 3.60 -32.58 -19.22
CA GLN D 78 3.02 -32.66 -17.88
C GLN D 78 3.97 -32.08 -16.83
N ASP D 79 5.27 -32.33 -16.97
CA ASP D 79 6.25 -31.80 -16.04
C ASP D 79 6.30 -30.28 -16.10
N LEU D 80 6.20 -29.72 -17.30
CA LEU D 80 6.19 -28.26 -17.45
C LEU D 80 4.96 -27.64 -16.80
N GLU D 81 3.80 -28.29 -16.94
CA GLU D 81 2.57 -27.77 -16.34
C GLU D 81 2.66 -27.78 -14.82
N LYS D 82 3.27 -28.82 -14.25
CA LYS D 82 3.48 -28.85 -12.80
C LYS D 82 4.49 -27.79 -12.36
N TYR D 83 5.48 -27.49 -13.22
CA TYR D 83 6.49 -26.50 -12.85
C TYR D 83 5.95 -25.08 -12.91
N VAL D 84 5.17 -24.76 -13.95
CA VAL D 84 4.64 -23.41 -14.07
C VAL D 84 3.58 -23.14 -13.01
N GLU D 85 2.85 -24.17 -12.59
CA GLU D 85 1.87 -24.00 -11.52
C GLU D 85 2.54 -23.82 -10.17
N ASP D 86 3.62 -24.58 -9.92
CA ASP D 86 4.30 -24.49 -8.63
C ASP D 86 4.96 -23.14 -8.43
N THR D 87 5.57 -22.57 -9.48
CA THR D 87 6.25 -21.29 -9.33
C THR D 87 5.28 -20.14 -9.19
N LYS D 88 4.04 -20.29 -9.66
CA LYS D 88 3.04 -19.25 -9.46
C LYS D 88 2.53 -19.26 -8.02
N ILE D 89 2.36 -20.44 -7.43
CA ILE D 89 1.93 -20.53 -6.04
C ILE D 89 3.01 -19.96 -5.11
N ASP D 90 4.28 -20.27 -5.40
CA ASP D 90 5.37 -19.78 -4.57
C ASP D 90 5.46 -18.27 -4.60
N LEU D 91 5.34 -17.67 -5.80
CA LEU D 91 5.42 -16.22 -5.92
C LEU D 91 4.25 -15.53 -5.25
N TRP D 92 3.04 -16.10 -5.38
CA TRP D 92 1.88 -15.50 -4.74
C TRP D 92 1.93 -15.66 -3.22
N SER D 93 2.43 -16.80 -2.74
CA SER D 93 2.56 -17.01 -1.30
C SER D 93 3.58 -16.03 -0.70
N TYR D 94 4.69 -15.80 -1.40
CA TYR D 94 5.68 -14.84 -0.93
C TYR D 94 5.15 -13.42 -1.02
N ASN D 95 4.35 -13.13 -2.04
CA ASN D 95 3.75 -11.80 -2.17
C ASN D 95 2.76 -11.54 -1.04
N ALA D 96 2.00 -12.56 -0.65
CA ALA D 96 1.09 -12.42 0.49
C ALA D 96 1.84 -12.20 1.79
N GLU D 97 2.96 -12.91 1.97
CA GLU D 97 3.74 -12.77 3.21
C GLU D 97 4.34 -11.37 3.32
N LEU D 98 4.88 -10.84 2.22
CA LEU D 98 5.45 -9.50 2.24
C LEU D 98 4.37 -8.42 2.36
N LEU D 99 3.14 -8.72 1.95
CA LEU D 99 2.07 -7.73 2.01
C LEU D 99 1.59 -7.54 3.45
N VAL D 100 1.20 -8.63 4.11
CA VAL D 100 0.62 -8.52 5.45
C VAL D 100 1.68 -8.08 6.46
N ALA D 101 2.93 -8.52 6.29
CA ALA D 101 3.98 -8.12 7.21
C ALA D 101 4.37 -6.66 7.06
N LEU D 102 4.05 -6.03 5.93
CA LEU D 102 4.35 -4.62 5.74
C LEU D 102 3.17 -3.73 6.15
N GLU D 103 1.94 -4.20 5.93
CA GLU D 103 0.78 -3.43 6.37
C GLU D 103 0.73 -3.33 7.89
N ASN D 104 1.08 -4.42 8.59
CA ASN D 104 1.06 -4.40 10.05
C ASN D 104 2.09 -3.44 10.61
N GLN D 105 3.28 -3.37 9.99
CA GLN D 105 4.30 -2.43 10.44
C GLN D 105 3.86 -0.99 10.26
N HIS D 106 3.26 -0.68 9.10
CA HIS D 106 2.76 0.66 8.88
C HIS D 106 1.59 0.99 9.81
N THR D 107 0.72 0.01 10.05
CA THR D 107 -0.41 0.23 10.95
C THR D 107 0.06 0.52 12.36
N ILE D 108 1.02 -0.25 12.86
CA ILE D 108 1.53 -0.02 14.22
C ILE D 108 2.28 1.30 14.30
N ASP D 109 3.09 1.61 13.28
CA ASP D 109 3.84 2.85 13.28
C ASP D 109 2.91 4.07 13.19
N LEU D 110 1.89 3.99 12.33
CA LEU D 110 1.00 5.14 12.15
C LEU D 110 0.15 5.38 13.39
N THR D 111 -0.40 4.32 13.99
CA THR D 111 -1.25 4.48 15.16
C THR D 111 -0.48 5.07 16.33
N ASP D 112 0.76 4.63 16.53
CA ASP D 112 1.60 5.25 17.56
C ASP D 112 1.93 6.69 17.21
N SER D 113 2.20 6.97 15.93
CA SER D 113 2.58 8.32 15.53
C SER D 113 1.38 9.27 15.45
N GLU D 114 0.20 8.76 15.07
CA GLU D 114 -0.95 9.63 14.90
C GLU D 114 -1.41 10.21 16.23
N MET D 115 -1.50 9.38 17.27
CA MET D 115 -1.86 9.88 18.59
C MET D 115 -0.67 10.46 19.34
N ASN D 116 0.54 10.31 18.81
CA ASN D 116 1.67 11.08 19.32
C ASN D 116 1.48 12.56 19.08
N LYS D 117 0.89 12.91 17.93
CA LYS D 117 0.56 14.31 17.66
C LYS D 117 -0.51 14.82 18.62
N LEU D 118 -1.41 13.93 19.06
CA LEU D 118 -2.45 14.34 20.01
C LEU D 118 -1.83 14.76 21.34
N PHE D 119 -0.84 14.01 21.82
CA PHE D 119 -0.13 14.40 23.04
C PHE D 119 0.72 15.63 22.81
N GLU D 120 1.32 15.74 21.61
CA GLU D 120 2.15 16.89 21.30
C GLU D 120 1.31 18.16 21.10
N LYS D 121 0.08 18.01 20.61
CA LYS D 121 -0.77 19.17 20.39
C LYS D 121 -1.15 19.86 21.69
N THR D 122 -1.46 19.08 22.73
CA THR D 122 -1.80 19.67 24.02
C THR D 122 -0.62 20.36 24.67
N LYS D 123 0.59 19.81 24.50
CA LYS D 123 1.78 20.43 25.09
C LYS D 123 2.07 21.78 24.45
N LYS D 124 1.84 21.90 23.14
CA LYS D 124 2.06 23.17 22.45
C LYS D 124 1.02 24.21 22.82
N GLN D 125 -0.16 23.79 23.29
CA GLN D 125 -1.17 24.71 23.80
C GLN D 125 -0.97 25.03 25.26
N LEU D 126 -0.03 24.36 25.93
CA LEU D 126 0.30 24.62 27.33
C LEU D 126 1.77 25.01 27.44
N ARG D 127 2.19 25.96 26.59
CA ARG D 127 3.61 26.31 26.46
C ARG D 127 4.23 26.73 27.79
N GLU D 128 3.47 27.37 28.67
CA GLU D 128 3.96 27.77 29.98
C GLU D 128 3.04 27.40 31.13
N ASN D 129 1.79 27.06 30.87
CA ASN D 129 0.81 26.75 31.89
C ASN D 129 0.90 25.32 32.42
N ALA D 130 1.79 24.47 31.93
CA ALA D 130 1.85 23.09 32.39
C ALA D 130 3.27 22.57 32.27
N GLU D 131 3.52 21.47 32.98
CA GLU D 131 4.81 20.78 32.99
C GLU D 131 4.58 19.37 32.42
N ASP D 132 5.66 18.66 32.12
CA ASP D 132 5.56 17.31 31.58
C ASP D 132 6.48 16.39 32.35
N MET D 133 6.02 15.15 32.56
CA MET D 133 6.78 14.12 33.26
C MET D 133 6.56 12.78 32.55
N GLY D 134 7.09 11.72 33.16
CA GLY D 134 7.31 10.47 32.44
C GLY D 134 6.18 9.45 32.43
N ASN D 135 4.95 9.87 32.68
CA ASN D 135 3.81 8.97 32.51
C ASN D 135 2.73 9.59 31.63
N GLY D 136 3.08 10.59 30.83
CA GLY D 136 2.17 11.16 29.84
C GLY D 136 1.17 12.15 30.37
N CYS D 137 1.21 12.48 31.66
CA CYS D 137 0.24 13.37 32.26
C CYS D 137 0.74 14.81 32.23
N PHE D 138 0.05 15.71 32.92
CA PHE D 138 0.43 17.11 32.96
C PHE D 138 0.31 17.63 34.40
N LYS D 139 0.65 18.91 34.57
CA LYS D 139 0.61 19.61 35.84
C LYS D 139 -0.04 20.98 35.66
N ILE D 140 -1.22 20.97 35.03
CA ILE D 140 -1.82 22.18 34.47
C ILE D 140 -2.21 23.15 35.59
N TYR D 141 -1.64 24.36 35.53
CA TYR D 141 -2.11 25.52 36.27
C TYR D 141 -2.75 26.48 35.27
N HIS D 142 -3.78 27.22 35.67
CA HIS D 142 -4.31 27.35 37.03
C HIS D 142 -5.28 26.26 37.46
N LYS D 143 -6.01 26.53 38.54
CA LYS D 143 -7.08 25.66 39.02
C LYS D 143 -7.99 25.25 37.87
N CYS D 144 -8.01 23.96 37.56
CA CYS D 144 -8.47 23.48 36.27
C CYS D 144 -9.80 22.74 36.52
N ASP D 145 -10.90 23.47 36.39
CA ASP D 145 -12.25 22.94 36.59
C ASP D 145 -12.73 22.27 35.30
N ASN D 146 -14.04 22.02 35.20
CA ASN D 146 -14.58 21.41 33.99
C ASN D 146 -14.45 22.31 32.76
N ALA D 147 -14.25 23.62 32.96
CA ALA D 147 -14.16 24.53 31.82
C ALA D 147 -12.84 24.39 31.08
N CYS D 148 -11.73 24.25 31.81
CA CYS D 148 -10.42 24.15 31.19
C CYS D 148 -10.26 22.86 30.40
N ILE D 149 -10.81 21.75 30.90
CA ILE D 149 -10.79 20.49 30.15
C ILE D 149 -11.55 20.65 28.84
N GLY D 150 -12.71 21.30 28.88
CA GLY D 150 -13.45 21.53 27.64
C GLY D 150 -12.75 22.50 26.72
N SER D 151 -12.13 23.54 27.27
CA SER D 151 -11.44 24.53 26.46
C SER D 151 -10.25 23.92 25.74
N ILE D 152 -9.47 23.09 26.43
CA ILE D 152 -8.34 22.43 25.79
C ILE D 152 -8.80 21.29 24.88
N ARG D 153 -9.99 20.73 25.12
CA ARG D 153 -10.54 19.73 24.21
C ARG D 153 -11.05 20.37 22.93
N ASN D 154 -11.73 21.52 23.04
CA ASN D 154 -12.23 22.22 21.87
C ASN D 154 -11.22 23.20 21.29
N GLY D 155 -10.04 23.33 21.89
CA GLY D 155 -8.98 24.14 21.34
C GLY D 155 -9.04 25.61 21.66
N THR D 156 -10.10 26.07 22.32
CA THR D 156 -10.24 27.49 22.66
C THR D 156 -9.69 27.81 24.05
N TYR D 157 -8.43 27.42 24.28
CA TYR D 157 -7.76 27.67 25.54
C TYR D 157 -6.74 28.79 25.35
N ASP D 158 -6.86 29.83 26.17
CA ASP D 158 -5.98 30.99 26.11
C ASP D 158 -4.92 30.88 27.20
N HIS D 159 -3.65 30.87 26.80
CA HIS D 159 -2.57 30.78 27.78
C HIS D 159 -2.26 32.13 28.41
N ASP D 160 -2.59 33.22 27.73
CA ASP D 160 -2.19 34.55 28.21
C ASP D 160 -3.03 35.03 29.38
N VAL D 161 -4.30 34.63 29.45
CA VAL D 161 -5.18 35.11 30.52
C VAL D 161 -4.74 34.56 31.87
N TYR D 162 -4.31 33.30 31.92
CA TYR D 162 -3.78 32.68 33.13
C TYR D 162 -2.26 32.56 33.08
N ARG D 163 -1.61 33.44 32.33
CA ARG D 163 -0.16 33.35 32.16
C ARG D 163 0.58 33.67 33.47
N ASP D 164 0.20 34.77 34.11
CA ASP D 164 0.91 35.18 35.32
C ASP D 164 0.57 34.31 36.52
N GLU D 165 -0.63 33.71 36.55
CA GLU D 165 -0.97 32.81 37.64
C GLU D 165 -0.21 31.50 37.54
N ALA D 166 0.19 31.12 36.31
CA ALA D 166 0.91 29.87 36.13
C ALA D 166 2.33 29.96 36.64
N LEU D 167 2.90 31.16 36.67
CA LEU D 167 4.34 31.31 36.93
C LEU D 167 4.70 31.15 38.39
N ASN D 168 3.77 31.34 39.33
CA ASN D 168 4.11 31.19 40.74
C ASN D 168 4.45 29.74 41.06
N ASN D 169 3.72 28.80 40.46
CA ASN D 169 4.06 27.39 40.60
C ASN D 169 5.41 27.09 39.96
N ARG D 170 5.69 27.70 38.80
CA ARG D 170 7.00 27.56 38.18
C ARG D 170 8.08 28.28 38.98
N PHE D 171 7.70 29.33 39.71
CA PHE D 171 8.66 30.02 40.57
C PHE D 171 9.12 29.12 41.71
N GLN D 172 8.21 28.34 42.28
CA GLN D 172 8.57 27.42 43.36
C GLN D 172 8.25 25.99 42.97
N GLY E 5 37.92 21.80 40.94
CA GLY E 5 37.52 21.11 39.74
C GLY E 5 36.27 21.68 39.11
N ASN E 6 35.41 20.80 38.58
CA ASN E 6 34.16 21.20 37.93
C ASN E 6 33.01 21.28 38.93
N ASP E 7 33.21 22.04 40.01
CA ASP E 7 32.20 22.21 41.04
C ASP E 7 31.30 23.42 40.78
N ASN E 8 31.19 23.86 39.54
CA ASN E 8 30.38 25.01 39.18
C ASN E 8 28.93 24.64 38.88
N SER E 9 28.47 23.48 39.36
CA SER E 9 27.11 22.99 39.15
C SER E 9 26.79 22.85 37.66
N THR E 10 27.79 22.40 36.89
CA THR E 10 27.62 22.14 35.46
C THR E 10 27.89 20.68 35.19
N ALA E 11 26.97 20.03 34.47
CA ALA E 11 27.12 18.66 34.01
C ALA E 11 26.72 18.60 32.55
N THR E 12 27.12 17.51 31.88
CA THR E 12 26.85 17.34 30.46
C THR E 12 25.90 16.18 30.18
N LEU E 13 26.22 14.98 30.65
CA LEU E 13 25.38 13.78 30.48
C LEU E 13 25.06 13.54 29.01
N CYS E 14 26.07 13.69 28.15
CA CYS E 14 25.88 13.49 26.72
C CYS E 14 25.66 12.01 26.42
N LEU E 15 24.83 11.75 25.42
CA LEU E 15 24.52 10.39 25.02
C LEU E 15 24.63 10.27 23.50
N GLY E 16 25.01 9.08 23.04
CA GLY E 16 25.23 8.85 21.63
C GLY E 16 25.18 7.39 21.24
N HIS E 17 25.93 7.02 20.20
CA HIS E 17 25.86 5.67 19.66
C HIS E 17 27.25 5.23 19.20
N HIS E 18 27.39 3.92 19.03
CA HIS E 18 28.67 3.32 18.66
C HIS E 18 29.01 3.62 17.20
N ALA E 19 30.29 3.47 16.89
CA ALA E 19 30.80 3.71 15.54
C ALA E 19 31.90 2.70 15.22
N VAL E 20 32.16 2.54 13.93
CA VAL E 20 33.22 1.64 13.45
C VAL E 20 34.08 2.43 12.47
N PRO E 21 35.41 2.40 12.61
CA PRO E 21 36.27 3.15 11.69
C PRO E 21 36.13 2.75 10.23
N ASN E 22 35.94 1.46 9.94
CA ASN E 22 35.75 0.98 8.58
C ASN E 22 34.28 0.59 8.41
N GLY E 23 33.54 1.42 7.67
CA GLY E 23 32.13 1.20 7.44
C GLY E 23 31.85 0.78 6.00
N THR E 24 30.97 -0.21 5.86
CA THR E 24 30.60 -0.70 4.54
C THR E 24 29.48 0.15 3.94
N ILE E 25 29.19 -0.09 2.67
CA ILE E 25 28.21 0.67 1.92
C ILE E 25 27.01 -0.23 1.63
N VAL E 26 25.81 0.25 1.97
CA VAL E 26 24.60 -0.55 1.89
C VAL E 26 23.51 0.30 1.24
N LYS E 27 22.81 -0.27 0.26
CA LYS E 27 21.75 0.40 -0.46
C LYS E 27 20.46 0.41 0.35
N THR E 28 19.63 1.42 0.11
CA THR E 28 18.32 1.58 0.76
C THR E 28 17.30 1.94 -0.32
N ILE E 29 16.11 2.36 0.11
CA ILE E 29 15.06 2.77 -0.81
C ILE E 29 15.43 4.02 -1.60
N CYS E 30 16.37 4.82 -1.09
CA CYS E 30 17.00 5.90 -1.82
C CYS E 30 18.44 5.93 -1.36
N ASN E 31 19.15 7.05 -1.56
CA ASN E 31 20.58 7.11 -1.85
C ASN E 31 21.44 6.00 -1.23
N ASP E 32 22.21 5.33 -2.08
CA ASP E 32 22.80 4.05 -1.74
C ASP E 32 24.20 4.16 -1.17
N GLN E 33 24.76 5.37 -1.12
CA GLN E 33 26.11 5.58 -0.62
C GLN E 33 26.16 5.77 0.89
N ILE E 34 25.10 5.37 1.61
CA ILE E 34 25.10 5.46 3.06
C ILE E 34 26.03 4.40 3.64
N GLU E 35 26.46 4.63 4.89
CA GLU E 35 27.43 3.77 5.55
C GLU E 35 26.78 3.05 6.73
N VAL E 36 27.04 1.76 6.83
CA VAL E 36 26.51 0.91 7.89
C VAL E 36 27.68 0.24 8.60
N THR E 37 27.63 0.19 9.93
CA THR E 37 28.73 -0.36 10.72
C THR E 37 28.94 -1.84 10.41
N ASN E 38 27.85 -2.61 10.31
CA ASN E 38 27.93 -4.04 10.08
C ASN E 38 26.83 -4.46 9.13
N ALA E 39 27.19 -5.28 8.15
CA ALA E 39 26.25 -5.78 7.16
C ALA E 39 26.51 -7.26 6.91
N THR E 40 25.48 -7.95 6.44
CA THR E 40 25.56 -9.37 6.14
C THR E 40 25.39 -9.60 4.65
N GLU E 41 26.12 -10.60 4.14
CA GLU E 41 26.07 -10.96 2.73
C GLU E 41 25.00 -12.01 2.51
N LEU E 42 24.21 -11.83 1.45
CA LEU E 42 22.98 -12.60 1.26
C LEU E 42 23.00 -13.60 0.12
N VAL E 43 23.64 -13.29 -1.01
CA VAL E 43 23.61 -14.17 -2.17
C VAL E 43 24.87 -15.03 -2.19
N GLN E 44 24.69 -16.33 -2.43
CA GLN E 44 25.79 -17.29 -2.41
C GLN E 44 26.40 -17.34 -3.80
N ASN E 45 27.52 -16.66 -4.00
CA ASN E 45 28.19 -16.58 -5.28
C ASN E 45 29.38 -17.53 -5.39
N SER E 46 29.56 -18.41 -4.42
CA SER E 46 30.68 -19.34 -4.43
C SER E 46 30.18 -20.74 -4.12
N SER E 47 30.92 -21.74 -4.59
CA SER E 47 30.58 -23.14 -4.39
C SER E 47 31.80 -23.90 -3.93
N ILE E 48 31.55 -24.99 -3.18
CA ILE E 48 32.63 -25.85 -2.74
C ILE E 48 33.33 -26.52 -3.92
N GLY E 49 32.57 -27.03 -4.89
CA GLY E 49 33.14 -27.61 -6.08
C GLY E 49 33.06 -29.10 -6.19
N GLU E 50 32.33 -29.78 -5.29
CA GLU E 50 32.22 -31.23 -5.33
C GLU E 50 30.89 -31.63 -4.71
N ILE E 51 30.12 -32.44 -5.44
CA ILE E 51 28.82 -32.90 -4.96
C ILE E 51 29.04 -34.01 -3.95
N CYS E 52 28.45 -33.86 -2.76
CA CYS E 52 28.64 -34.81 -1.66
C CYS E 52 27.30 -35.44 -1.29
N ASP E 53 27.28 -36.77 -1.21
CA ASP E 53 26.06 -37.51 -0.96
C ASP E 53 25.91 -37.91 0.50
N SER E 54 25.82 -36.92 1.38
CA SER E 54 25.47 -37.25 2.76
C SER E 54 23.96 -37.40 2.98
N PRO E 55 23.07 -36.47 2.52
CA PRO E 55 21.64 -36.68 2.81
C PRO E 55 20.94 -37.54 1.77
N HIS E 56 21.43 -37.56 0.54
CA HIS E 56 20.82 -38.26 -0.57
C HIS E 56 21.77 -39.32 -1.09
N GLN E 57 21.23 -40.18 -1.97
CA GLN E 57 22.01 -41.24 -2.61
C GLN E 57 22.39 -40.77 -4.01
N ILE E 58 23.67 -40.50 -4.22
CA ILE E 58 24.19 -40.05 -5.51
C ILE E 58 24.88 -41.22 -6.17
N LEU E 59 24.47 -41.55 -7.39
CA LEU E 59 25.10 -42.59 -8.18
C LEU E 59 25.89 -41.92 -9.29
N ASP E 60 27.19 -42.22 -9.36
CA ASP E 60 28.06 -41.57 -10.33
C ASP E 60 27.73 -42.01 -11.74
N GLY E 61 28.01 -41.14 -12.70
CA GLY E 61 27.74 -41.44 -14.09
C GLY E 61 28.64 -42.53 -14.67
N GLU E 62 29.95 -42.32 -14.57
CA GLU E 62 30.96 -43.25 -15.09
C GLU E 62 30.73 -43.53 -16.58
N ASN E 63 30.78 -42.46 -17.35
CA ASN E 63 30.52 -42.41 -18.81
C ASN E 63 29.36 -43.32 -19.22
N CYS E 64 28.25 -43.19 -18.50
CA CYS E 64 27.05 -43.99 -18.76
C CYS E 64 25.82 -43.12 -18.52
N THR E 65 25.03 -42.92 -19.57
CA THR E 65 23.80 -42.15 -19.45
C THR E 65 22.68 -43.02 -18.87
N LEU E 66 21.57 -42.37 -18.54
CA LEU E 66 20.47 -43.06 -17.85
C LEU E 66 19.84 -44.13 -18.72
N ILE E 67 19.61 -43.84 -20.00
CA ILE E 67 18.96 -44.80 -20.88
C ILE E 67 19.86 -46.00 -21.14
N ASP E 68 21.17 -45.75 -21.28
CA ASP E 68 22.11 -46.86 -21.47
C ASP E 68 22.12 -47.77 -20.25
N ALA E 69 22.01 -47.20 -19.05
CA ALA E 69 21.89 -48.02 -17.85
C ALA E 69 20.57 -48.77 -17.84
N LEU E 70 19.50 -48.14 -18.35
CA LEU E 70 18.20 -48.80 -18.41
C LEU E 70 18.23 -50.00 -19.35
N LEU E 71 18.86 -49.85 -20.52
CA LEU E 71 18.89 -50.91 -21.50
C LEU E 71 19.97 -51.95 -21.24
N GLY E 72 20.79 -51.75 -20.21
CA GLY E 72 21.81 -52.72 -19.86
C GLY E 72 22.98 -52.73 -20.82
N ASP E 73 23.70 -51.60 -20.90
CA ASP E 73 24.89 -51.54 -21.72
C ASP E 73 25.99 -52.41 -21.11
N PRO E 74 26.86 -53.00 -21.93
CA PRO E 74 27.94 -53.84 -21.38
C PRO E 74 28.89 -53.08 -20.48
N GLN E 75 29.14 -51.80 -20.76
CA GLN E 75 29.98 -50.98 -19.90
C GLN E 75 29.22 -50.34 -18.75
N CYS E 76 27.90 -50.48 -18.72
CA CYS E 76 27.08 -49.96 -17.64
C CYS E 76 26.30 -51.06 -16.94
N ASP E 77 26.80 -52.30 -16.99
CA ASP E 77 26.10 -53.43 -16.37
C ASP E 77 26.19 -53.41 -14.85
N GLY E 78 27.02 -52.56 -14.26
CA GLY E 78 27.12 -52.47 -12.82
C GLY E 78 25.99 -51.73 -12.14
N PHE E 79 25.09 -51.11 -12.92
CA PHE E 79 23.95 -50.38 -12.38
C PHE E 79 22.67 -51.21 -12.41
N GLN E 80 22.80 -52.53 -12.25
CA GLN E 80 21.63 -53.41 -12.26
C GLN E 80 20.94 -53.35 -10.89
N ASN E 81 19.68 -52.93 -10.88
CA ASN E 81 18.85 -52.85 -9.68
C ASN E 81 19.51 -51.95 -8.62
N LYS E 82 19.71 -50.69 -8.99
CA LYS E 82 20.34 -49.71 -8.12
C LYS E 82 19.39 -48.54 -7.92
N LYS E 83 19.07 -48.23 -6.67
CA LYS E 83 18.25 -47.08 -6.34
C LYS E 83 19.14 -45.84 -6.22
N TRP E 84 18.50 -44.67 -6.41
CA TRP E 84 19.24 -43.42 -6.35
C TRP E 84 18.28 -42.30 -5.97
N ASP E 85 18.86 -41.19 -5.50
CA ASP E 85 18.11 -39.97 -5.23
C ASP E 85 18.38 -38.87 -6.25
N LEU E 86 19.47 -38.95 -7.00
CA LEU E 86 19.75 -38.00 -8.08
C LEU E 86 20.74 -38.65 -9.02
N PHE E 87 20.33 -38.87 -10.27
CA PHE E 87 21.15 -39.54 -11.27
C PHE E 87 22.09 -38.51 -11.89
N VAL E 88 23.32 -38.46 -11.41
CA VAL E 88 24.31 -37.51 -11.93
C VAL E 88 24.87 -38.07 -13.23
N GLU E 89 24.72 -37.30 -14.32
CA GLU E 89 25.16 -37.72 -15.64
C GLU E 89 26.41 -36.93 -16.02
N ARG E 90 27.49 -37.63 -16.32
CA ARG E 90 28.71 -36.97 -16.76
C ARG E 90 28.63 -36.64 -18.25
N SER E 91 29.50 -35.73 -18.67
CA SER E 91 29.52 -35.25 -20.05
C SER E 91 30.40 -36.11 -20.96
N LYS E 92 31.05 -37.14 -20.43
CA LYS E 92 31.91 -38.01 -21.22
C LYS E 92 31.23 -39.33 -21.59
N ALA E 93 29.91 -39.39 -21.47
CA ALA E 93 29.19 -40.64 -21.71
C ALA E 93 29.07 -40.92 -23.21
N TYR E 94 29.03 -42.21 -23.54
CA TYR E 94 28.84 -42.66 -24.92
C TYR E 94 28.28 -44.07 -24.90
N SER E 95 27.81 -44.51 -26.07
CA SER E 95 27.19 -45.81 -26.21
C SER E 95 28.15 -46.80 -26.87
N ASN E 96 28.11 -48.05 -26.40
CA ASN E 96 28.95 -49.13 -26.92
C ASN E 96 28.10 -50.37 -27.20
N CYS E 97 26.97 -50.17 -27.86
CA CYS E 97 26.06 -51.26 -28.18
C CYS E 97 25.38 -50.93 -29.51
N TYR E 98 24.26 -51.59 -29.78
CA TYR E 98 23.52 -51.37 -31.01
C TYR E 98 23.05 -49.92 -31.08
N PRO E 99 23.26 -49.22 -32.20
CA PRO E 99 22.81 -47.83 -32.31
C PRO E 99 21.30 -47.74 -32.25
N TYR E 100 20.80 -46.79 -31.47
CA TYR E 100 19.37 -46.64 -31.25
C TYR E 100 19.02 -45.17 -31.14
N ASP E 101 17.82 -44.84 -31.62
CA ASP E 101 17.23 -43.52 -31.42
C ASP E 101 15.81 -43.69 -30.92
N VAL E 102 15.45 -42.91 -29.91
CA VAL E 102 14.15 -43.06 -29.27
C VAL E 102 13.26 -41.88 -29.61
N PRO E 103 11.99 -42.10 -29.93
CA PRO E 103 11.06 -40.98 -30.09
C PRO E 103 10.72 -40.38 -28.73
N ASP E 104 10.71 -39.04 -28.68
CA ASP E 104 10.46 -38.29 -27.45
C ASP E 104 11.46 -38.68 -26.36
N TYR E 105 12.73 -38.37 -26.63
CA TYR E 105 13.81 -38.71 -25.71
C TYR E 105 13.64 -38.02 -24.36
N ALA E 106 13.26 -36.74 -24.38
CA ALA E 106 13.17 -35.97 -23.14
C ALA E 106 12.02 -36.42 -22.25
N SER E 107 11.07 -37.20 -22.77
CA SER E 107 9.94 -37.67 -21.99
C SER E 107 10.25 -38.98 -21.27
N LEU E 108 10.80 -39.96 -22.00
CA LEU E 108 11.15 -41.23 -21.38
C LEU E 108 12.25 -41.06 -20.34
N ARG E 109 13.20 -40.18 -20.61
CA ARG E 109 14.28 -39.93 -19.66
C ARG E 109 13.76 -39.27 -18.39
N SER E 110 12.72 -38.45 -18.52
CA SER E 110 12.20 -37.72 -17.36
C SER E 110 11.45 -38.63 -16.40
N LEU E 111 10.58 -39.51 -16.93
CA LEU E 111 9.74 -40.32 -16.05
C LEU E 111 10.55 -41.38 -15.32
N VAL E 112 11.56 -41.95 -15.97
CA VAL E 112 12.44 -42.89 -15.29
C VAL E 112 13.27 -42.17 -14.23
N ALA E 113 13.65 -40.92 -14.51
CA ALA E 113 14.39 -40.13 -13.54
C ALA E 113 13.61 -39.93 -12.25
N SER E 114 12.32 -39.60 -12.37
CA SER E 114 11.50 -39.39 -11.18
C SER E 114 11.15 -40.70 -10.49
N SER E 115 11.22 -41.83 -11.21
CA SER E 115 10.93 -43.11 -10.59
C SER E 115 11.98 -43.47 -9.54
N GLY E 116 13.25 -43.26 -9.84
CA GLY E 116 14.32 -43.61 -8.92
C GLY E 116 14.42 -45.08 -8.60
N THR E 117 14.26 -45.94 -9.61
CA THR E 117 14.22 -47.37 -9.38
C THR E 117 14.58 -48.09 -10.67
N LEU E 118 15.59 -48.96 -10.60
CA LEU E 118 16.00 -49.79 -11.72
C LEU E 118 15.89 -51.28 -11.38
N GLU E 119 15.06 -51.62 -10.40
CA GLU E 119 14.87 -53.01 -9.99
C GLU E 119 14.13 -53.75 -11.08
N PHE E 120 14.85 -54.61 -11.81
CA PHE E 120 14.28 -55.36 -12.92
C PHE E 120 13.91 -56.76 -12.47
N ASN E 121 12.75 -57.23 -12.93
CA ASN E 121 12.27 -58.57 -12.65
C ASN E 121 12.16 -59.35 -13.94
N ASN E 122 12.43 -60.65 -13.87
CA ASN E 122 12.38 -61.53 -15.02
C ASN E 122 11.03 -62.23 -15.06
N GLU E 123 10.30 -62.05 -16.16
CA GLU E 123 9.01 -62.68 -16.37
C GLU E 123 9.12 -63.68 -17.51
N SER E 124 8.71 -64.92 -17.27
CA SER E 124 8.82 -65.99 -18.25
C SER E 124 7.71 -65.82 -19.28
N PHE E 125 7.97 -65.00 -20.30
CA PHE E 125 7.04 -64.85 -21.41
C PHE E 125 7.01 -66.15 -22.22
N ASN E 126 5.80 -66.68 -22.44
CA ASN E 126 5.65 -67.93 -23.18
C ASN E 126 5.75 -67.63 -24.66
N TRP E 127 6.98 -67.55 -25.14
CA TRP E 127 7.23 -67.28 -26.55
C TRP E 127 7.02 -68.54 -27.38
N THR E 128 6.47 -68.35 -28.58
CA THR E 128 6.19 -69.45 -29.49
C THR E 128 7.45 -69.89 -30.23
N GLY E 129 7.28 -70.65 -31.30
CA GLY E 129 8.41 -71.21 -32.02
C GLY E 129 9.19 -70.17 -32.81
N VAL E 130 9.91 -69.32 -32.10
CA VAL E 130 10.79 -68.33 -32.70
C VAL E 130 12.14 -68.37 -31.98
N THR E 131 13.22 -68.20 -32.73
CA THR E 131 14.55 -68.18 -32.15
C THR E 131 14.74 -66.90 -31.35
N GLN E 132 15.18 -67.04 -30.11
CA GLN E 132 15.37 -65.92 -29.19
C GLN E 132 16.86 -65.63 -29.01
N ASN E 133 17.13 -64.61 -28.20
CA ASN E 133 18.50 -64.23 -27.79
C ASN E 133 19.39 -63.96 -29.00
N GLY E 134 18.92 -63.08 -29.88
CA GLY E 134 19.75 -62.64 -30.98
C GLY E 134 20.94 -61.84 -30.50
N THR E 135 22.06 -62.00 -31.21
CA THR E 135 23.33 -61.41 -30.82
C THR E 135 23.86 -60.56 -31.96
N SER E 136 24.26 -59.33 -31.63
CA SER E 136 24.83 -58.41 -32.62
C SER E 136 26.34 -58.63 -32.69
N SER E 137 27.03 -57.73 -33.41
CA SER E 137 28.48 -57.80 -33.54
C SER E 137 29.21 -56.60 -32.97
N ALA E 138 28.53 -55.46 -32.78
CA ALA E 138 29.15 -54.29 -32.19
C ALA E 138 29.07 -54.25 -30.68
N CYS E 139 28.06 -54.90 -30.10
CA CYS E 139 27.90 -54.96 -28.64
C CYS E 139 28.66 -56.18 -28.14
N ILE E 140 29.76 -55.95 -27.44
CA ILE E 140 30.67 -57.01 -27.01
C ILE E 140 30.71 -57.04 -25.49
N ARG E 141 30.65 -58.24 -24.93
CA ARG E 141 30.77 -58.44 -23.48
C ARG E 141 31.64 -59.67 -23.25
N ARG E 142 32.83 -59.45 -22.70
CA ARG E 142 33.87 -60.48 -22.52
C ARG E 142 34.24 -61.15 -23.84
N SER E 143 34.30 -60.36 -24.92
CA SER E 143 34.73 -60.82 -26.25
C SER E 143 33.91 -62.01 -26.73
N ASN E 144 32.60 -61.96 -26.49
CA ASN E 144 31.69 -63.02 -26.87
C ASN E 144 30.58 -62.48 -27.77
N ASN E 145 30.46 -61.16 -27.89
CA ASN E 145 29.38 -60.43 -28.55
C ASN E 145 28.07 -60.59 -27.79
N SER E 146 27.25 -59.55 -27.77
CA SER E 146 26.06 -59.56 -26.93
C SER E 146 25.06 -58.54 -27.49
N PHE E 147 24.04 -58.24 -26.68
CA PHE E 147 22.99 -57.30 -27.03
C PHE E 147 22.62 -56.52 -25.78
N PHE E 148 21.50 -55.82 -25.83
CA PHE E 148 21.00 -55.13 -24.65
C PHE E 148 20.58 -56.13 -23.58
N SER E 149 20.95 -55.85 -22.33
CA SER E 149 20.70 -56.80 -21.25
C SER E 149 19.22 -56.90 -20.91
N ARG E 150 18.47 -55.82 -21.07
CA ARG E 150 17.06 -55.78 -20.71
C ARG E 150 16.15 -55.84 -21.95
N LEU E 151 16.61 -56.50 -23.00
CA LEU E 151 15.82 -56.66 -24.22
C LEU E 151 15.98 -58.09 -24.71
N ASN E 152 15.34 -58.39 -25.84
CA ASN E 152 15.36 -59.73 -26.42
C ASN E 152 15.20 -59.60 -27.92
N TRP E 153 16.18 -60.08 -28.67
CA TRP E 153 16.11 -60.07 -30.13
C TRP E 153 15.58 -61.42 -30.62
N LEU E 154 14.53 -61.37 -31.42
CA LEU E 154 13.86 -62.56 -31.93
C LEU E 154 14.06 -62.68 -33.44
N THR E 155 14.41 -63.87 -33.90
CA THR E 155 14.59 -64.13 -35.32
C THR E 155 13.75 -65.33 -35.76
N GLN E 156 13.91 -65.76 -37.00
CA GLN E 156 13.19 -66.92 -37.50
C GLN E 156 13.69 -68.19 -36.82
N LEU E 157 12.75 -69.11 -36.57
CA LEU E 157 13.10 -70.37 -35.90
C LEU E 157 13.85 -71.29 -36.86
N ASN E 158 13.19 -71.73 -37.93
CA ASN E 158 13.86 -72.43 -39.01
C ASN E 158 13.83 -71.66 -40.33
N PHE E 159 12.64 -71.37 -40.86
CA PHE E 159 12.46 -70.49 -42.02
C PHE E 159 11.20 -69.64 -41.92
N LYS E 160 10.50 -69.65 -40.79
CA LYS E 160 9.17 -69.07 -40.69
C LYS E 160 9.13 -68.05 -39.56
N TYR E 161 7.93 -67.52 -39.30
CA TYR E 161 7.71 -66.58 -38.20
C TYR E 161 6.29 -66.77 -37.70
N PRO E 162 6.08 -67.61 -36.69
CA PRO E 162 4.73 -67.79 -36.12
C PRO E 162 4.33 -66.59 -35.27
N ALA E 163 3.72 -65.58 -35.92
CA ALA E 163 3.37 -64.29 -35.35
C ALA E 163 2.83 -64.41 -33.92
N LEU E 164 3.43 -63.63 -33.01
CA LEU E 164 3.23 -63.83 -31.59
C LEU E 164 1.93 -63.20 -31.12
N ASN E 165 1.17 -63.96 -30.33
CA ASN E 165 -0.07 -63.49 -29.70
C ASN E 165 0.04 -63.62 -28.18
N VAL E 166 1.18 -63.22 -27.64
CA VAL E 166 1.42 -63.38 -26.21
C VAL E 166 0.80 -62.22 -25.45
N THR E 167 0.55 -62.44 -24.16
CA THR E 167 -0.04 -61.43 -23.30
C THR E 167 0.46 -61.65 -21.88
N MET E 168 0.54 -60.56 -21.13
CA MET E 168 0.99 -60.61 -19.73
C MET E 168 -0.10 -59.98 -18.88
N PRO E 169 -0.91 -60.77 -18.16
CA PRO E 169 -1.93 -60.18 -17.27
C PRO E 169 -1.29 -59.63 -16.00
N ASN E 170 -1.52 -58.35 -15.73
CA ASN E 170 -0.98 -57.69 -14.55
C ASN E 170 -2.00 -57.75 -13.42
N ASN E 171 -1.59 -58.31 -12.28
CA ASN E 171 -2.48 -58.47 -11.14
C ASN E 171 -1.89 -57.95 -9.83
N GLU E 172 -0.69 -57.38 -9.84
CA GLU E 172 -0.09 -56.85 -8.63
C GLU E 172 -0.61 -55.44 -8.37
N GLN E 173 -0.01 -54.73 -7.42
CA GLN E 173 -0.52 -53.45 -6.96
C GLN E 173 0.28 -52.26 -7.52
N PHE E 174 1.59 -52.36 -7.57
CA PHE E 174 2.41 -51.26 -8.05
C PHE E 174 2.33 -51.15 -9.57
N ASP E 175 2.61 -49.96 -10.08
CA ASP E 175 2.60 -49.73 -11.52
C ASP E 175 3.79 -50.41 -12.18
N LYS E 176 3.62 -50.74 -13.46
CA LYS E 176 4.65 -51.41 -14.23
C LYS E 176 5.07 -50.56 -15.42
N LEU E 177 6.34 -50.70 -15.82
CA LEU E 177 6.87 -50.05 -17.00
C LEU E 177 7.51 -51.10 -17.89
N TYR E 178 7.12 -51.13 -19.16
CA TYR E 178 7.61 -52.10 -20.12
C TYR E 178 8.40 -51.38 -21.21
N ILE E 179 9.61 -51.87 -21.49
CA ILE E 179 10.48 -51.27 -22.49
C ILE E 179 10.62 -52.27 -23.62
N TRP E 180 10.04 -51.96 -24.78
CA TRP E 180 10.07 -52.85 -25.94
C TRP E 180 10.59 -52.08 -27.14
N GLY E 181 11.37 -52.76 -27.98
CA GLY E 181 11.99 -52.10 -29.12
C GLY E 181 11.49 -52.59 -30.46
N VAL E 182 11.78 -51.82 -31.51
CA VAL E 182 11.43 -52.17 -32.88
C VAL E 182 12.68 -52.06 -33.73
N HIS E 183 12.98 -53.12 -34.49
CA HIS E 183 14.19 -53.18 -35.29
C HIS E 183 13.89 -52.78 -36.73
N HIS E 184 14.67 -51.85 -37.25
CA HIS E 184 14.54 -51.40 -38.64
C HIS E 184 15.70 -51.92 -39.45
N PRO E 185 15.48 -52.83 -40.40
CA PRO E 185 16.58 -53.34 -41.22
C PRO E 185 17.00 -52.31 -42.27
N VAL E 186 18.05 -52.64 -43.00
CA VAL E 186 18.61 -51.74 -44.00
C VAL E 186 18.06 -52.02 -45.39
N THR E 187 17.93 -53.29 -45.77
CA THR E 187 17.46 -53.66 -47.09
C THR E 187 16.43 -54.77 -46.97
N ASP E 188 15.67 -54.95 -48.07
CA ASP E 188 14.67 -56.01 -48.10
C ASP E 188 15.31 -57.40 -48.09
N LYS E 189 16.55 -57.50 -48.59
CA LYS E 189 17.27 -58.78 -48.52
C LYS E 189 17.56 -59.15 -47.07
N ASP E 190 17.95 -58.18 -46.25
CA ASP E 190 18.16 -58.46 -44.83
C ASP E 190 16.84 -58.69 -44.11
N GLN E 191 15.76 -58.05 -44.57
CA GLN E 191 14.45 -58.25 -43.97
C GLN E 191 13.96 -59.68 -44.18
N ILE E 192 14.19 -60.23 -45.37
CA ILE E 192 13.64 -61.55 -45.70
C ILE E 192 14.34 -62.64 -44.87
N PHE E 193 15.67 -62.60 -44.80
CA PHE E 193 16.39 -63.67 -44.13
C PHE E 193 16.30 -63.59 -42.61
N LEU E 194 16.01 -62.41 -42.06
CA LEU E 194 15.96 -62.28 -40.60
C LEU E 194 14.62 -62.73 -40.03
N TYR E 195 13.53 -62.06 -40.44
CA TYR E 195 12.22 -62.28 -39.86
C TYR E 195 11.29 -63.06 -40.77
N ALA E 196 11.80 -63.64 -41.86
CA ALA E 196 11.08 -64.57 -42.72
C ALA E 196 9.86 -63.97 -43.40
N GLN E 197 9.71 -62.65 -43.35
CA GLN E 197 8.59 -61.97 -44.00
C GLN E 197 9.06 -60.61 -44.50
N SER E 198 8.65 -60.27 -45.73
CA SER E 198 9.05 -59.00 -46.33
C SER E 198 8.38 -57.82 -45.63
N SER E 199 7.22 -58.02 -45.05
CA SER E 199 6.49 -56.96 -44.37
C SER E 199 6.69 -57.09 -42.85
N GLY E 200 6.03 -56.21 -42.11
CA GLY E 200 6.09 -56.24 -40.66
C GLY E 200 5.11 -55.30 -40.00
N ARG E 201 4.70 -55.62 -38.78
CA ARG E 201 3.76 -54.80 -38.03
C ARG E 201 3.83 -55.20 -36.57
N ILE E 202 4.06 -54.22 -35.70
CA ILE E 202 4.16 -54.45 -34.26
C ILE E 202 3.07 -53.65 -33.56
N THR E 203 2.28 -54.32 -32.73
CA THR E 203 1.17 -53.68 -32.03
C THR E 203 1.13 -54.15 -30.59
N VAL E 204 1.15 -53.21 -29.66
CA VAL E 204 0.90 -53.48 -28.25
C VAL E 204 -0.38 -52.77 -27.86
N SER E 205 -1.07 -53.32 -26.86
CA SER E 205 -2.38 -52.78 -26.50
C SER E 205 -2.68 -53.09 -25.05
N THR E 206 -3.31 -52.16 -24.36
CA THR E 206 -3.81 -52.32 -23.01
C THR E 206 -5.33 -52.15 -23.02
N LYS E 207 -5.92 -52.13 -21.83
CA LYS E 207 -7.36 -51.90 -21.70
C LYS E 207 -7.73 -50.44 -21.78
N ARG E 208 -6.75 -49.53 -21.86
CA ARG E 208 -7.04 -48.11 -21.94
C ARG E 208 -6.25 -47.37 -22.99
N SER E 209 -5.22 -47.97 -23.59
CA SER E 209 -4.41 -47.29 -24.59
C SER E 209 -3.78 -48.33 -25.51
N GLN E 210 -3.28 -47.85 -26.64
CA GLN E 210 -2.61 -48.72 -27.60
C GLN E 210 -1.52 -47.92 -28.32
N GLN E 211 -0.54 -48.64 -28.85
CA GLN E 211 0.55 -48.04 -29.60
C GLN E 211 0.75 -48.81 -30.90
N ALA E 212 0.93 -48.08 -31.99
CA ALA E 212 1.03 -48.67 -33.32
C ALA E 212 2.33 -48.22 -33.97
N VAL E 213 2.97 -49.14 -34.68
CA VAL E 213 4.22 -48.85 -35.38
C VAL E 213 4.39 -49.82 -36.54
N ILE E 214 5.11 -49.40 -37.56
CA ILE E 214 5.45 -50.25 -38.72
C ILE E 214 6.94 -50.14 -38.95
N PRO E 215 7.64 -51.24 -39.22
CA PRO E 215 9.07 -51.16 -39.50
C PRO E 215 9.35 -50.42 -40.80
N ASN E 216 10.48 -49.71 -40.83
CA ASN E 216 10.92 -48.97 -41.99
C ASN E 216 12.21 -49.56 -42.52
N ILE E 217 12.28 -49.72 -43.84
CA ILE E 217 13.46 -50.28 -44.51
C ILE E 217 14.14 -49.14 -45.25
N GLY E 218 15.42 -48.91 -44.95
CA GLY E 218 16.17 -47.86 -45.60
C GLY E 218 17.58 -47.84 -45.07
N TYR E 219 18.42 -47.06 -45.75
CA TYR E 219 19.82 -46.96 -45.39
C TYR E 219 20.06 -45.78 -44.45
N ARG E 220 20.96 -45.98 -43.50
CA ARG E 220 21.31 -45.00 -42.48
C ARG E 220 22.82 -44.88 -42.43
N PRO E 221 23.35 -43.74 -41.98
CA PRO E 221 24.81 -43.56 -41.95
C PRO E 221 25.48 -44.55 -41.01
N ARG E 222 26.71 -44.93 -41.36
CA ARG E 222 27.44 -45.97 -40.65
C ARG E 222 27.90 -45.44 -39.30
N ILE E 223 27.45 -46.09 -38.23
CA ILE E 223 27.93 -45.83 -36.87
C ILE E 223 28.24 -47.16 -36.21
N ARG E 224 29.48 -47.32 -35.76
CA ARG E 224 29.97 -48.56 -35.15
C ARG E 224 29.74 -49.77 -36.06
N ASN E 225 29.95 -49.56 -37.36
CA ASN E 225 29.80 -50.58 -38.41
C ASN E 225 28.41 -51.22 -38.43
N ILE E 226 27.40 -50.54 -37.92
CA ILE E 226 26.03 -51.03 -37.90
C ILE E 226 25.15 -50.01 -38.61
N PRO E 227 24.75 -50.28 -39.85
CA PRO E 227 23.89 -49.34 -40.58
C PRO E 227 22.42 -49.39 -40.18
N SER E 228 21.99 -50.42 -39.46
CA SER E 228 20.61 -50.53 -39.03
C SER E 228 20.40 -49.84 -37.68
N ARG E 229 19.18 -49.37 -37.46
CA ARG E 229 18.82 -48.62 -36.26
C ARG E 229 17.79 -49.37 -35.44
N ILE E 230 17.60 -48.93 -34.20
CA ILE E 230 16.67 -49.53 -33.26
C ILE E 230 15.82 -48.42 -32.66
N SER E 231 14.49 -48.60 -32.69
CA SER E 231 13.56 -47.67 -32.10
C SER E 231 12.95 -48.29 -30.84
N ILE E 232 12.95 -47.52 -29.75
CA ILE E 232 12.52 -48.01 -28.44
C ILE E 232 11.26 -47.24 -28.03
N TYR E 233 10.23 -47.99 -27.61
CA TYR E 233 9.00 -47.42 -27.10
C TYR E 233 8.70 -48.02 -25.73
N TRP E 234 7.99 -47.25 -24.91
CA TRP E 234 7.66 -47.67 -23.55
C TRP E 234 6.15 -47.66 -23.35
N THR E 235 5.66 -48.66 -22.61
CA THR E 235 4.26 -48.76 -22.25
C THR E 235 4.15 -48.97 -20.75
N ILE E 236 3.18 -48.30 -20.13
CA ILE E 236 2.98 -48.36 -18.68
C ILE E 236 1.67 -49.11 -18.43
N VAL E 237 1.73 -50.15 -17.61
CA VAL E 237 0.59 -51.01 -17.34
C VAL E 237 0.04 -50.64 -15.96
N LYS E 238 -1.22 -50.22 -15.92
CA LYS E 238 -1.92 -49.97 -14.68
C LYS E 238 -2.12 -51.29 -13.93
N PRO E 239 -2.16 -51.26 -12.60
CA PRO E 239 -2.50 -52.49 -11.86
C PRO E 239 -3.93 -52.93 -12.16
N GLY E 240 -4.08 -54.21 -12.49
CA GLY E 240 -5.34 -54.75 -12.97
C GLY E 240 -5.51 -54.71 -14.47
N ASP E 241 -4.59 -54.09 -15.21
CA ASP E 241 -4.66 -54.03 -16.66
C ASP E 241 -3.97 -55.25 -17.27
N ILE E 242 -4.03 -55.34 -18.60
CA ILE E 242 -3.45 -56.46 -19.35
C ILE E 242 -2.67 -55.89 -20.52
N LEU E 243 -1.41 -56.33 -20.67
CA LEU E 243 -0.57 -55.95 -21.80
C LEU E 243 -0.60 -57.06 -22.83
N LEU E 244 -1.07 -56.73 -24.04
CA LEU E 244 -1.18 -57.70 -25.13
C LEU E 244 -0.28 -57.23 -26.28
N ILE E 245 0.58 -58.13 -26.74
CA ILE E 245 1.54 -57.82 -27.81
C ILE E 245 1.24 -58.72 -29.00
N ASN E 246 1.06 -58.11 -30.16
CA ASN E 246 0.93 -58.82 -31.42
C ASN E 246 1.95 -58.26 -32.41
N SER E 247 2.70 -59.15 -33.04
CA SER E 247 3.70 -58.74 -34.02
C SER E 247 3.93 -59.87 -35.02
N THR E 248 4.38 -59.49 -36.20
CA THR E 248 4.70 -60.44 -37.26
C THR E 248 6.15 -60.28 -37.72
N GLY E 249 7.01 -59.79 -36.83
CA GLY E 249 8.41 -59.63 -37.17
C GLY E 249 8.96 -58.27 -36.75
N ASN E 250 10.30 -58.16 -36.72
CA ASN E 250 11.00 -56.92 -36.39
C ASN E 250 10.63 -56.39 -35.02
N LEU E 251 10.42 -57.31 -34.07
CA LEU E 251 10.04 -56.95 -32.71
C LEU E 251 11.17 -57.27 -31.74
N ILE E 252 11.56 -56.28 -30.95
CA ILE E 252 12.47 -56.48 -29.83
C ILE E 252 11.62 -56.49 -28.57
N ALA E 253 11.66 -57.59 -27.82
CA ALA E 253 10.74 -57.78 -26.73
C ALA E 253 11.42 -57.62 -25.38
N PRO E 254 10.69 -57.19 -24.35
CA PRO E 254 11.27 -57.11 -23.01
C PRO E 254 11.30 -58.47 -22.32
N ARG E 255 12.33 -58.66 -21.49
CA ARG E 255 12.40 -59.83 -20.64
C ARG E 255 11.65 -59.66 -19.33
N GLY E 256 11.10 -58.48 -19.07
CA GLY E 256 10.37 -58.22 -17.84
C GLY E 256 9.88 -56.80 -17.75
N TYR E 257 9.99 -56.19 -16.56
CA TYR E 257 9.48 -54.84 -16.36
C TYR E 257 10.33 -54.12 -15.33
N PHE E 258 10.25 -52.80 -15.36
CA PHE E 258 10.90 -51.93 -14.38
C PHE E 258 9.85 -51.36 -13.44
N LYS E 259 10.08 -51.47 -12.14
CA LYS E 259 9.18 -50.88 -11.17
C LYS E 259 9.25 -49.35 -11.25
N ILE E 260 8.10 -48.71 -11.24
CA ILE E 260 8.01 -47.25 -11.33
C ILE E 260 7.28 -46.74 -10.10
N ARG E 261 7.91 -45.84 -9.36
CA ARG E 261 7.34 -45.26 -8.16
C ARG E 261 7.38 -43.73 -8.28
N SER E 262 6.83 -43.05 -7.28
CA SER E 262 6.85 -41.60 -7.21
C SER E 262 7.68 -41.16 -6.01
N GLY E 263 8.58 -40.21 -6.23
CA GLY E 263 9.45 -39.76 -5.16
C GLY E 263 10.12 -38.43 -5.46
N LYS E 264 11.39 -38.31 -5.07
CA LYS E 264 12.13 -37.07 -5.21
C LYS E 264 13.39 -37.24 -6.07
N SER E 265 13.48 -38.33 -6.82
CA SER E 265 14.64 -38.57 -7.65
C SER E 265 14.59 -37.76 -8.94
N SER E 266 15.77 -37.46 -9.49
CA SER E 266 15.88 -36.68 -10.70
C SER E 266 17.24 -36.95 -11.34
N ILE E 267 17.54 -36.23 -12.41
CA ILE E 267 18.83 -36.29 -13.07
C ILE E 267 19.54 -34.95 -12.92
N MET E 268 20.84 -34.95 -13.22
CA MET E 268 21.67 -33.77 -13.11
C MET E 268 22.91 -33.97 -13.96
N ARG E 269 23.30 -32.94 -14.71
CA ARG E 269 24.49 -32.98 -15.55
C ARG E 269 25.57 -32.13 -14.90
N SER E 270 26.71 -32.76 -14.58
CA SER E 270 27.78 -32.06 -13.89
C SER E 270 29.09 -32.81 -14.13
N ASP E 271 30.20 -32.11 -13.86
CA ASP E 271 31.53 -32.70 -13.93
C ASP E 271 32.26 -32.64 -12.60
N ALA E 272 31.60 -32.22 -11.54
CA ALA E 272 32.24 -32.11 -10.23
C ALA E 272 32.50 -33.50 -9.65
N PRO E 273 33.56 -33.65 -8.86
CA PRO E 273 33.83 -34.95 -8.23
C PRO E 273 32.88 -35.25 -7.07
N ILE E 274 33.06 -36.38 -6.42
CA ILE E 274 32.20 -36.83 -5.33
C ILE E 274 33.00 -36.82 -4.04
N GLY E 275 32.47 -36.16 -3.01
CA GLY E 275 33.11 -36.10 -1.72
C GLY E 275 32.14 -36.31 -0.57
N LYS E 276 32.52 -35.86 0.62
CA LYS E 276 31.66 -35.95 1.81
C LYS E 276 31.55 -34.58 2.46
N CYS E 277 30.32 -34.14 2.67
CA CYS E 277 30.03 -32.85 3.30
C CYS E 277 28.75 -33.03 4.11
N ASN E 278 28.12 -31.92 4.49
CA ASN E 278 26.81 -31.95 5.14
C ASN E 278 26.03 -30.72 4.66
N SER E 279 25.26 -30.91 3.60
CA SER E 279 24.46 -29.83 3.04
C SER E 279 23.28 -30.45 2.28
N GLU E 280 22.24 -29.63 2.09
CA GLU E 280 21.02 -30.06 1.39
C GLU E 280 20.88 -29.36 0.04
N CYS E 281 21.99 -29.13 -0.64
CA CYS E 281 21.99 -28.45 -1.93
C CYS E 281 22.93 -29.18 -2.89
N ILE E 282 22.47 -29.37 -4.12
CA ILE E 282 23.28 -29.94 -5.18
C ILE E 282 23.15 -29.05 -6.41
N THR E 283 24.29 -28.62 -6.94
CA THR E 283 24.39 -27.72 -8.09
C THR E 283 25.47 -28.30 -9.00
N PRO E 284 25.32 -28.14 -10.33
CA PRO E 284 26.36 -28.66 -11.23
C PRO E 284 27.75 -28.11 -10.95
N ASN E 285 27.87 -26.92 -10.39
CA ASN E 285 29.18 -26.42 -9.97
C ASN E 285 29.68 -27.13 -8.72
N GLY E 286 28.77 -27.54 -7.84
CA GLY E 286 29.17 -28.20 -6.61
C GLY E 286 28.05 -28.13 -5.58
N SER E 287 28.45 -28.25 -4.31
CA SER E 287 27.52 -28.16 -3.19
C SER E 287 27.67 -26.81 -2.52
N ILE E 288 26.54 -26.18 -2.21
CA ILE E 288 26.55 -24.83 -1.64
C ILE E 288 25.81 -24.83 -0.31
N PRO E 289 26.19 -23.98 0.64
CA PRO E 289 25.42 -23.87 1.88
C PRO E 289 24.05 -23.27 1.63
N ASN E 290 23.08 -23.69 2.46
CA ASN E 290 21.71 -23.24 2.34
C ASN E 290 21.33 -22.18 3.37
N ASP E 291 22.30 -21.72 4.17
CA ASP E 291 22.01 -20.69 5.16
C ASP E 291 21.61 -19.37 4.51
N LYS E 292 22.25 -19.02 3.39
CA LYS E 292 21.88 -17.83 2.65
C LYS E 292 20.50 -18.01 2.01
N PRO E 293 19.71 -16.95 1.92
CA PRO E 293 18.39 -17.05 1.28
C PRO E 293 18.39 -16.91 -0.23
N PHE E 294 19.51 -16.55 -0.84
CA PHE E 294 19.60 -16.37 -2.29
C PHE E 294 20.96 -16.83 -2.78
N GLN E 295 21.03 -17.10 -4.09
CA GLN E 295 22.28 -17.50 -4.71
C GLN E 295 22.20 -17.19 -6.20
N ASN E 296 23.37 -17.19 -6.84
CA ASN E 296 23.44 -16.97 -8.28
C ASN E 296 24.45 -17.90 -8.96
N VAL E 297 24.78 -19.02 -8.32
CA VAL E 297 25.78 -19.93 -8.90
C VAL E 297 25.25 -20.56 -10.17
N ASN E 298 24.04 -21.12 -10.12
CA ASN E 298 23.44 -21.77 -11.28
C ASN E 298 21.94 -21.87 -11.06
N ARG E 299 21.19 -21.84 -12.16
CA ARG E 299 19.74 -21.97 -12.08
C ARG E 299 19.31 -23.41 -11.81
N ILE E 300 20.08 -24.39 -12.26
CA ILE E 300 19.77 -25.79 -12.02
C ILE E 300 20.16 -26.15 -10.59
N THR E 301 19.23 -26.73 -9.85
CA THR E 301 19.48 -27.05 -8.45
C THR E 301 18.62 -28.22 -8.02
N TYR E 302 18.96 -28.78 -6.85
CA TYR E 302 18.26 -29.92 -6.30
C TYR E 302 18.26 -29.81 -4.77
N GLY E 303 17.14 -30.20 -4.16
CA GLY E 303 17.03 -30.14 -2.72
C GLY E 303 16.63 -28.78 -2.20
N ALA E 304 16.69 -28.65 -0.88
CA ALA E 304 16.35 -27.39 -0.21
C ALA E 304 17.44 -26.37 -0.50
N CYS E 305 17.19 -25.49 -1.45
CA CYS E 305 18.20 -24.59 -1.98
C CYS E 305 17.70 -23.16 -2.03
N PRO E 306 18.59 -22.18 -1.96
CA PRO E 306 18.18 -20.79 -2.14
C PRO E 306 17.75 -20.51 -3.58
N ARG E 307 16.94 -19.47 -3.73
CA ARG E 307 16.45 -19.07 -5.04
C ARG E 307 17.58 -18.52 -5.89
N TYR E 308 17.39 -18.58 -7.20
CA TYR E 308 18.37 -18.05 -8.16
C TYR E 308 18.04 -16.59 -8.47
N VAL E 309 19.05 -15.74 -8.40
CA VAL E 309 18.92 -14.32 -8.70
C VAL E 309 20.00 -13.94 -9.72
N LYS E 310 20.02 -12.66 -10.07
CA LYS E 310 20.98 -12.15 -11.04
C LYS E 310 22.00 -11.18 -10.46
N GLN E 311 21.76 -10.67 -9.26
CA GLN E 311 22.67 -9.70 -8.67
C GLN E 311 23.93 -10.39 -8.17
N SER E 312 25.09 -9.73 -8.38
CA SER E 312 26.35 -10.28 -7.92
C SER E 312 26.46 -10.24 -6.41
N THR E 313 26.01 -9.15 -5.79
CA THR E 313 26.07 -8.99 -4.34
C THR E 313 24.77 -8.34 -3.85
N LEU E 314 24.45 -8.61 -2.59
CA LEU E 314 23.27 -8.03 -1.94
C LEU E 314 23.57 -7.98 -0.44
N LYS E 315 23.81 -6.78 0.06
CA LYS E 315 24.15 -6.58 1.46
C LYS E 315 22.92 -6.20 2.26
N LEU E 316 22.69 -6.90 3.37
CA LEU E 316 21.60 -6.59 4.29
C LEU E 316 22.18 -5.94 5.54
N ALA E 317 21.61 -4.81 5.94
CA ALA E 317 22.13 -4.03 7.05
C ALA E 317 21.75 -4.71 8.36
N THR E 318 22.70 -5.45 8.95
CA THR E 318 22.53 -5.99 10.28
C THR E 318 23.00 -5.03 11.36
N GLY E 319 23.44 -3.83 10.97
CA GLY E 319 23.83 -2.81 11.93
C GLY E 319 23.00 -1.54 11.77
N MET E 320 23.66 -0.40 11.76
CA MET E 320 23.00 0.90 11.67
C MET E 320 24.01 1.92 11.17
N ARG E 321 23.66 3.21 11.27
CA ARG E 321 24.45 4.27 10.65
C ARG E 321 25.83 4.37 11.28
N ASN E 322 26.80 4.80 10.47
CA ASN E 322 28.21 4.78 10.82
C ASN E 322 28.79 6.18 10.57
N VAL E 323 28.20 7.18 11.21
CA VAL E 323 28.78 8.53 11.14
C VAL E 323 30.15 8.50 11.81
N PRO E 324 31.20 8.97 11.12
CA PRO E 324 32.54 8.86 11.68
C PRO E 324 32.80 9.90 12.77
N GLU E 325 33.74 9.55 13.65
CA GLU E 325 34.20 10.47 14.68
C GLU E 325 35.00 11.64 14.10
N LYS E 326 35.44 11.54 12.85
CA LYS E 326 36.33 12.48 12.15
C LYS E 326 37.45 12.95 13.06
N GLN E 327 38.32 12.00 13.44
CA GLN E 327 39.48 12.15 14.32
C GLN E 327 39.13 12.86 15.63
N THR E 328 40.14 13.39 16.32
CA THR E 328 39.95 14.01 17.63
C THR E 328 40.07 15.52 17.51
N ARG E 329 39.23 16.23 18.26
CA ARG E 329 39.24 17.69 18.26
C ARG E 329 39.64 18.23 19.63
N PHE F 3 40.25 16.55 23.84
CA PHE F 3 40.37 17.64 24.80
C PHE F 3 39.24 17.59 25.82
N GLY F 4 38.04 17.96 25.39
CA GLY F 4 36.89 17.97 26.28
C GLY F 4 35.67 18.50 25.56
N ALA F 5 34.61 18.71 26.36
CA ALA F 5 33.32 19.22 25.88
C ALA F 5 32.75 18.32 24.79
N ILE F 6 32.45 17.08 25.19
CA ILE F 6 31.99 16.08 24.24
C ILE F 6 30.55 16.34 23.83
N ALA F 7 30.13 15.70 22.74
CA ALA F 7 28.80 15.84 22.16
C ALA F 7 28.16 14.48 22.02
N GLY F 8 27.06 14.44 21.28
CA GLY F 8 26.38 13.19 20.95
C GLY F 8 25.22 13.44 20.01
N PHE F 9 24.87 12.40 19.27
CA PHE F 9 23.78 12.38 18.28
C PHE F 9 24.06 13.41 17.17
N ILE F 10 23.87 14.70 17.45
CA ILE F 10 24.48 15.72 16.59
C ILE F 10 26.00 15.57 16.67
N GLU F 11 26.65 15.59 15.52
CA GLU F 11 28.11 15.63 15.40
C GLU F 11 28.75 14.39 16.04
N ASN F 12 28.46 13.25 15.39
CA ASN F 12 29.23 12.01 15.47
C ASN F 12 29.01 11.19 16.73
N GLY F 13 29.14 9.87 16.60
CA GLY F 13 29.30 8.96 17.72
C GLY F 13 30.77 8.69 17.99
N TRP F 14 31.04 7.74 18.87
CA TRP F 14 32.42 7.47 19.24
C TRP F 14 32.69 5.97 19.19
N GLU F 15 33.94 5.62 18.92
CA GLU F 15 34.41 4.25 18.94
C GLU F 15 34.99 3.85 20.29
N GLY F 16 34.95 4.73 21.28
CA GLY F 16 35.56 4.42 22.57
C GLY F 16 34.82 3.35 23.34
N MET F 17 33.52 3.21 23.10
CA MET F 17 32.71 2.21 23.79
C MET F 17 32.34 1.09 22.84
N VAL F 18 32.48 -0.15 23.32
CA VAL F 18 32.05 -1.33 22.58
C VAL F 18 31.21 -2.27 23.43
N ASP F 19 30.86 -1.88 24.67
CA ASP F 19 30.03 -2.73 25.52
C ASP F 19 28.62 -2.87 24.95
N GLY F 20 28.05 -1.79 24.43
CA GLY F 20 26.72 -1.84 23.85
C GLY F 20 26.63 -1.04 22.57
N TRP F 21 25.41 -0.61 22.24
CA TRP F 21 25.17 0.20 21.04
C TRP F 21 24.83 1.64 21.35
N TYR F 22 24.11 1.90 22.44
CA TYR F 22 23.80 3.25 22.88
C TYR F 22 24.33 3.42 24.30
N GLY F 23 24.99 4.55 24.55
CA GLY F 23 25.57 4.79 25.85
C GLY F 23 25.44 6.22 26.33
N PHE F 24 26.16 6.57 27.38
CA PHE F 24 26.14 7.90 27.95
C PHE F 24 27.56 8.37 28.25
N ARG F 25 27.74 9.69 28.26
CA ARG F 25 29.03 10.30 28.56
C ARG F 25 28.77 11.54 29.39
N HIS F 26 29.43 11.63 30.55
CA HIS F 26 29.16 12.69 31.52
C HIS F 26 30.48 13.29 31.99
N GLN F 27 30.45 14.60 32.27
CA GLN F 27 31.60 15.31 32.80
C GLN F 27 31.18 16.05 34.05
N ASN F 28 31.81 15.73 35.18
CA ASN F 28 31.49 16.35 36.46
C ASN F 28 32.75 16.33 37.33
N SER F 29 32.59 16.50 38.64
CA SER F 29 33.73 16.71 39.51
C SER F 29 34.69 15.52 39.55
N GLU F 30 34.17 14.30 39.43
CA GLU F 30 35.07 13.14 39.49
C GLU F 30 35.88 12.96 38.22
N GLY F 31 35.50 13.64 37.13
CA GLY F 31 36.29 13.61 35.91
C GLY F 31 35.55 13.12 34.69
N ARG F 32 35.97 11.98 34.15
CA ARG F 32 35.40 11.42 32.94
C ARG F 32 34.63 10.14 33.26
N GLY F 33 33.46 10.01 32.65
CA GLY F 33 32.64 8.82 32.86
C GLY F 33 32.03 8.36 31.57
N GLN F 34 31.81 7.05 31.48
CA GLN F 34 31.25 6.44 30.28
C GLN F 34 30.67 5.08 30.63
N ALA F 35 29.45 4.83 30.16
CA ALA F 35 28.78 3.57 30.40
C ALA F 35 27.72 3.38 29.32
N ALA F 36 27.01 2.25 29.39
CA ALA F 36 25.97 1.92 28.42
C ALA F 36 24.78 1.31 29.14
N ASP F 37 23.63 1.35 28.48
CA ASP F 37 22.40 0.80 29.01
C ASP F 37 21.95 -0.39 28.16
N LEU F 38 21.28 -1.34 28.81
CA LEU F 38 20.82 -2.55 28.16
C LEU F 38 19.33 -2.53 27.84
N LYS F 39 18.72 -1.35 27.84
CA LYS F 39 17.29 -1.22 27.52
C LYS F 39 17.08 -0.94 26.04
N SER F 40 17.63 0.17 25.54
CA SER F 40 17.50 0.49 24.12
C SER F 40 18.42 -0.35 23.26
N THR F 41 19.59 -0.74 23.79
CA THR F 41 20.50 -1.61 23.05
C THR F 41 19.86 -2.97 22.78
N GLN F 42 19.19 -3.53 23.78
CA GLN F 42 18.49 -4.81 23.59
C GLN F 42 17.33 -4.65 22.63
N ALA F 43 16.63 -3.51 22.70
CA ALA F 43 15.49 -3.28 21.81
C ALA F 43 15.92 -3.19 20.35
N ALA F 44 17.05 -2.51 20.09
CA ALA F 44 17.55 -2.42 18.73
C ALA F 44 18.05 -3.77 18.23
N ILE F 45 18.64 -4.56 19.13
CA ILE F 45 19.17 -5.87 18.73
C ILE F 45 18.03 -6.82 18.39
N ASP F 46 16.97 -6.85 19.22
CA ASP F 46 15.91 -7.84 19.07
C ASP F 46 15.18 -7.67 17.75
N CYS F 47 14.98 -6.43 17.31
CA CYS F 47 14.35 -6.19 16.02
C CYS F 47 15.29 -6.56 14.87
N ILE F 48 16.60 -6.56 15.12
CA ILE F 48 17.56 -6.85 14.04
C ILE F 48 17.66 -8.34 13.80
N ASN F 49 17.82 -9.13 14.87
CA ASN F 49 17.78 -10.58 14.70
C ASN F 49 16.37 -11.09 14.38
N GLY F 50 15.35 -10.26 14.57
CA GLY F 50 14.04 -10.59 14.03
C GLY F 50 14.05 -10.66 12.52
N LYS F 51 14.83 -9.79 11.87
CA LYS F 51 15.06 -9.94 10.45
C LYS F 51 15.90 -11.16 10.14
N LEU F 52 16.92 -11.44 10.95
CA LEU F 52 17.84 -12.54 10.67
C LEU F 52 17.37 -13.84 11.33
N ASN F 53 16.09 -14.16 11.12
CA ASN F 53 15.57 -15.50 11.35
C ASN F 53 14.60 -15.99 10.30
N ARG F 54 13.94 -15.09 9.56
CA ARG F 54 13.10 -15.43 8.42
C ARG F 54 13.88 -15.43 7.12
N LEU F 55 15.16 -15.10 7.16
CA LEU F 55 16.02 -15.09 5.98
C LEU F 55 17.13 -16.12 6.06
N ILE F 56 17.87 -16.16 7.16
CA ILE F 56 18.97 -17.11 7.34
C ILE F 56 18.41 -18.43 7.85
N GLY F 57 18.10 -19.34 6.93
CA GLY F 57 17.62 -20.65 7.33
C GLY F 57 16.33 -21.06 6.64
N LYS F 58 15.72 -20.13 5.89
CA LYS F 58 14.47 -20.40 5.21
C LYS F 58 14.74 -20.88 3.79
N THR F 59 14.43 -22.15 3.53
CA THR F 59 14.59 -22.74 2.21
C THR F 59 13.30 -23.46 1.82
N ASN F 60 13.03 -23.48 0.52
CA ASN F 60 11.86 -24.18 -0.02
C ASN F 60 12.34 -25.36 -0.85
N GLU F 61 11.76 -26.54 -0.57
CA GLU F 61 12.22 -27.76 -1.21
C GLU F 61 11.78 -27.81 -2.67
N LYS F 62 12.71 -28.18 -3.54
CA LYS F 62 12.44 -28.41 -4.95
C LYS F 62 13.27 -29.59 -5.41
N PHE F 63 12.61 -30.62 -5.94
CA PHE F 63 13.28 -31.88 -6.28
C PHE F 63 13.31 -32.12 -7.79
N HIS F 64 12.16 -32.13 -8.45
CA HIS F 64 12.09 -32.39 -9.89
C HIS F 64 11.56 -31.15 -10.59
N GLN F 65 12.31 -30.66 -11.57
CA GLN F 65 11.94 -29.50 -12.37
C GLN F 65 12.20 -29.80 -13.83
N ILE F 66 11.92 -28.82 -14.68
CA ILE F 66 12.12 -28.96 -16.12
C ILE F 66 13.60 -28.83 -16.44
N GLU F 67 13.99 -29.23 -17.65
CA GLU F 67 15.37 -29.08 -18.10
C GLU F 67 15.64 -27.60 -18.37
N LYS F 68 16.50 -26.99 -17.55
CA LYS F 68 16.75 -25.56 -17.66
C LYS F 68 17.83 -25.22 -18.68
N GLU F 69 18.49 -26.22 -19.26
CA GLU F 69 19.47 -25.99 -20.32
C GLU F 69 19.23 -26.98 -21.44
N PHE F 70 19.60 -26.59 -22.66
CA PHE F 70 19.38 -27.40 -23.83
C PHE F 70 20.63 -27.42 -24.70
N SER F 71 20.84 -28.55 -25.37
CA SER F 71 21.97 -28.71 -26.30
C SER F 71 21.52 -28.55 -27.75
N GLU F 72 20.54 -29.34 -28.18
CA GLU F 72 20.01 -29.24 -29.53
C GLU F 72 18.99 -28.11 -29.60
N VAL F 73 18.49 -27.87 -30.82
CA VAL F 73 17.50 -26.83 -31.08
C VAL F 73 16.15 -27.50 -31.35
N GLU F 74 15.10 -26.97 -30.71
CA GLU F 74 13.76 -27.50 -30.90
C GLU F 74 12.78 -26.36 -31.19
N GLY F 75 11.48 -26.66 -31.17
CA GLY F 75 10.49 -25.68 -31.52
C GLY F 75 9.83 -24.98 -30.34
N ARG F 76 8.51 -25.16 -30.21
CA ARG F 76 7.76 -24.44 -29.19
C ARG F 76 8.08 -24.96 -27.79
N ILE F 77 8.37 -26.25 -27.67
CA ILE F 77 8.60 -26.85 -26.35
C ILE F 77 9.87 -26.27 -25.73
N GLN F 78 10.95 -26.16 -26.51
CA GLN F 78 12.18 -25.56 -25.99
C GLN F 78 12.01 -24.07 -25.78
N ASP F 79 11.27 -23.39 -26.66
CA ASP F 79 11.06 -21.96 -26.52
C ASP F 79 10.23 -21.63 -25.28
N LEU F 80 9.20 -22.43 -25.00
CA LEU F 80 8.36 -22.18 -23.83
C LEU F 80 9.10 -22.48 -22.54
N GLU F 81 9.89 -23.55 -22.52
CA GLU F 81 10.63 -23.91 -21.31
C GLU F 81 11.70 -22.88 -20.98
N LYS F 82 12.35 -22.32 -22.01
CA LYS F 82 13.30 -21.24 -21.78
C LYS F 82 12.59 -19.96 -21.34
N TYR F 83 11.40 -19.71 -21.90
CA TYR F 83 10.65 -18.51 -21.55
C TYR F 83 10.13 -18.56 -20.12
N VAL F 84 9.68 -19.74 -19.68
CA VAL F 84 9.12 -19.87 -18.33
C VAL F 84 10.21 -19.76 -17.26
N GLU F 85 11.48 -19.94 -17.65
CA GLU F 85 12.56 -19.83 -16.67
C GLU F 85 13.05 -18.39 -16.53
N ASP F 86 13.05 -17.64 -17.63
CA ASP F 86 13.52 -16.26 -17.58
C ASP F 86 12.54 -15.36 -16.83
N THR F 87 11.24 -15.61 -16.98
CA THR F 87 10.26 -14.80 -16.27
C THR F 87 10.25 -15.11 -14.77
N LYS F 88 10.63 -16.34 -14.40
CA LYS F 88 10.70 -16.68 -12.98
C LYS F 88 11.92 -16.05 -12.32
N ILE F 89 13.06 -16.06 -13.01
CA ILE F 89 14.27 -15.48 -12.46
C ILE F 89 14.14 -13.97 -12.31
N ASP F 90 13.56 -13.30 -13.32
CA ASP F 90 13.44 -11.85 -13.28
C ASP F 90 12.53 -11.39 -12.16
N LEU F 91 11.41 -12.10 -11.94
CA LEU F 91 10.53 -11.76 -10.82
C LEU F 91 11.22 -12.00 -9.49
N TRP F 92 11.98 -13.09 -9.36
CA TRP F 92 12.70 -13.36 -8.12
C TRP F 92 13.86 -12.38 -7.91
N SER F 93 14.49 -11.94 -9.02
CA SER F 93 15.54 -10.94 -8.91
C SER F 93 14.98 -9.62 -8.41
N TYR F 94 13.79 -9.23 -8.89
CA TYR F 94 13.14 -8.02 -8.39
C TYR F 94 12.73 -8.20 -6.93
N ASN F 95 12.22 -9.39 -6.58
CA ASN F 95 11.75 -9.62 -5.23
C ASN F 95 12.90 -9.58 -4.23
N ALA F 96 14.06 -10.09 -4.61
CA ALA F 96 15.24 -10.01 -3.73
C ALA F 96 15.70 -8.56 -3.56
N GLU F 97 15.66 -7.77 -4.63
CA GLU F 97 16.10 -6.39 -4.56
C GLU F 97 15.16 -5.55 -3.70
N LEU F 98 13.85 -5.74 -3.86
CA LEU F 98 12.89 -4.96 -3.09
C LEU F 98 12.91 -5.34 -1.62
N LEU F 99 13.04 -6.64 -1.32
CA LEU F 99 13.09 -7.08 0.07
C LEU F 99 14.33 -6.56 0.79
N VAL F 100 15.48 -6.56 0.10
CA VAL F 100 16.72 -6.07 0.72
C VAL F 100 16.63 -4.57 0.98
N ALA F 101 16.13 -3.80 0.00
CA ALA F 101 16.05 -2.36 0.15
C ALA F 101 15.01 -1.96 1.20
N LEU F 102 13.93 -2.73 1.32
CA LEU F 102 12.89 -2.40 2.29
C LEU F 102 13.40 -2.55 3.72
N GLU F 103 14.02 -3.70 4.03
CA GLU F 103 14.51 -3.92 5.39
C GLU F 103 15.73 -3.08 5.70
N ASN F 104 16.53 -2.71 4.69
CA ASN F 104 17.65 -1.82 4.92
C ASN F 104 17.18 -0.43 5.35
N GLN F 105 16.14 0.08 4.69
CA GLN F 105 15.58 1.37 5.09
C GLN F 105 14.89 1.29 6.44
N HIS F 106 14.17 0.19 6.69
CA HIS F 106 13.48 0.02 7.96
C HIS F 106 14.46 -0.10 9.12
N THR F 107 15.57 -0.82 8.92
CA THR F 107 16.55 -0.98 9.98
C THR F 107 17.23 0.34 10.33
N ILE F 108 17.61 1.13 9.31
CA ILE F 108 18.30 2.39 9.56
C ILE F 108 17.40 3.36 10.31
N ASP F 109 16.14 3.46 9.91
CA ASP F 109 15.22 4.39 10.57
C ASP F 109 14.89 3.93 11.99
N LEU F 110 14.80 2.62 12.21
CA LEU F 110 14.32 2.12 13.50
C LEU F 110 15.32 2.41 14.62
N THR F 111 16.60 2.10 14.40
CA THR F 111 17.62 2.40 15.42
C THR F 111 17.76 3.90 15.62
N ASP F 112 17.61 4.68 14.56
CA ASP F 112 17.61 6.13 14.70
C ASP F 112 16.40 6.60 15.49
N SER F 113 15.24 5.98 15.27
CA SER F 113 14.03 6.38 15.99
C SER F 113 14.02 5.85 17.42
N GLU F 114 14.58 4.66 17.64
CA GLU F 114 14.53 4.05 18.97
C GLU F 114 15.42 4.81 19.96
N MET F 115 16.57 5.29 19.53
CA MET F 115 17.44 6.01 20.47
C MET F 115 16.90 7.41 20.74
N ASN F 116 16.11 7.95 19.81
CA ASN F 116 15.37 9.18 20.08
C ASN F 116 14.37 8.99 21.22
N LYS F 117 13.82 7.78 21.36
CA LYS F 117 13.02 7.47 22.55
C LYS F 117 13.88 7.53 23.81
N LEU F 118 15.12 7.04 23.72
CA LEU F 118 16.04 7.14 24.85
C LEU F 118 16.42 8.58 25.13
N PHE F 119 16.61 9.39 24.09
CA PHE F 119 16.88 10.80 24.28
C PHE F 119 15.67 11.51 24.90
N GLU F 120 14.46 11.18 24.45
CA GLU F 120 13.28 11.80 25.00
C GLU F 120 13.00 11.32 26.43
N LYS F 121 13.30 10.05 26.72
CA LYS F 121 13.05 9.51 28.05
C LYS F 121 13.91 10.22 29.10
N THR F 122 15.19 10.42 28.81
CA THR F 122 16.06 11.11 29.75
C THR F 122 15.85 12.62 29.75
N LYS F 123 15.22 13.16 28.71
CA LYS F 123 14.89 14.59 28.71
C LYS F 123 13.70 14.89 29.61
N LYS F 124 12.67 14.04 29.58
CA LYS F 124 11.49 14.26 30.41
C LYS F 124 11.75 13.93 31.87
N GLN F 125 12.77 13.11 32.17
CA GLN F 125 13.18 12.92 33.55
C GLN F 125 13.73 14.21 34.13
N LEU F 126 14.52 14.94 33.35
CA LEU F 126 14.98 16.27 33.73
C LEU F 126 14.06 17.32 33.14
N ARG F 127 12.87 17.41 33.75
CA ARG F 127 11.82 18.29 33.23
C ARG F 127 12.24 19.75 33.26
N GLU F 128 12.85 20.19 34.36
CA GLU F 128 13.46 21.51 34.41
C GLU F 128 14.78 21.54 35.16
N ASN F 129 15.29 20.39 35.63
CA ASN F 129 16.59 20.36 36.29
C ASN F 129 17.75 20.50 35.32
N ALA F 130 17.52 20.29 34.03
CA ALA F 130 18.57 20.40 33.03
C ALA F 130 18.01 21.03 31.77
N GLU F 131 18.91 21.56 30.96
CA GLU F 131 18.57 22.23 29.71
C GLU F 131 19.09 21.42 28.54
N ASP F 132 18.94 21.97 27.34
CA ASP F 132 19.42 21.32 26.13
C ASP F 132 20.53 22.15 25.50
N MET F 133 21.51 21.46 24.92
CA MET F 133 22.64 22.12 24.27
C MET F 133 22.63 21.97 22.76
N GLY F 134 21.71 21.19 22.21
CA GLY F 134 21.60 21.00 20.79
C GLY F 134 22.42 19.86 20.24
N ASN F 135 23.38 19.34 21.01
CA ASN F 135 24.23 18.23 20.60
C ASN F 135 24.15 17.06 21.56
N GLY F 136 22.94 16.72 22.00
CA GLY F 136 22.71 15.55 22.81
C GLY F 136 23.17 15.66 24.25
N CYS F 137 23.59 16.84 24.70
CA CYS F 137 24.06 17.03 26.05
C CYS F 137 23.04 17.82 26.86
N PHE F 138 23.07 17.61 28.18
CA PHE F 138 22.12 18.24 29.09
C PHE F 138 22.89 19.04 30.13
N LYS F 139 22.72 20.36 30.12
CA LYS F 139 23.40 21.24 31.07
C LYS F 139 22.70 21.12 32.41
N ILE F 140 23.08 20.11 33.19
CA ILE F 140 22.46 19.85 34.48
C ILE F 140 23.02 20.80 35.52
N TYR F 141 22.13 21.45 36.27
CA TYR F 141 22.48 22.27 37.41
C TYR F 141 22.48 21.38 38.66
N HIS F 142 22.52 22.01 39.84
CA HIS F 142 22.52 21.30 41.12
C HIS F 142 23.72 20.37 41.21
N LYS F 143 24.91 20.94 41.40
CA LYS F 143 26.19 20.22 41.54
C LYS F 143 26.06 18.90 42.30
N CYS F 144 26.57 17.83 41.71
CA CYS F 144 26.44 16.50 42.29
C CYS F 144 27.48 15.59 41.65
N ASP F 145 27.85 14.53 42.36
CA ASP F 145 28.94 13.66 41.97
C ASP F 145 28.42 12.48 41.15
N ASN F 146 29.25 11.45 41.00
CA ASN F 146 28.96 10.31 40.14
C ASN F 146 27.74 9.50 40.56
N ALA F 147 27.25 9.70 41.79
CA ALA F 147 26.10 8.94 42.26
C ALA F 147 24.82 9.30 41.50
N CYS F 148 24.75 10.47 40.87
CA CYS F 148 23.56 10.86 40.13
C CYS F 148 23.42 10.04 38.85
N ILE F 149 24.54 9.72 38.21
CA ILE F 149 24.51 9.13 36.87
C ILE F 149 23.85 7.76 36.88
N GLY F 150 24.05 6.99 37.95
CA GLY F 150 23.33 5.72 38.07
C GLY F 150 21.83 5.90 38.22
N SER F 151 21.41 6.96 38.91
CA SER F 151 19.98 7.21 39.11
C SER F 151 19.29 7.51 37.79
N ILE F 152 19.98 8.19 36.88
CA ILE F 152 19.39 8.50 35.58
C ILE F 152 19.13 7.22 34.79
N ARG F 153 20.11 6.30 34.78
CA ARG F 153 19.92 5.03 34.10
C ARG F 153 18.81 4.21 34.75
N ASN F 154 18.77 4.19 36.09
CA ASN F 154 17.70 3.50 36.80
C ASN F 154 16.38 4.24 36.72
N GLY F 155 16.40 5.53 36.38
CA GLY F 155 15.19 6.33 36.33
C GLY F 155 14.74 6.89 37.65
N THR F 156 15.50 6.70 38.73
CA THR F 156 15.12 7.18 40.06
C THR F 156 15.68 8.57 40.34
N TYR F 157 15.41 9.51 39.45
CA TYR F 157 15.82 10.91 39.63
C TYR F 157 14.58 11.71 40.01
N ASP F 158 14.54 12.19 41.25
CA ASP F 158 13.43 12.99 41.75
C ASP F 158 13.74 14.47 41.50
N HIS F 159 12.96 15.09 40.62
CA HIS F 159 13.17 16.50 40.30
C HIS F 159 12.77 17.43 41.43
N ASP F 160 11.85 16.99 42.31
CA ASP F 160 11.33 17.87 43.34
C ASP F 160 12.38 18.16 44.41
N VAL F 161 13.13 17.14 44.83
CA VAL F 161 14.11 17.33 45.89
C VAL F 161 15.33 18.11 45.40
N TYR F 162 15.53 18.21 44.09
CA TYR F 162 16.66 18.93 43.52
C TYR F 162 16.23 20.24 42.85
N ARG F 163 15.04 20.75 43.21
CA ARG F 163 14.50 21.93 42.55
C ARG F 163 15.20 23.22 43.00
N ASP F 164 15.76 23.24 44.21
CA ASP F 164 16.29 24.47 44.77
C ASP F 164 17.48 24.99 43.97
N GLU F 165 18.43 24.12 43.66
CA GLU F 165 19.61 24.51 42.90
C GLU F 165 19.41 24.40 41.39
N ALA F 166 18.29 23.81 40.94
CA ALA F 166 18.01 23.71 39.52
C ALA F 166 17.39 24.98 38.94
N LEU F 167 16.90 25.89 39.79
CA LEU F 167 16.30 27.13 39.34
C LEU F 167 17.11 28.36 39.79
N ASN F 168 18.26 28.15 40.43
CA ASN F 168 19.15 29.24 40.79
C ASN F 168 20.20 29.48 39.71
N ASN F 169 20.85 28.42 39.24
CA ASN F 169 21.72 28.56 38.06
C ASN F 169 20.90 28.92 36.84
N ARG F 170 19.73 28.30 36.69
CA ARG F 170 18.78 28.73 35.68
C ARG F 170 18.15 30.06 36.09
N PHE F 171 17.61 30.76 35.11
CA PHE F 171 16.91 32.05 35.29
C PHE F 171 17.91 33.06 35.85
N GLN F 172 17.41 33.98 36.69
CA GLN F 172 18.22 34.99 37.37
C GLN F 172 19.07 35.82 36.41
N GLN G 1 -31.36 34.50 43.69
CA GLN G 1 -30.59 35.63 44.21
C GLN G 1 -30.12 35.36 45.64
N VAL G 2 -29.37 36.30 46.20
CA VAL G 2 -28.81 36.18 47.55
C VAL G 2 -29.69 36.99 48.50
N THR G 3 -30.10 36.35 49.60
CA THR G 3 -30.94 37.01 50.58
C THR G 3 -30.87 36.24 51.90
N LEU G 4 -30.50 36.94 52.97
CA LEU G 4 -30.52 36.40 54.32
C LEU G 4 -31.51 37.18 55.16
N LYS G 5 -32.25 36.48 56.02
CA LYS G 5 -33.25 37.08 56.87
C LYS G 5 -33.00 36.68 58.32
N GLU G 6 -33.39 37.55 59.24
CA GLU G 6 -33.18 37.36 60.66
C GLU G 6 -34.52 37.28 61.39
N SER G 7 -34.55 36.48 62.44
CA SER G 7 -35.74 36.34 63.29
C SER G 7 -35.30 36.34 64.74
N GLY G 8 -36.03 37.07 65.58
CA GLY G 8 -35.70 37.17 66.98
C GLY G 8 -36.90 37.53 67.83
N PRO G 9 -36.75 37.49 69.15
CA PRO G 9 -37.86 37.80 70.05
C PRO G 9 -38.17 39.29 70.10
N GLY G 10 -37.14 40.12 69.97
CA GLY G 10 -37.33 41.56 70.00
C GLY G 10 -37.22 42.16 71.39
N ILE G 11 -38.11 41.74 72.29
CA ILE G 11 -38.13 42.24 73.66
C ILE G 11 -37.84 41.06 74.59
N LEU G 12 -36.85 41.23 75.46
CA LEU G 12 -36.47 40.18 76.40
C LEU G 12 -36.07 40.78 77.73
N GLN G 13 -36.25 39.99 78.79
CA GLN G 13 -35.90 40.39 80.14
C GLN G 13 -34.39 40.29 80.36
N PRO G 14 -33.85 41.03 81.33
CA PRO G 14 -32.41 40.92 81.63
C PRO G 14 -32.05 39.53 82.14
N SER G 15 -30.78 39.18 81.93
CA SER G 15 -30.19 37.90 82.34
C SER G 15 -30.87 36.70 81.69
N GLN G 16 -31.47 36.89 80.52
CA GLN G 16 -32.08 35.81 79.77
C GLN G 16 -31.10 35.32 78.70
N THR G 17 -31.58 34.44 77.82
CA THR G 17 -30.78 33.90 76.72
C THR G 17 -31.34 34.36 75.40
N LEU G 18 -30.46 34.71 74.46
CA LEU G 18 -30.86 35.21 73.15
C LEU G 18 -30.92 34.06 72.15
N SER G 19 -32.00 34.01 71.38
CA SER G 19 -32.20 32.99 70.36
C SER G 19 -32.50 33.68 69.04
N LEU G 20 -31.54 33.67 68.12
CA LEU G 20 -31.69 34.27 66.81
C LEU G 20 -31.48 33.22 65.73
N THR G 21 -32.35 33.21 64.73
CA THR G 21 -32.27 32.29 63.61
C THR G 21 -32.05 33.09 62.33
N CYS G 22 -30.98 32.76 61.61
CA CYS G 22 -30.66 33.41 60.34
C CYS G 22 -30.93 32.43 59.20
N SER G 23 -31.89 32.76 58.36
CA SER G 23 -32.27 31.93 57.22
C SER G 23 -31.81 32.59 55.93
N PHE G 24 -31.14 31.81 55.08
CA PHE G 24 -30.57 32.33 53.84
C PHE G 24 -31.00 31.44 52.68
N SER G 25 -30.98 32.03 51.49
CA SER G 25 -31.35 31.33 50.27
C SER G 25 -30.41 31.74 49.15
N GLY G 26 -30.35 30.90 48.12
CA GLY G 26 -29.51 31.14 46.96
C GLY G 26 -28.12 30.56 47.04
N PHE G 27 -27.73 30.00 48.18
CA PHE G 27 -26.43 29.37 48.33
C PHE G 27 -26.50 28.34 49.44
N SER G 28 -25.92 27.17 49.17
CA SER G 28 -25.98 26.03 50.08
C SER G 28 -24.62 25.79 50.71
N LEU G 29 -24.63 25.42 51.99
CA LEU G 29 -23.42 25.36 52.80
C LEU G 29 -22.47 24.26 52.34
N SER G 30 -22.92 23.33 51.49
CA SER G 30 -22.04 22.29 50.98
C SER G 30 -20.96 22.84 50.05
N THR G 31 -21.10 24.09 49.60
CA THR G 31 -20.11 24.69 48.72
C THR G 31 -18.81 24.94 49.48
N PHE G 32 -17.69 24.77 48.78
CA PHE G 32 -16.38 24.94 49.39
C PHE G 32 -16.08 26.42 49.62
N GLY G 33 -15.68 26.76 50.84
CA GLY G 33 -15.14 28.08 51.12
C GLY G 33 -16.15 29.20 51.27
N MET G 34 -17.22 28.99 52.04
CA MET G 34 -18.17 30.05 52.33
C MET G 34 -18.64 29.94 53.78
N GLY G 35 -18.72 31.09 54.44
CA GLY G 35 -19.29 31.16 55.78
C GLY G 35 -20.29 32.28 55.86
N VAL G 36 -20.87 32.45 57.04
CA VAL G 36 -21.81 33.53 57.32
C VAL G 36 -21.36 34.26 58.58
N GLY G 37 -21.39 35.60 58.52
CA GLY G 37 -20.97 36.43 59.63
C GLY G 37 -22.13 36.75 60.58
N TRP G 38 -21.79 37.48 61.63
CA TRP G 38 -22.78 37.87 62.64
C TRP G 38 -22.27 39.12 63.34
N ILE G 39 -22.93 40.25 63.08
CA ILE G 39 -22.54 41.56 63.58
C ILE G 39 -23.79 42.27 64.10
N ARG G 40 -23.63 43.07 65.15
CA ARG G 40 -24.74 43.75 65.77
C ARG G 40 -24.49 45.26 65.83
N GLN G 41 -25.57 46.03 65.74
CA GLN G 41 -25.53 47.48 65.76
C GLN G 41 -26.18 48.02 67.02
N PRO G 42 -25.44 48.69 67.90
CA PRO G 42 -26.03 49.19 69.16
C PRO G 42 -26.87 50.45 68.99
N SER G 43 -27.17 50.82 67.74
CA SER G 43 -28.06 51.93 67.41
C SER G 43 -27.55 53.26 67.99
N GLY G 44 -26.39 53.68 67.48
CA GLY G 44 -25.80 54.95 67.90
C GLY G 44 -24.30 54.88 68.07
N LYS G 45 -23.80 53.72 68.47
CA LYS G 45 -22.37 53.50 68.58
C LYS G 45 -21.88 52.79 67.31
N GLY G 46 -20.61 52.38 67.30
CA GLY G 46 -20.08 51.64 66.17
C GLY G 46 -20.45 50.17 66.20
N LEU G 47 -20.32 49.53 65.05
CA LEU G 47 -20.59 48.11 64.92
C LEU G 47 -19.53 47.30 65.67
N GLU G 48 -19.91 46.10 66.09
CA GLU G 48 -18.98 45.16 66.71
C GLU G 48 -19.18 43.78 66.09
N TRP G 49 -18.11 43.23 65.51
CA TRP G 49 -18.15 41.86 65.03
C TRP G 49 -17.96 40.89 66.20
N LEU G 50 -18.74 39.81 66.20
CA LEU G 50 -18.71 38.87 67.31
C LEU G 50 -18.26 37.47 66.89
N ALA G 51 -18.90 36.86 65.91
CA ALA G 51 -18.58 35.48 65.57
C ALA G 51 -19.02 35.18 64.14
N HIS G 52 -18.50 34.08 63.60
CA HIS G 52 -18.92 33.55 62.32
C HIS G 52 -18.64 32.05 62.31
N ILE G 53 -19.31 31.35 61.38
CA ILE G 53 -19.18 29.90 61.26
C ILE G 53 -18.80 29.57 59.82
N TRP G 54 -17.80 28.70 59.65
CA TRP G 54 -17.33 28.29 58.35
C TRP G 54 -18.03 27.02 57.90
N TRP G 55 -17.70 26.58 56.68
CA TRP G 55 -18.37 25.43 56.08
C TRP G 55 -17.90 24.10 56.66
N ASP G 56 -16.67 24.03 57.17
CA ASP G 56 -16.09 22.79 57.69
C ASP G 56 -16.21 22.68 59.20
N ASN G 57 -17.29 23.23 59.77
CA ASN G 57 -17.54 23.20 61.23
C ASN G 57 -16.38 23.82 62.01
N ASP G 58 -15.80 24.89 61.47
CA ASP G 58 -14.71 25.61 62.10
C ASP G 58 -15.22 26.98 62.53
N GLU G 59 -15.05 27.29 63.82
CA GLU G 59 -15.67 28.46 64.42
C GLU G 59 -14.60 29.41 64.96
N TYR G 60 -14.74 30.69 64.65
CA TYR G 60 -14.00 31.76 65.30
C TYR G 60 -14.99 32.75 65.90
N CYS G 61 -14.63 33.33 67.03
CA CYS G 61 -15.54 34.20 67.76
C CYS G 61 -14.75 35.26 68.51
N ASN G 62 -15.47 36.24 69.02
CA ASN G 62 -14.87 37.35 69.77
C ASN G 62 -14.31 36.82 71.09
N PRO G 63 -13.03 37.07 71.40
CA PRO G 63 -12.49 36.66 72.71
C PRO G 63 -13.19 37.29 73.89
N ALA G 64 -13.81 38.46 73.72
CA ALA G 64 -14.52 39.11 74.82
C ALA G 64 -15.84 38.42 75.15
N LEU G 65 -16.33 37.52 74.30
CA LEU G 65 -17.59 36.83 74.51
C LEU G 65 -17.44 35.34 74.25
N LYS G 66 -16.37 34.74 74.77
CA LYS G 66 -16.14 33.32 74.58
C LYS G 66 -17.13 32.48 75.40
N SER G 67 -17.38 32.87 76.64
CA SER G 67 -18.15 32.07 77.57
C SER G 67 -19.66 32.32 77.49
N ARG G 68 -20.11 33.29 76.70
CA ARG G 68 -21.52 33.61 76.61
C ARG G 68 -22.12 33.43 75.23
N LEU G 69 -21.32 33.14 74.21
CA LEU G 69 -21.80 33.04 72.84
C LEU G 69 -21.67 31.60 72.34
N THR G 70 -22.73 31.13 71.66
CA THR G 70 -22.73 29.83 71.03
C THR G 70 -23.37 29.97 69.66
N ILE G 71 -22.67 29.50 68.63
CA ILE G 71 -23.11 29.63 67.24
C ILE G 71 -23.14 28.25 66.60
N SER G 72 -24.24 27.95 65.90
CA SER G 72 -24.43 26.66 65.25
C SER G 72 -24.93 26.89 63.83
N LYS G 73 -25.25 25.80 63.14
CA LYS G 73 -25.71 25.87 61.76
C LYS G 73 -26.72 24.76 61.50
N ASP G 74 -27.45 24.91 60.40
CA ASP G 74 -28.34 23.86 59.89
C ASP G 74 -28.10 23.78 58.38
N THR G 75 -27.30 22.80 57.98
CA THR G 75 -26.88 22.70 56.58
C THR G 75 -28.05 22.33 55.66
N SER G 76 -28.92 21.42 56.12
CA SER G 76 -29.98 20.91 55.25
C SER G 76 -31.00 21.99 54.91
N LYS G 77 -31.51 22.69 55.93
CA LYS G 77 -32.56 23.68 55.73
C LYS G 77 -32.03 25.10 55.60
N ASN G 78 -30.70 25.28 55.59
CA ASN G 78 -30.05 26.58 55.43
C ASN G 78 -30.49 27.55 56.52
N HIS G 79 -30.18 27.18 57.76
CA HIS G 79 -30.49 28.00 58.92
C HIS G 79 -29.26 28.16 59.80
N ILE G 80 -29.14 29.33 60.43
CA ILE G 80 -28.01 29.66 61.27
C ILE G 80 -28.53 30.05 62.65
N PHE G 81 -27.98 29.45 63.70
CA PHE G 81 -28.42 29.65 65.06
C PHE G 81 -27.38 30.46 65.82
N LEU G 82 -27.83 31.50 66.53
CA LEU G 82 -26.96 32.32 67.37
C LEU G 82 -27.51 32.34 68.78
N LYS G 83 -26.67 31.96 69.75
CA LYS G 83 -27.03 31.91 71.15
C LYS G 83 -26.16 32.87 71.94
N ILE G 84 -26.79 33.74 72.73
CA ILE G 84 -26.09 34.64 73.64
C ILE G 84 -26.72 34.48 75.03
N ALA G 85 -25.91 34.15 76.02
CA ALA G 85 -26.38 33.91 77.36
C ALA G 85 -26.06 35.10 78.26
N ASN G 86 -26.88 35.25 79.31
CA ASN G 86 -26.74 36.32 80.31
C ASN G 86 -26.79 37.70 79.65
N VAL G 87 -27.96 38.01 79.09
CA VAL G 87 -28.13 39.27 78.35
C VAL G 87 -28.09 40.45 79.32
N ASP G 88 -27.78 41.62 78.76
CA ASP G 88 -27.66 42.84 79.55
C ASP G 88 -28.16 44.01 78.71
N THR G 89 -28.19 45.19 79.33
CA THR G 89 -28.62 46.39 78.62
C THR G 89 -27.58 46.85 77.59
N ALA G 90 -26.35 46.36 77.68
CA ALA G 90 -25.35 46.64 76.64
C ALA G 90 -25.62 45.84 75.38
N ASP G 91 -26.40 44.76 75.48
CA ASP G 91 -26.77 43.96 74.33
C ASP G 91 -28.01 44.49 73.62
N THR G 92 -28.61 45.57 74.11
CA THR G 92 -29.73 46.22 73.43
C THR G 92 -29.20 46.81 72.13
N ALA G 93 -29.48 46.13 71.02
CA ALA G 93 -28.83 46.46 69.76
C ALA G 93 -29.67 45.94 68.61
N THR G 94 -29.38 46.44 67.42
CA THR G 94 -29.98 45.96 66.18
C THR G 94 -29.08 44.88 65.62
N TYR G 95 -29.63 43.68 65.40
CA TYR G 95 -28.84 42.50 65.11
C TYR G 95 -28.87 42.22 63.62
N TYR G 96 -27.69 42.09 63.01
CA TYR G 96 -27.53 41.92 61.58
C TYR G 96 -26.95 40.55 61.27
N CYS G 97 -27.22 40.08 60.05
CA CYS G 97 -26.66 38.84 59.53
C CYS G 97 -25.98 39.13 58.20
N ALA G 98 -24.93 38.38 57.91
CA ALA G 98 -24.17 38.59 56.68
C ALA G 98 -23.46 37.30 56.30
N ARG G 99 -23.14 37.20 55.01
CA ARG G 99 -22.34 36.10 54.50
C ARG G 99 -20.91 36.57 54.26
N ILE G 100 -19.97 35.65 54.36
CA ILE G 100 -18.56 35.92 54.09
C ILE G 100 -18.03 34.88 53.11
N PHE G 101 -17.36 35.33 52.07
CA PHE G 101 -16.86 34.47 51.01
C PHE G 101 -15.36 34.27 51.19
N ALA G 102 -14.94 33.01 51.28
CA ALA G 102 -13.53 32.66 51.48
C ALA G 102 -12.93 32.33 50.12
N ASN G 103 -12.33 33.31 49.48
CA ASN G 103 -11.63 33.14 48.21
C ASN G 103 -10.14 33.37 48.43
N TYR G 104 -9.37 33.20 47.36
CA TYR G 104 -7.93 33.43 47.43
C TYR G 104 -7.65 34.92 47.59
N GLY G 105 -6.70 35.24 48.48
CA GLY G 105 -6.30 36.61 48.74
C GLY G 105 -6.99 37.26 49.92
N GLY G 106 -8.11 36.72 50.37
CA GLY G 106 -8.80 37.29 51.51
C GLY G 106 -10.26 36.91 51.53
N ASP G 107 -10.96 37.45 52.52
CA ASP G 107 -12.39 37.21 52.71
C ASP G 107 -13.18 38.48 52.43
N ALA G 108 -14.42 38.31 51.97
CA ALA G 108 -15.27 39.43 51.61
C ALA G 108 -16.68 39.21 52.14
N MET G 109 -17.23 40.23 52.78
CA MET G 109 -18.62 40.22 53.25
C MET G 109 -19.51 40.93 52.25
N ASP G 110 -19.83 40.21 51.17
CA ASP G 110 -20.49 40.82 50.02
C ASP G 110 -21.93 41.23 50.34
N TYR G 111 -22.77 40.26 50.71
CA TYR G 111 -24.18 40.51 50.93
C TYR G 111 -24.50 40.39 52.42
N TRP G 112 -25.33 41.31 52.91
CA TRP G 112 -25.71 41.38 54.31
C TRP G 112 -27.23 41.30 54.43
N GLY G 113 -27.70 40.83 55.59
CA GLY G 113 -29.12 40.75 55.84
C GLY G 113 -29.73 42.10 56.20
N GLN G 114 -31.07 42.12 56.26
CA GLN G 114 -31.78 43.35 56.57
C GLN G 114 -31.55 43.76 58.02
N GLY G 115 -31.72 42.83 58.96
CA GLY G 115 -31.50 43.13 60.36
C GLY G 115 -32.72 42.94 61.23
N THR G 116 -32.51 42.71 62.53
CA THR G 116 -33.59 42.54 63.48
C THR G 116 -33.22 43.28 64.77
N SER G 117 -34.10 44.18 65.20
CA SER G 117 -33.85 44.96 66.40
C SER G 117 -34.19 44.16 67.65
N VAL G 118 -33.30 44.19 68.63
CA VAL G 118 -33.49 43.50 69.91
C VAL G 118 -33.36 44.52 71.02
N THR G 119 -34.39 44.61 71.88
CA THR G 119 -34.41 45.55 72.99
C THR G 119 -34.43 44.77 74.30
N VAL G 120 -33.55 45.15 75.22
CA VAL G 120 -33.42 44.51 76.52
C VAL G 120 -33.77 45.53 77.59
N SER G 121 -34.75 45.20 78.43
CA SER G 121 -35.17 46.10 79.50
C SER G 121 -35.80 45.31 80.64
N GLN H 1 -6.27 44.49 73.05
CA GLN H 1 -7.64 44.40 72.54
C GLN H 1 -7.66 44.60 71.03
N ALA H 2 -6.56 45.17 70.51
CA ALA H 2 -6.37 45.41 69.08
C ALA H 2 -7.48 46.31 68.51
N VAL H 3 -7.62 47.49 69.11
CA VAL H 3 -8.66 48.42 68.70
C VAL H 3 -8.32 49.00 67.33
N VAL H 4 -9.37 49.37 66.58
CA VAL H 4 -9.24 49.92 65.24
C VAL H 4 -9.89 51.31 65.24
N THR H 5 -9.15 52.30 64.76
CA THR H 5 -9.59 53.69 64.79
C THR H 5 -9.60 54.26 63.38
N GLN H 6 -10.64 55.02 63.06
CA GLN H 6 -10.78 55.70 61.78
C GLN H 6 -11.11 57.17 62.03
N GLU H 7 -11.01 57.96 60.97
CA GLU H 7 -11.37 59.37 61.04
C GLU H 7 -12.88 59.52 61.26
N SER H 8 -13.27 60.58 61.97
CA SER H 8 -14.66 60.74 62.38
C SER H 8 -15.57 61.00 61.19
N ALA H 9 -15.20 61.97 60.34
CA ALA H 9 -16.04 62.33 59.21
C ALA H 9 -15.21 63.00 58.14
N LEU H 10 -15.73 62.96 56.90
CA LEU H 10 -15.12 63.63 55.77
C LEU H 10 -16.20 64.31 54.95
N THR H 11 -15.84 65.44 54.34
CA THR H 11 -16.77 66.23 53.54
C THR H 11 -16.13 66.55 52.19
N THR H 12 -16.89 66.40 51.13
CA THR H 12 -16.38 66.66 49.79
C THR H 12 -17.51 67.11 48.88
N SER H 13 -17.14 67.73 47.76
CA SER H 13 -18.07 68.09 46.71
C SER H 13 -18.30 66.89 45.79
N PRO H 14 -19.44 66.85 45.08
CA PRO H 14 -19.66 65.77 44.11
C PRO H 14 -18.65 65.78 42.98
N GLY H 15 -17.81 64.75 42.91
CA GLY H 15 -16.76 64.65 41.92
C GLY H 15 -15.36 64.72 42.48
N GLY H 16 -15.21 65.01 43.77
CA GLY H 16 -13.89 65.07 44.36
C GLY H 16 -13.32 63.71 44.71
N THR H 17 -12.05 63.71 45.10
CA THR H 17 -11.34 62.49 45.47
C THR H 17 -11.26 62.38 46.99
N VAL H 18 -11.72 61.25 47.53
CA VAL H 18 -11.75 61.00 48.96
C VAL H 18 -10.89 59.79 49.26
N ILE H 19 -9.97 59.95 50.22
CA ILE H 19 -9.10 58.87 50.67
C ILE H 19 -9.42 58.61 52.14
N LEU H 20 -9.72 57.36 52.46
CA LEU H 20 -10.05 56.95 53.82
C LEU H 20 -8.93 56.11 54.40
N THR H 21 -8.80 56.17 55.73
CA THR H 21 -7.74 55.47 56.44
C THR H 21 -8.34 54.57 57.52
N CYS H 22 -7.62 53.49 57.83
CA CYS H 22 -8.06 52.48 58.79
C CYS H 22 -6.85 52.11 59.65
N ARG H 23 -6.69 52.79 60.78
CA ARG H 23 -5.55 52.58 61.66
C ARG H 23 -5.93 51.71 62.84
N SER H 24 -4.92 51.09 63.46
CA SER H 24 -5.11 50.14 64.54
C SER H 24 -3.96 50.28 65.53
N SER H 25 -4.18 49.72 66.73
CA SER H 25 -3.21 49.88 67.81
C SER H 25 -2.06 48.88 67.72
N THR H 26 -2.27 47.73 67.07
CA THR H 26 -1.24 46.71 67.02
C THR H 26 -0.04 47.11 66.17
N GLY H 27 -0.24 47.94 65.15
CA GLY H 27 0.87 48.35 64.31
C GLY H 27 0.54 48.32 62.83
N ALA H 28 1.53 47.97 62.01
CA ALA H 28 1.35 47.97 60.56
C ALA H 28 0.40 46.86 60.13
N VAL H 29 -0.34 47.13 59.05
CA VAL H 29 -1.29 46.18 58.49
C VAL H 29 -0.70 45.60 57.21
N THR H 30 -0.61 44.28 57.14
CA THR H 30 -0.16 43.55 55.97
C THR H 30 -1.35 42.87 55.30
N THR H 31 -1.05 42.08 54.26
CA THR H 31 -2.10 41.43 53.50
C THR H 31 -2.80 40.31 54.28
N SER H 32 -2.19 39.83 55.36
CA SER H 32 -2.81 38.77 56.14
C SER H 32 -3.87 39.28 57.11
N ASN H 33 -4.04 40.60 57.22
CA ASN H 33 -5.08 41.17 58.08
C ASN H 33 -6.45 41.26 57.40
N TYR H 34 -6.50 41.03 56.09
CA TYR H 34 -7.75 40.92 55.33
C TYR H 34 -8.69 42.10 55.57
N ALA H 35 -8.22 43.28 55.17
CA ALA H 35 -8.99 44.51 55.38
C ALA H 35 -10.26 44.50 54.54
N ASN H 36 -11.36 44.89 55.15
CA ASN H 36 -12.67 44.88 54.51
C ASN H 36 -13.40 46.18 54.81
N TRP H 37 -13.97 46.79 53.77
CA TRP H 37 -14.79 47.99 53.91
C TRP H 37 -16.23 47.67 53.53
N VAL H 38 -17.17 48.17 54.33
CA VAL H 38 -18.59 47.98 54.08
C VAL H 38 -19.28 49.33 54.24
N GLN H 39 -20.37 49.51 53.51
CA GLN H 39 -21.04 50.81 53.40
C GLN H 39 -22.48 50.71 53.91
N LYS H 40 -22.87 51.70 54.71
CA LYS H 40 -24.20 51.75 55.34
C LYS H 40 -24.96 52.96 54.80
N LYS H 41 -25.78 52.74 53.78
CA LYS H 41 -26.73 53.76 53.37
C LYS H 41 -27.83 53.90 54.43
N PRO H 42 -28.32 55.12 54.65
CA PRO H 42 -29.29 55.33 55.74
C PRO H 42 -30.59 54.56 55.59
N ASP H 43 -31.08 54.35 54.37
CA ASP H 43 -32.34 53.66 54.14
C ASP H 43 -32.16 52.35 53.40
N HIS H 44 -30.94 51.88 53.21
CA HIS H 44 -30.66 50.64 52.50
C HIS H 44 -29.90 49.68 53.41
N LEU H 45 -29.46 48.57 52.84
CA LEU H 45 -28.76 47.54 53.57
C LEU H 45 -27.24 47.74 53.48
N PHE H 46 -26.51 46.98 54.31
CA PHE H 46 -25.06 46.97 54.23
C PHE H 46 -24.61 46.34 52.92
N THR H 47 -23.61 46.96 52.29
CA THR H 47 -23.11 46.50 50.99
C THR H 47 -21.60 46.32 51.08
N GLY H 48 -21.13 45.09 50.88
CA GLY H 48 -19.70 44.85 50.89
C GLY H 48 -19.03 45.45 49.68
N LEU H 49 -17.85 46.02 49.89
CA LEU H 49 -17.16 46.77 48.86
C LEU H 49 -15.83 46.13 48.45
N ILE H 50 -14.92 45.90 49.39
CA ILE H 50 -13.59 45.39 49.08
C ILE H 50 -13.22 44.35 50.13
N GLY H 51 -12.67 43.22 49.69
CA GLY H 51 -12.24 42.18 50.59
C GLY H 51 -10.80 41.78 50.34
N GLY H 52 -10.09 41.51 51.43
CA GLY H 52 -8.70 41.12 51.32
C GLY H 52 -7.76 42.22 50.87
N THR H 53 -8.22 43.48 50.90
CA THR H 53 -7.47 44.70 50.60
C THR H 53 -7.14 44.83 49.12
N SER H 54 -7.41 43.78 48.34
CA SER H 54 -7.18 43.84 46.90
C SER H 54 -8.28 43.19 46.06
N ASN H 55 -9.18 42.39 46.63
CA ASN H 55 -10.21 41.67 45.87
C ASN H 55 -11.54 42.39 46.07
N ARG H 56 -11.91 43.20 45.08
CA ARG H 56 -13.13 44.00 45.15
C ARG H 56 -14.36 43.14 44.94
N VAL H 57 -15.40 43.40 45.74
CA VAL H 57 -16.67 42.71 45.58
C VAL H 57 -17.32 43.18 44.29
N SER H 58 -17.74 42.22 43.46
CA SER H 58 -18.34 42.54 42.16
C SER H 58 -19.69 43.22 42.33
N GLY H 59 -20.02 44.08 41.38
CA GLY H 59 -21.27 44.81 41.36
C GLY H 59 -21.14 46.28 41.69
N VAL H 60 -20.07 46.67 42.38
CA VAL H 60 -19.84 48.08 42.74
C VAL H 60 -19.18 48.78 41.56
N PRO H 61 -19.28 50.10 41.44
CA PRO H 61 -18.61 50.81 40.34
C PRO H 61 -17.10 50.78 40.50
N VAL H 62 -16.43 51.19 39.42
CA VAL H 62 -14.97 51.11 39.35
C VAL H 62 -14.29 52.21 40.16
N ARG H 63 -15.05 53.21 40.63
CA ARG H 63 -14.44 54.33 41.34
C ARG H 63 -13.79 53.89 42.65
N PHE H 64 -14.44 53.01 43.40
CA PHE H 64 -13.91 52.55 44.68
C PHE H 64 -12.69 51.68 44.45
N SER H 65 -11.69 51.84 45.33
CA SER H 65 -10.48 51.05 45.26
C SER H 65 -9.83 51.00 46.63
N GLY H 66 -9.34 49.83 47.00
CA GLY H 66 -8.63 49.65 48.26
C GLY H 66 -7.20 49.22 47.99
N SER H 67 -6.28 49.72 48.81
CA SER H 67 -4.86 49.43 48.63
C SER H 67 -4.15 49.63 49.96
N LEU H 68 -2.84 49.45 49.94
CA LEU H 68 -1.99 49.62 51.12
C LEU H 68 -1.17 50.91 50.94
N ILE H 69 -1.45 51.91 51.77
CA ILE H 69 -0.73 53.17 51.73
C ILE H 69 0.28 53.16 52.86
N GLY H 70 1.56 53.15 52.50
CA GLY H 70 2.61 53.07 53.49
C GLY H 70 2.55 51.76 54.24
N ASP H 71 2.42 51.84 55.56
CA ASP H 71 2.27 50.67 56.41
C ASP H 71 0.82 50.46 56.84
N LYS H 72 -0.13 51.13 56.20
CA LYS H 72 -1.51 51.10 56.64
C LYS H 72 -2.43 50.79 55.47
N ALA H 73 -3.60 50.25 55.77
CA ALA H 73 -4.62 50.01 54.76
C ALA H 73 -5.43 51.28 54.51
N ALA H 74 -6.02 51.35 53.32
CA ALA H 74 -6.73 52.55 52.92
C ALA H 74 -7.75 52.20 51.85
N LEU H 75 -8.71 53.10 51.66
CA LEU H 75 -9.72 53.00 50.61
C LEU H 75 -9.80 54.35 49.90
N THR H 76 -9.84 54.30 48.57
CA THR H 76 -9.79 55.51 47.74
C THR H 76 -11.04 55.58 46.88
N ILE H 77 -11.61 56.78 46.77
CA ILE H 77 -12.75 57.05 45.90
C ILE H 77 -12.34 58.15 44.93
N THR H 78 -12.52 57.91 43.64
CA THR H 78 -12.22 58.87 42.59
C THR H 78 -13.53 59.39 42.00
N GLY H 79 -13.90 60.61 42.38
CA GLY H 79 -15.09 61.25 41.86
C GLY H 79 -16.36 60.76 42.52
N ALA H 80 -16.57 61.08 43.80
CA ALA H 80 -17.79 60.66 44.50
C ALA H 80 -19.01 61.42 43.98
N GLN H 81 -20.15 60.74 43.97
CA GLN H 81 -21.43 61.35 43.64
C GLN H 81 -22.32 61.50 44.88
N THR H 82 -23.54 61.98 44.63
CA THR H 82 -24.49 62.25 45.71
C THR H 82 -25.13 60.99 46.27
N GLU H 83 -24.92 59.84 45.64
CA GLU H 83 -25.41 58.58 46.18
C GLU H 83 -24.42 57.92 47.14
N ASP H 84 -23.23 58.51 47.31
CA ASP H 84 -22.21 57.97 48.19
C ASP H 84 -22.31 58.51 49.61
N ASP H 85 -23.31 59.33 49.90
CA ASP H 85 -23.50 59.86 51.25
C ASP H 85 -23.99 58.74 52.14
N ALA H 86 -23.07 58.11 52.86
CA ALA H 86 -23.39 56.95 53.69
C ALA H 86 -22.38 56.90 54.83
N MET H 87 -22.37 55.79 55.56
CA MET H 87 -21.48 55.60 56.69
C MET H 87 -20.53 54.46 56.32
N TYR H 88 -19.23 54.70 56.41
CA TYR H 88 -18.22 53.76 55.94
C TYR H 88 -17.47 53.18 57.12
N PHE H 89 -17.46 51.85 57.23
CA PHE H 89 -16.73 51.12 58.26
C PHE H 89 -15.52 50.42 57.64
N CYS H 90 -14.73 49.78 58.50
CA CYS H 90 -13.55 49.04 58.07
C CYS H 90 -13.25 47.93 59.06
N ALA H 91 -12.90 46.75 58.54
CA ALA H 91 -12.67 45.56 59.35
C ALA H 91 -11.23 45.07 59.19
N LEU H 92 -10.70 44.49 60.27
CA LEU H 92 -9.37 43.90 60.28
C LEU H 92 -9.41 42.55 60.98
N TRP H 93 -8.63 41.61 60.46
CA TRP H 93 -8.51 40.27 61.03
C TRP H 93 -7.24 40.16 61.86
N PHE H 94 -7.37 39.58 63.05
CA PHE H 94 -6.26 39.49 64.00
C PHE H 94 -5.97 38.03 64.36
N SER H 95 -6.11 37.15 63.37
CA SER H 95 -5.73 35.74 63.39
C SER H 95 -6.64 34.90 64.28
N THR H 96 -7.52 35.53 65.04
CA THR H 96 -8.56 34.82 65.79
C THR H 96 -9.95 35.42 65.64
N HIS H 97 -10.07 36.69 65.25
CA HIS H 97 -11.36 37.38 65.27
C HIS H 97 -11.26 38.63 64.40
N TYR H 98 -12.43 39.18 64.07
CA TYR H 98 -12.53 40.43 63.34
C TYR H 98 -12.83 41.56 64.32
N VAL H 99 -11.92 42.52 64.42
CA VAL H 99 -12.17 43.75 65.15
C VAL H 99 -12.64 44.80 64.16
N PHE H 100 -13.81 45.38 64.43
CA PHE H 100 -14.49 46.24 63.48
C PHE H 100 -14.36 47.69 63.94
N GLY H 101 -14.05 48.57 63.00
CA GLY H 101 -13.59 49.91 63.32
C GLY H 101 -14.71 50.81 63.84
N GLY H 102 -14.37 52.11 63.90
CA GLY H 102 -15.29 53.11 64.40
C GLY H 102 -16.19 53.71 63.36
N GLY H 103 -15.73 53.76 62.12
CA GLY H 103 -16.52 54.28 61.02
C GLY H 103 -16.11 55.68 60.60
N THR H 104 -16.32 55.98 59.32
CA THR H 104 -16.03 57.28 58.74
C THR H 104 -17.25 57.78 57.98
N LYS H 105 -17.68 59.00 58.30
CA LYS H 105 -18.88 59.58 57.70
C LYS H 105 -18.46 60.40 56.48
N VAL H 106 -18.84 59.93 55.29
CA VAL H 106 -18.54 60.63 54.05
C VAL H 106 -19.76 61.49 53.71
N THR H 107 -19.58 62.81 53.75
CA THR H 107 -20.65 63.76 53.48
C THR H 107 -20.45 64.38 52.10
N VAL H 108 -21.48 64.31 51.27
CA VAL H 108 -21.45 64.86 49.92
C VAL H 108 -22.51 65.95 49.84
N LEU H 109 -22.10 67.13 49.40
CA LEU H 109 -23.00 68.28 49.29
C LEU H 109 -24.00 68.03 48.17
N SER H 110 -25.24 67.74 48.54
CA SER H 110 -26.30 67.48 47.56
C SER H 110 -27.17 68.71 47.36
N GLN I 1 -6.70 68.39 4.95
CA GLN I 1 -7.53 68.07 6.10
C GLN I 1 -8.36 66.82 5.82
N VAL I 2 -8.63 66.05 6.87
CA VAL I 2 -9.39 64.81 6.75
C VAL I 2 -10.87 65.12 6.97
N THR I 3 -11.67 64.94 5.92
CA THR I 3 -13.11 65.15 5.98
C THR I 3 -13.83 63.97 5.35
N LEU I 4 -15.01 63.66 5.87
CA LEU I 4 -15.84 62.59 5.35
C LEU I 4 -17.27 63.07 5.25
N LYS I 5 -17.93 62.74 4.13
CA LYS I 5 -19.29 63.16 3.86
C LYS I 5 -20.13 61.96 3.46
N GLU I 6 -21.37 61.92 3.94
CA GLU I 6 -22.31 60.86 3.64
C GLU I 6 -23.44 61.38 2.76
N SER I 7 -23.91 60.52 1.85
CA SER I 7 -25.01 60.85 0.96
C SER I 7 -25.99 59.68 0.93
N GLY I 8 -27.29 60.01 0.89
CA GLY I 8 -28.32 59.01 0.86
C GLY I 8 -29.65 59.55 0.37
N PRO I 9 -30.61 58.65 0.13
CA PRO I 9 -31.93 59.10 -0.36
C PRO I 9 -32.76 59.78 0.72
N GLY I 10 -32.56 59.37 1.98
CA GLY I 10 -33.28 59.98 3.08
C GLY I 10 -34.58 59.28 3.44
N ILE I 11 -35.50 59.20 2.48
CA ILE I 11 -36.81 58.59 2.68
C ILE I 11 -36.91 57.37 1.78
N LEU I 12 -37.19 56.21 2.37
CA LEU I 12 -37.30 54.96 1.63
C LEU I 12 -38.55 54.21 2.08
N GLN I 13 -39.14 53.49 1.14
CA GLN I 13 -40.29 52.64 1.42
C GLN I 13 -39.82 51.31 2.05
N PRO I 14 -40.70 50.65 2.80
CA PRO I 14 -40.34 49.34 3.35
C PRO I 14 -40.04 48.32 2.26
N SER I 15 -39.16 47.37 2.60
CA SER I 15 -38.72 46.29 1.71
C SER I 15 -38.03 46.80 0.45
N GLN I 16 -37.42 47.98 0.53
CA GLN I 16 -36.64 48.52 -0.58
C GLN I 16 -35.15 48.23 -0.35
N THR I 17 -34.30 48.81 -1.18
CA THR I 17 -32.86 48.67 -1.05
C THR I 17 -32.24 50.02 -0.71
N LEU I 18 -31.49 50.05 0.38
CA LEU I 18 -30.85 51.28 0.84
C LEU I 18 -29.46 51.40 0.21
N SER I 19 -29.20 52.55 -0.43
CA SER I 19 -27.92 52.82 -1.07
C SER I 19 -27.33 54.09 -0.46
N LEU I 20 -26.14 53.97 0.10
CA LEU I 20 -25.44 55.09 0.70
C LEU I 20 -24.04 55.19 0.12
N THR I 21 -23.61 56.42 -0.17
CA THR I 21 -22.30 56.69 -0.75
C THR I 21 -21.54 57.64 0.18
N CYS I 22 -20.31 57.26 0.52
CA CYS I 22 -19.47 58.06 1.41
C CYS I 22 -18.41 58.78 0.58
N SER I 23 -18.35 60.10 0.73
CA SER I 23 -17.37 60.93 0.05
C SER I 23 -16.36 61.45 1.06
N PHE I 24 -15.08 61.29 0.76
CA PHE I 24 -14.03 61.72 1.68
C PHE I 24 -12.84 62.23 0.88
N SER I 25 -12.06 63.11 1.51
CA SER I 25 -10.89 63.70 0.90
C SER I 25 -9.76 63.76 1.93
N GLY I 26 -8.56 64.06 1.44
CA GLY I 26 -7.38 64.14 2.30
C GLY I 26 -6.62 62.85 2.43
N PHE I 27 -7.16 61.72 1.96
CA PHE I 27 -6.46 60.45 2.00
C PHE I 27 -7.05 59.55 0.93
N SER I 28 -6.31 58.49 0.61
CA SER I 28 -6.70 57.55 -0.43
C SER I 28 -6.65 56.13 0.12
N LEU I 29 -7.40 55.24 -0.52
CA LEU I 29 -7.45 53.84 -0.12
C LEU I 29 -6.28 53.04 -0.66
N SER I 30 -5.39 53.64 -1.46
CA SER I 30 -4.20 52.94 -1.91
C SER I 30 -3.12 52.86 -0.85
N THR I 31 -3.21 53.68 0.20
CA THR I 31 -2.21 53.66 1.26
C THR I 31 -2.42 52.44 2.15
N PHE I 32 -1.31 51.84 2.60
CA PHE I 32 -1.37 50.70 3.49
C PHE I 32 -1.90 51.12 4.86
N GLY I 33 -2.63 50.21 5.50
CA GLY I 33 -3.20 50.49 6.80
C GLY I 33 -4.37 51.44 6.80
N MET I 34 -5.12 51.52 5.70
CA MET I 34 -6.20 52.48 5.55
C MET I 34 -7.51 51.74 5.31
N GLY I 35 -8.58 52.19 5.97
CA GLY I 35 -9.90 51.63 5.79
C GLY I 35 -10.97 52.62 6.18
N VAL I 36 -12.19 52.33 5.75
CA VAL I 36 -13.36 53.16 6.02
C VAL I 36 -14.49 52.26 6.51
N GLY I 37 -15.11 52.65 7.63
CA GLY I 37 -16.18 51.85 8.19
C GLY I 37 -17.53 52.55 8.22
N TRP I 38 -18.60 51.77 8.39
CA TRP I 38 -19.96 52.29 8.46
C TRP I 38 -20.54 52.00 9.84
N ILE I 39 -21.01 53.05 10.51
CA ILE I 39 -21.65 52.95 11.82
C ILE I 39 -22.95 53.73 11.77
N ARG I 40 -24.03 53.12 12.23
CA ARG I 40 -25.35 53.74 12.21
C ARG I 40 -25.86 53.94 13.63
N GLN I 41 -26.70 54.97 13.79
CA GLN I 41 -27.31 55.30 15.08
C GLN I 41 -28.82 55.43 14.88
N PRO I 42 -29.63 54.64 15.58
CA PRO I 42 -31.09 54.71 15.37
C PRO I 42 -31.77 55.89 16.05
N SER I 43 -30.97 56.89 16.46
CA SER I 43 -31.45 58.14 17.05
C SER I 43 -32.24 57.88 18.35
N GLY I 44 -31.50 57.41 19.35
CA GLY I 44 -32.06 57.17 20.67
C GLY I 44 -31.52 55.92 21.34
N LYS I 45 -31.16 54.92 20.54
CA LYS I 45 -30.53 53.72 21.07
C LYS I 45 -29.01 53.87 20.99
N GLY I 46 -28.29 52.77 21.20
CA GLY I 46 -26.85 52.78 21.15
C GLY I 46 -26.32 52.75 19.73
N LEU I 47 -25.00 52.58 19.62
CA LEU I 47 -24.32 52.56 18.33
C LEU I 47 -24.27 51.13 17.79
N GLU I 48 -24.33 51.01 16.47
CA GLU I 48 -24.29 49.71 15.79
C GLU I 48 -23.27 49.79 14.65
N TRP I 49 -22.19 49.02 14.78
CA TRP I 49 -21.18 48.96 13.75
C TRP I 49 -21.60 47.99 12.66
N LEU I 50 -21.59 48.44 11.40
CA LEU I 50 -22.10 47.64 10.30
C LEU I 50 -20.99 46.83 9.62
N ALA I 51 -20.02 47.51 9.03
CA ALA I 51 -18.97 46.85 8.24
C ALA I 51 -17.86 47.85 7.98
N HIS I 52 -16.74 47.34 7.44
CA HIS I 52 -15.65 48.17 6.97
C HIS I 52 -14.91 47.45 5.85
N ILE I 53 -14.21 48.23 5.04
CA ILE I 53 -13.44 47.72 3.92
C ILE I 53 -11.99 48.15 4.10
N TRP I 54 -11.08 47.18 4.05
CA TRP I 54 -9.66 47.47 4.16
C TRP I 54 -9.07 47.78 2.78
N TRP I 55 -7.81 48.23 2.78
CA TRP I 55 -7.17 48.64 1.54
C TRP I 55 -6.77 47.45 0.67
N ASP I 56 -6.71 46.24 1.23
CA ASP I 56 -6.38 45.04 0.48
C ASP I 56 -7.60 44.22 0.12
N ASN I 57 -8.74 44.89 -0.10
CA ASN I 57 -10.00 44.24 -0.47
C ASN I 57 -10.43 43.19 0.55
N ASP I 58 -10.27 43.51 1.83
CA ASP I 58 -10.67 42.64 2.92
C ASP I 58 -12.01 43.12 3.46
N GLU I 59 -12.95 42.18 3.64
CA GLU I 59 -14.31 42.49 4.04
C GLU I 59 -14.61 41.88 5.39
N TYR I 60 -15.13 42.70 6.30
CA TYR I 60 -15.64 42.25 7.59
C TYR I 60 -16.96 42.97 7.86
N CYS I 61 -17.94 42.24 8.36
CA CYS I 61 -19.27 42.81 8.57
C CYS I 61 -19.92 42.16 9.78
N ASN I 62 -21.06 42.71 10.17
CA ASN I 62 -21.83 42.17 11.29
C ASN I 62 -22.42 40.83 10.89
N PRO I 63 -22.17 39.75 11.65
CA PRO I 63 -22.79 38.45 11.31
C PRO I 63 -24.31 38.46 11.34
N ALA I 64 -24.93 39.35 12.12
CA ALA I 64 -26.37 39.43 12.16
C ALA I 64 -26.98 40.06 10.91
N LEU I 65 -26.16 40.67 10.06
CA LEU I 65 -26.64 41.29 8.83
C LEU I 65 -25.81 40.87 7.62
N LYS I 66 -25.20 39.69 7.66
CA LYS I 66 -24.33 39.25 6.56
C LYS I 66 -25.12 39.07 5.26
N SER I 67 -26.31 38.47 5.35
CA SER I 67 -27.09 38.18 4.16
C SER I 67 -27.73 39.43 3.55
N ARG I 68 -27.72 40.56 4.25
CA ARG I 68 -28.36 41.78 3.75
C ARG I 68 -27.42 42.95 3.55
N LEU I 69 -26.14 42.82 3.89
CA LEU I 69 -25.18 43.91 3.80
C LEU I 69 -24.19 43.65 2.68
N THR I 70 -24.00 44.64 1.82
CA THR I 70 -22.97 44.61 0.80
C THR I 70 -22.27 45.97 0.79
N ILE I 71 -20.94 45.95 0.87
CA ILE I 71 -20.16 47.18 0.92
C ILE I 71 -18.93 47.01 0.03
N SER I 72 -18.64 48.04 -0.77
CA SER I 72 -17.52 48.01 -1.71
C SER I 72 -16.80 49.34 -1.65
N LYS I 73 -15.79 49.51 -2.52
CA LYS I 73 -14.98 50.71 -2.55
C LYS I 73 -14.59 51.02 -3.99
N ASP I 74 -14.20 52.28 -4.20
CA ASP I 74 -13.67 52.73 -5.49
C ASP I 74 -12.44 53.57 -5.20
N THR I 75 -11.26 53.06 -5.57
CA THR I 75 -10.01 53.76 -5.28
C THR I 75 -9.78 54.94 -6.22
N SER I 76 -10.29 54.87 -7.44
CA SER I 76 -10.01 55.90 -8.44
C SER I 76 -10.64 57.23 -8.05
N LYS I 77 -11.93 57.23 -7.73
CA LYS I 77 -12.64 58.45 -7.37
C LYS I 77 -12.84 58.60 -5.86
N ASN I 78 -12.23 57.71 -5.07
CA ASN I 78 -12.19 57.81 -3.61
C ASN I 78 -13.61 57.83 -3.01
N HIS I 79 -14.32 56.72 -3.21
CA HIS I 79 -15.70 56.61 -2.76
C HIS I 79 -15.91 55.28 -2.04
N ILE I 80 -16.86 55.29 -1.12
CA ILE I 80 -17.27 54.10 -0.37
C ILE I 80 -18.76 53.90 -0.56
N PHE I 81 -19.16 52.71 -0.99
CA PHE I 81 -20.55 52.40 -1.28
C PHE I 81 -21.06 51.33 -0.33
N LEU I 82 -22.28 51.50 0.17
CA LEU I 82 -22.91 50.57 1.08
C LEU I 82 -24.32 50.27 0.59
N LYS I 83 -24.67 48.98 0.51
CA LYS I 83 -25.99 48.55 0.10
C LYS I 83 -26.64 47.76 1.22
N ILE I 84 -27.90 48.08 1.53
CA ILE I 84 -28.68 47.36 2.52
C ILE I 84 -29.94 46.86 1.84
N ALA I 85 -30.19 45.55 1.93
CA ALA I 85 -31.32 44.91 1.28
C ALA I 85 -32.42 44.64 2.30
N ASN I 86 -33.67 44.76 1.84
CA ASN I 86 -34.87 44.50 2.65
C ASN I 86 -34.89 45.38 3.90
N VAL I 87 -34.99 46.69 3.64
CA VAL I 87 -35.01 47.66 4.73
C VAL I 87 -36.30 47.53 5.54
N ASP I 88 -36.24 47.99 6.79
CA ASP I 88 -37.36 47.89 7.71
C ASP I 88 -37.37 49.12 8.60
N THR I 89 -38.35 49.17 9.50
CA THR I 89 -38.44 50.28 10.45
C THR I 89 -37.27 50.30 11.42
N ALA I 90 -36.65 49.15 11.70
CA ALA I 90 -35.47 49.11 12.54
C ALA I 90 -34.25 49.70 11.83
N ASP I 91 -34.28 49.81 10.51
CA ASP I 91 -33.19 50.41 9.75
C ASP I 91 -33.29 51.93 9.68
N THR I 92 -34.32 52.53 10.26
CA THR I 92 -34.43 53.98 10.34
C THR I 92 -33.35 54.48 11.30
N ALA I 93 -32.26 55.03 10.75
CA ALA I 93 -31.11 55.37 11.56
C ALA I 93 -30.30 56.44 10.85
N THR I 94 -29.42 57.08 11.60
CA THR I 94 -28.46 58.04 11.05
C THR I 94 -27.14 57.32 10.80
N TYR I 95 -26.75 57.23 9.53
CA TYR I 95 -25.60 56.44 9.11
C TYR I 95 -24.37 57.32 9.00
N TYR I 96 -23.28 56.86 9.61
CA TYR I 96 -22.01 57.58 9.61
C TYR I 96 -20.95 56.74 8.93
N CYS I 97 -20.25 57.33 7.96
CA CYS I 97 -19.04 56.74 7.39
C CYS I 97 -17.84 57.40 8.04
N ALA I 98 -16.88 56.59 8.46
CA ALA I 98 -15.78 57.07 9.29
C ALA I 98 -14.47 56.40 8.87
N ARG I 99 -13.37 57.09 9.15
CA ARG I 99 -12.04 56.57 8.84
C ARG I 99 -11.49 55.77 10.00
N ILE I 100 -10.95 54.60 9.70
CA ILE I 100 -10.30 53.74 10.69
C ILE I 100 -8.85 53.53 10.25
N PHE I 101 -7.92 53.81 11.16
CA PHE I 101 -6.49 53.75 10.87
C PHE I 101 -5.94 52.43 11.41
N ALA I 102 -5.30 51.65 10.55
CA ALA I 102 -4.70 50.37 10.91
C ALA I 102 -3.22 50.58 11.14
N ASN I 103 -2.82 50.65 12.40
CA ASN I 103 -1.43 50.80 12.80
C ASN I 103 -1.05 49.66 13.73
N TYR I 104 0.20 49.69 14.21
CA TYR I 104 0.66 48.69 15.16
C TYR I 104 -0.02 48.89 16.51
N GLY I 105 -0.41 47.78 17.13
CA GLY I 105 -1.05 47.80 18.42
C GLY I 105 -2.56 47.79 18.39
N GLY I 106 -3.17 48.13 17.28
CA GLY I 106 -4.61 48.14 17.16
C GLY I 106 -5.06 49.11 16.09
N ASP I 107 -6.37 49.33 16.05
CA ASP I 107 -7.01 50.23 15.10
C ASP I 107 -7.45 51.50 15.81
N ALA I 108 -7.32 52.63 15.11
CA ALA I 108 -7.66 53.94 15.65
C ALA I 108 -8.91 54.46 14.95
N MET I 109 -9.93 54.82 15.73
CA MET I 109 -11.18 55.33 15.21
C MET I 109 -11.17 56.86 15.19
N ASP I 110 -10.23 57.40 14.42
CA ASP I 110 -9.87 58.82 14.57
C ASP I 110 -10.94 59.75 13.99
N TYR I 111 -11.20 59.65 12.69
CA TYR I 111 -12.03 60.61 11.99
C TYR I 111 -13.39 60.02 11.63
N TRP I 112 -14.44 60.83 11.79
CA TRP I 112 -15.80 60.42 11.51
C TRP I 112 -16.47 61.46 10.63
N GLY I 113 -17.47 61.01 9.86
CA GLY I 113 -18.23 61.91 9.02
C GLY I 113 -19.36 62.59 9.77
N GLN I 114 -20.01 63.53 9.09
CA GLN I 114 -21.13 64.25 9.68
C GLN I 114 -22.34 63.33 9.88
N GLY I 115 -22.66 62.52 8.88
CA GLY I 115 -23.77 61.61 8.95
C GLY I 115 -24.91 62.02 8.03
N THR I 116 -25.80 61.06 7.76
CA THR I 116 -26.95 61.27 6.91
C THR I 116 -28.14 60.54 7.51
N SER I 117 -29.22 61.27 7.77
CA SER I 117 -30.42 60.68 8.34
C SER I 117 -31.15 59.85 7.30
N VAL I 118 -31.55 58.64 7.69
CA VAL I 118 -32.29 57.73 6.83
C VAL I 118 -33.59 57.38 7.53
N THR I 119 -34.71 57.60 6.84
CA THR I 119 -36.04 57.34 7.36
C THR I 119 -36.73 56.29 6.50
N VAL I 120 -37.27 55.26 7.14
CA VAL I 120 -37.99 54.19 6.46
C VAL I 120 -39.44 54.24 6.91
N SER I 121 -40.34 54.53 5.97
CA SER I 121 -41.77 54.60 6.29
C SER I 121 -42.56 54.37 5.01
N SER I 122 -43.83 54.02 5.18
CA SER I 122 -44.74 53.76 4.07
C SER I 122 -45.80 54.84 3.93
N ALA I 123 -45.61 55.98 4.57
CA ALA I 123 -46.57 57.08 4.49
C ALA I 123 -46.21 58.05 3.38
N GLN J 1 -23.11 36.18 20.96
CA GLN J 1 -23.63 37.38 20.33
C GLN J 1 -22.83 38.59 20.81
N ALA J 2 -22.18 38.42 21.97
CA ALA J 2 -21.15 39.33 22.48
C ALA J 2 -21.67 40.75 22.69
N VAL J 3 -22.59 40.88 23.65
CA VAL J 3 -23.04 42.19 24.07
C VAL J 3 -21.93 42.89 24.85
N VAL J 4 -21.92 44.22 24.78
CA VAL J 4 -20.96 45.06 25.50
C VAL J 4 -21.74 45.96 26.43
N THR J 5 -21.38 45.94 27.72
CA THR J 5 -22.08 46.68 28.76
C THR J 5 -21.12 47.64 29.45
N GLN J 6 -21.52 48.90 29.56
CA GLN J 6 -20.80 49.92 30.29
C GLN J 6 -21.78 50.66 31.20
N GLU J 7 -21.27 51.66 31.92
CA GLU J 7 -22.11 52.44 32.82
C GLU J 7 -23.14 53.25 32.05
N SER J 8 -24.31 53.43 32.66
CA SER J 8 -25.38 54.19 32.02
C SER J 8 -25.03 55.68 31.96
N ALA J 9 -24.60 56.25 33.08
CA ALA J 9 -24.27 57.67 33.13
C ALA J 9 -23.31 57.92 34.28
N LEU J 10 -22.57 59.02 34.19
CA LEU J 10 -21.64 59.44 35.23
C LEU J 10 -21.72 60.94 35.40
N THR J 11 -21.36 61.40 36.60
CA THR J 11 -21.37 62.80 36.97
C THR J 11 -20.02 63.17 37.58
N THR J 12 -19.61 64.42 37.38
CA THR J 12 -18.42 64.95 38.05
C THR J 12 -18.46 66.47 38.02
N SER J 13 -17.68 67.06 38.93
CA SER J 13 -17.42 68.49 38.90
C SER J 13 -16.30 68.78 37.92
N PRO J 14 -16.20 70.03 37.43
CA PRO J 14 -15.06 70.40 36.58
C PRO J 14 -13.75 70.26 37.32
N GLY J 15 -12.91 69.34 36.84
CA GLY J 15 -11.65 69.02 37.48
C GLY J 15 -11.59 67.65 38.14
N GLY J 16 -12.73 66.96 38.27
CA GLY J 16 -12.74 65.65 38.87
C GLY J 16 -12.21 64.57 37.96
N THR J 17 -11.94 63.41 38.55
CA THR J 17 -11.41 62.26 37.82
C THR J 17 -12.53 61.26 37.56
N VAL J 18 -12.71 60.89 36.30
CA VAL J 18 -13.75 59.96 35.88
C VAL J 18 -13.08 58.76 35.22
N ILE J 19 -13.42 57.56 35.69
CA ILE J 19 -12.91 56.32 35.14
C ILE J 19 -14.07 55.58 34.51
N LEU J 20 -14.07 55.46 33.20
CA LEU J 20 -15.05 54.67 32.47
C LEU J 20 -14.52 53.25 32.27
N THR J 21 -15.44 52.31 32.09
CA THR J 21 -15.09 50.91 31.86
C THR J 21 -15.79 50.37 30.63
N CYS J 22 -15.22 49.32 30.06
CA CYS J 22 -15.82 48.58 28.95
C CYS J 22 -15.71 47.11 29.27
N ARG J 23 -16.85 46.45 29.47
CA ARG J 23 -16.91 45.06 29.87
C ARG J 23 -17.49 44.21 28.74
N SER J 24 -16.96 43.00 28.59
CA SER J 24 -17.41 42.05 27.58
C SER J 24 -17.98 40.81 28.26
N SER J 25 -19.11 40.34 27.77
CA SER J 25 -19.76 39.16 28.35
C SER J 25 -19.14 37.86 27.87
N THR J 26 -18.30 37.90 26.82
CA THR J 26 -17.66 36.68 26.34
C THR J 26 -16.56 36.19 27.27
N GLY J 27 -16.00 37.07 28.10
CA GLY J 27 -14.96 36.68 29.02
C GLY J 27 -13.96 37.77 29.30
N ALA J 28 -12.67 37.44 29.22
CA ALA J 28 -11.62 38.40 29.54
C ALA J 28 -11.46 39.42 28.42
N VAL J 29 -11.18 40.66 28.81
CA VAL J 29 -10.87 41.74 27.87
C VAL J 29 -9.36 41.84 27.75
N THR J 30 -8.86 41.68 26.53
CA THR J 30 -7.43 41.65 26.26
C THR J 30 -7.09 42.73 25.23
N THR J 31 -5.79 42.94 25.02
CA THR J 31 -5.32 43.88 24.00
C THR J 31 -5.72 43.45 22.60
N SER J 32 -5.97 42.15 22.39
CA SER J 32 -6.45 41.66 21.11
C SER J 32 -7.88 42.07 20.82
N ASN J 33 -8.62 42.57 21.82
CA ASN J 33 -9.97 43.05 21.58
C ASN J 33 -10.02 44.44 20.97
N TYR J 34 -8.91 45.19 21.03
CA TYR J 34 -8.75 46.50 20.40
C TYR J 34 -9.88 47.46 20.80
N ALA J 35 -9.91 47.78 22.09
CA ALA J 35 -10.93 48.68 22.61
C ALA J 35 -10.76 50.08 22.02
N ASN J 36 -11.87 50.63 21.51
CA ASN J 36 -11.88 51.96 20.90
C ASN J 36 -12.87 52.84 21.63
N TRP J 37 -12.44 54.05 21.97
CA TRP J 37 -13.27 55.00 22.71
C TRP J 37 -13.57 56.19 21.81
N VAL J 38 -14.86 56.45 21.58
CA VAL J 38 -15.31 57.55 20.74
C VAL J 38 -16.31 58.37 21.54
N GLN J 39 -16.13 59.70 21.54
CA GLN J 39 -17.02 60.61 22.22
C GLN J 39 -17.88 61.36 21.20
N LYS J 40 -19.10 61.71 21.61
CA LYS J 40 -20.07 62.36 20.75
C LYS J 40 -20.63 63.59 21.47
N LYS J 41 -20.24 64.77 21.03
CA LYS J 41 -20.83 66.00 21.53
C LYS J 41 -22.19 66.22 20.89
N PRO J 42 -23.11 66.90 21.60
CA PRO J 42 -24.46 67.12 21.03
C PRO J 42 -24.45 67.92 19.74
N ASP J 43 -23.50 68.84 19.55
CA ASP J 43 -23.44 69.65 18.35
C ASP J 43 -22.27 69.32 17.45
N HIS J 44 -21.26 68.60 17.94
CA HIS J 44 -20.08 68.25 17.16
C HIS J 44 -20.18 66.82 16.66
N LEU J 45 -19.23 66.45 15.80
CA LEU J 45 -19.19 65.12 15.22
C LEU J 45 -18.51 64.14 16.18
N PHE J 46 -18.57 62.87 15.81
CA PHE J 46 -17.88 61.84 16.59
C PHE J 46 -16.37 62.00 16.46
N THR J 47 -15.68 62.00 17.60
CA THR J 47 -14.22 62.06 17.64
C THR J 47 -13.70 60.90 18.48
N GLY J 48 -12.73 60.16 17.94
CA GLY J 48 -12.15 59.04 18.66
C GLY J 48 -11.09 59.51 19.66
N LEU J 49 -10.91 58.71 20.72
CA LEU J 49 -9.99 59.02 21.79
C LEU J 49 -8.83 58.04 21.89
N ILE J 50 -9.13 56.75 22.04
CA ILE J 50 -8.12 55.73 22.29
C ILE J 50 -8.35 54.58 21.32
N GLY J 51 -7.28 54.14 20.66
CA GLY J 51 -7.33 52.99 19.77
C GLY J 51 -6.34 51.93 20.21
N GLY J 52 -6.73 50.67 20.04
CA GLY J 52 -5.87 49.57 20.44
C GLY J 52 -5.62 49.46 21.92
N THR J 53 -6.49 50.10 22.74
CA THR J 53 -6.55 50.03 24.20
C THR J 53 -5.39 50.79 24.84
N SER J 54 -4.39 51.17 24.04
CA SER J 54 -3.25 51.93 24.57
C SER J 54 -2.77 53.07 23.68
N ASN J 55 -3.14 53.11 22.40
CA ASN J 55 -2.64 54.12 21.49
C ASN J 55 -3.65 55.26 21.40
N ARG J 56 -3.17 56.49 21.59
CA ARG J 56 -4.02 57.66 21.64
C ARG J 56 -4.08 58.36 20.30
N VAL J 57 -5.30 58.73 19.87
CA VAL J 57 -5.47 59.48 18.64
C VAL J 57 -4.90 60.88 18.85
N SER J 58 -4.08 61.33 17.90
CA SER J 58 -3.42 62.62 18.01
C SER J 58 -4.43 63.76 17.92
N GLY J 59 -4.23 64.79 18.73
CA GLY J 59 -5.08 65.96 18.75
C GLY J 59 -5.88 66.15 20.02
N VAL J 60 -6.23 65.06 20.70
CA VAL J 60 -7.02 65.14 21.92
C VAL J 60 -6.11 65.62 23.06
N PRO J 61 -6.62 66.41 24.01
CA PRO J 61 -5.79 66.82 25.15
C PRO J 61 -5.32 65.63 25.99
N VAL J 62 -4.40 65.94 26.91
CA VAL J 62 -3.71 64.91 27.69
C VAL J 62 -4.56 64.27 28.77
N ARG J 63 -5.74 64.85 29.07
CA ARG J 63 -6.56 64.32 30.15
C ARG J 63 -7.17 62.97 29.83
N PHE J 64 -7.29 62.61 28.55
CA PHE J 64 -7.86 61.34 28.15
C PHE J 64 -6.77 60.28 28.07
N SER J 65 -7.03 59.11 28.66
CA SER J 65 -6.08 58.01 28.65
C SER J 65 -6.85 56.70 28.74
N GLY J 66 -6.31 55.67 28.10
CA GLY J 66 -6.90 54.35 28.11
C GLY J 66 -5.92 53.31 28.63
N SER J 67 -6.45 52.32 29.35
CA SER J 67 -5.62 51.27 29.94
C SER J 67 -6.48 50.05 30.20
N LEU J 68 -5.87 49.02 30.77
CA LEU J 68 -6.54 47.78 31.11
C LEU J 68 -6.58 47.66 32.63
N ILE J 69 -7.79 47.72 33.19
CA ILE J 69 -7.99 47.61 34.64
C ILE J 69 -8.60 46.23 34.88
N GLY J 70 -7.73 45.26 35.20
CA GLY J 70 -8.16 43.92 35.52
C GLY J 70 -8.76 43.16 34.35
N ASP J 71 -10.04 42.80 34.46
CA ASP J 71 -10.72 41.99 33.47
C ASP J 71 -11.45 42.81 32.42
N LYS J 72 -11.41 44.13 32.51
CA LYS J 72 -12.15 44.99 31.59
C LYS J 72 -11.28 46.16 31.15
N ALA J 73 -11.58 46.68 29.96
CA ALA J 73 -10.91 47.87 29.46
C ALA J 73 -11.42 49.11 30.19
N ALA J 74 -10.66 50.19 30.08
CA ALA J 74 -11.00 51.40 30.82
C ALA J 74 -10.49 52.63 30.09
N LEU J 75 -11.22 53.73 30.26
CA LEU J 75 -10.81 55.05 29.80
C LEU J 75 -10.83 56.00 30.98
N THR J 76 -9.72 56.72 31.19
CA THR J 76 -9.55 57.57 32.35
C THR J 76 -9.50 59.03 31.91
N ILE J 77 -10.30 59.86 32.57
CA ILE J 77 -10.32 61.30 32.33
C ILE J 77 -9.87 61.96 33.63
N THR J 78 -8.63 62.43 33.67
CA THR J 78 -8.06 63.07 34.84
C THR J 78 -8.20 64.58 34.69
N GLY J 79 -9.01 65.19 35.54
CA GLY J 79 -9.25 66.62 35.46
C GLY J 79 -10.22 66.98 34.35
N ALA J 80 -11.46 66.52 34.46
CA ALA J 80 -12.45 66.78 33.43
C ALA J 80 -12.81 68.25 33.39
N GLN J 81 -13.03 68.76 32.18
CA GLN J 81 -13.36 70.15 31.94
C GLN J 81 -14.84 70.28 31.57
N THR J 82 -15.26 71.52 31.30
CA THR J 82 -16.65 71.78 30.95
C THR J 82 -16.97 71.36 29.52
N GLU J 83 -15.97 71.08 28.70
CA GLU J 83 -16.17 70.64 27.32
C GLU J 83 -16.30 69.13 27.21
N ASP J 84 -16.20 68.40 28.30
CA ASP J 84 -16.30 66.94 28.31
C ASP J 84 -17.74 66.45 28.46
N ASP J 85 -18.71 67.35 28.52
CA ASP J 85 -20.12 66.96 28.59
C ASP J 85 -20.54 66.42 27.23
N ALA J 86 -20.43 65.10 27.07
CA ALA J 86 -20.72 64.46 25.80
C ALA J 86 -20.97 62.98 26.05
N MET J 87 -21.51 62.31 25.03
CA MET J 87 -21.68 60.87 25.08
C MET J 87 -20.32 60.18 24.94
N TYR J 88 -20.23 58.95 25.45
CA TYR J 88 -19.01 58.16 25.36
C TYR J 88 -19.38 56.72 25.05
N PHE J 89 -18.77 56.17 24.00
CA PHE J 89 -19.05 54.81 23.55
C PHE J 89 -17.75 54.02 23.47
N CYS J 90 -17.88 52.70 23.57
CA CYS J 90 -16.74 51.80 23.48
C CYS J 90 -17.04 50.70 22.46
N ALA J 91 -16.00 50.27 21.75
CA ALA J 91 -16.12 49.22 20.74
C ALA J 91 -15.07 48.15 20.98
N LEU J 92 -15.44 46.89 20.77
CA LEU J 92 -14.56 45.75 20.96
C LEU J 92 -14.54 44.88 19.72
N TRP J 93 -13.36 44.38 19.38
CA TRP J 93 -13.18 43.51 18.23
C TRP J 93 -13.28 42.05 18.68
N PHE J 94 -14.14 41.28 18.02
CA PHE J 94 -14.38 39.88 18.35
C PHE J 94 -13.93 38.97 17.22
N SER J 95 -12.83 39.37 16.55
CA SER J 95 -12.12 38.62 15.52
C SER J 95 -12.90 38.55 14.20
N THR J 96 -14.15 38.98 14.20
CA THR J 96 -14.94 39.10 12.97
C THR J 96 -15.66 40.43 12.82
N HIS J 97 -15.95 41.15 13.89
CA HIS J 97 -16.77 42.35 13.81
C HIS J 97 -16.52 43.21 15.03
N TYR J 98 -16.97 44.47 14.94
CA TYR J 98 -16.91 45.42 16.04
C TYR J 98 -18.29 45.54 16.68
N VAL J 99 -18.33 45.49 18.01
CA VAL J 99 -19.56 45.62 18.77
C VAL J 99 -19.46 46.87 19.64
N PHE J 100 -20.40 47.79 19.48
CA PHE J 100 -20.42 49.01 20.26
C PHE J 100 -21.25 48.82 21.52
N GLY J 101 -20.88 49.56 22.57
CA GLY J 101 -21.59 49.49 23.83
C GLY J 101 -22.81 50.38 23.87
N GLY J 102 -23.50 50.35 25.01
CA GLY J 102 -24.71 51.14 25.19
C GLY J 102 -24.44 52.63 25.36
N GLY J 103 -23.25 52.99 25.79
CA GLY J 103 -22.91 54.39 25.96
C GLY J 103 -22.96 54.84 27.41
N THR J 104 -22.08 55.76 27.76
CA THR J 104 -22.02 56.33 29.10
C THR J 104 -22.15 57.85 28.97
N LYS J 105 -23.12 58.41 29.69
CA LYS J 105 -23.39 59.86 29.65
C LYS J 105 -22.60 60.51 30.78
N VAL J 106 -21.50 61.16 30.42
CA VAL J 106 -20.66 61.87 31.39
C VAL J 106 -21.15 63.31 31.44
N THR J 107 -21.74 63.70 32.58
CA THR J 107 -22.31 65.03 32.76
C THR J 107 -21.40 65.84 33.69
N VAL J 108 -21.06 67.05 33.28
CA VAL J 108 -20.23 67.95 34.06
C VAL J 108 -21.08 69.16 34.43
N LEU J 109 -21.15 69.46 35.73
CA LEU J 109 -21.95 70.59 36.21
C LEU J 109 -21.30 71.89 35.80
N SER J 110 -21.86 72.55 34.79
CA SER J 110 -21.34 73.84 34.31
C SER J 110 -22.20 75.02 34.73
N GLN J 111 -23.46 74.79 35.07
CA GLN J 111 -24.35 75.88 35.49
C GLN J 111 -24.80 75.69 36.93
#